data_6G2E
# 
_entry.id   6G2E 
# 
_audit_conform.dict_name       mmcif_pdbx.dic 
_audit_conform.dict_version    5.391 
_audit_conform.dict_location   http://mmcif.pdb.org/dictionaries/ascii/mmcif_pdbx.dic 
# 
loop_
_database_2.database_id 
_database_2.database_code 
_database_2.pdbx_database_accession 
_database_2.pdbx_DOI 
PDB   6G2E         pdb_00006g2e 10.2210/pdb6g2e/pdb 
WWPDB D_1200009318 ?            ?                   
# 
loop_
_pdbx_audit_revision_history.ordinal 
_pdbx_audit_revision_history.data_content_type 
_pdbx_audit_revision_history.major_revision 
_pdbx_audit_revision_history.minor_revision 
_pdbx_audit_revision_history.revision_date 
1 'Structure model' 1 0 2019-06-26 
2 'Structure model' 1 1 2020-01-15 
3 'Structure model' 1 2 2024-05-08 
# 
_pdbx_audit_revision_details.ordinal             1 
_pdbx_audit_revision_details.revision_ordinal    1 
_pdbx_audit_revision_details.data_content_type   'Structure model' 
_pdbx_audit_revision_details.provider            repository 
_pdbx_audit_revision_details.type                'Initial release' 
_pdbx_audit_revision_details.description         ? 
_pdbx_audit_revision_details.details             ? 
# 
loop_
_pdbx_audit_revision_group.ordinal 
_pdbx_audit_revision_group.revision_ordinal 
_pdbx_audit_revision_group.data_content_type 
_pdbx_audit_revision_group.group 
1 2 'Structure model' 'Database references' 
2 3 'Structure model' 'Data collection'     
3 3 'Structure model' 'Database references' 
# 
loop_
_pdbx_audit_revision_category.ordinal 
_pdbx_audit_revision_category.revision_ordinal 
_pdbx_audit_revision_category.data_content_type 
_pdbx_audit_revision_category.category 
1 2 'Structure model' citation        
2 2 'Structure model' citation_author 
3 3 'Structure model' chem_comp_atom  
4 3 'Structure model' chem_comp_bond  
5 3 'Structure model' database_2      
# 
loop_
_pdbx_audit_revision_item.ordinal 
_pdbx_audit_revision_item.revision_ordinal 
_pdbx_audit_revision_item.data_content_type 
_pdbx_audit_revision_item.item 
1  2 'Structure model' '_citation.country'                   
2  2 'Structure model' '_citation.journal_abbrev'            
3  2 'Structure model' '_citation.journal_id_CSD'            
4  2 'Structure model' '_citation.journal_id_ISSN'           
5  2 'Structure model' '_citation.journal_volume'            
6  2 'Structure model' '_citation.page_first'                
7  2 'Structure model' '_citation.page_last'                 
8  2 'Structure model' '_citation.pdbx_database_id_DOI'      
9  2 'Structure model' '_citation.pdbx_database_id_PubMed'   
10 2 'Structure model' '_citation.title'                     
11 2 'Structure model' '_citation.year'                      
12 3 'Structure model' '_database_2.pdbx_DOI'                
13 3 'Structure model' '_database_2.pdbx_database_accession' 
# 
_pdbx_database_status.status_code                     REL 
_pdbx_database_status.status_code_sf                  REL 
_pdbx_database_status.status_code_mr                  ? 
_pdbx_database_status.entry_id                        6G2E 
_pdbx_database_status.recvd_initial_deposition_date   2018-03-23 
_pdbx_database_status.SG_entry                        N 
_pdbx_database_status.deposit_site                    PDBE 
_pdbx_database_status.process_site                    PDBE 
_pdbx_database_status.status_code_cs                  ? 
_pdbx_database_status.methods_development_category    ? 
_pdbx_database_status.pdb_format_compatible           Y 
_pdbx_database_status.status_code_nmr_data            ? 
# 
loop_
_pdbx_database_related.db_name 
_pdbx_database_related.details 
_pdbx_database_related.db_id 
_pdbx_database_related.content_type 
PDB . 6G24 unspecified 
PDB . 6G25 unspecified 
PDB . 6G27 unspecified 
PDB . 6G29 unspecified 
PDB . 6G2B unspecified 
PDB . 6G2C unspecified 
# 
loop_
_audit_author.name 
_audit_author.pdbx_ordinal 
_audit_author.identifier_ORCID 
'Boettcher, J.'     1 ? 
'Muellauer, B.J.'   2 ? 
'Weiss-Puxbaum, A.' 3 ? 
'Zoephel, A.'       4 ? 
# 
_citation.abstract                  ? 
_citation.abstract_id_CAS           ? 
_citation.book_id_ISBN              ? 
_citation.book_publisher            ? 
_citation.book_publisher_city       ? 
_citation.book_title                ? 
_citation.coordinate_linkage        ? 
_citation.country                   US 
_citation.database_id_Medline       ? 
_citation.details                   ? 
_citation.id                        primary 
_citation.journal_abbrev            Nat.Chem.Biol. 
_citation.journal_id_ASTM           ? 
_citation.journal_id_CSD            ? 
_citation.journal_id_ISSN           1552-4469 
_citation.journal_full              ? 
_citation.journal_issue             ? 
_citation.journal_volume            15 
_citation.language                  ? 
_citation.page_first                822 
_citation.page_last                 829 
_citation.title                     'Fragment-based discovery of a chemical probe for the PWWP1 domain of NSD3.' 
_citation.year                      2019 
_citation.database_id_CSD           ? 
_citation.pdbx_database_id_DOI      10.1038/s41589-019-0310-x 
_citation.pdbx_database_id_PubMed   31285596 
_citation.unpublished_flag          ? 
# 
loop_
_citation_author.citation_id 
_citation_author.name 
_citation_author.ordinal 
_citation_author.identifier_ORCID 
primary 'Bottcher, J.'        1  0000-0003-2189-5926 
primary 'Dilworth, D.'        2  0000-0001-5557-9476 
primary 'Reiser, U.'          3  ?                   
primary 'Neumuller, R.A.'     4  ?                   
primary 'Schleicher, M.'      5  ?                   
primary 'Petronczki, M.'      6  ?                   
primary 'Zeeb, M.'            7  ?                   
primary 'Mischerikow, N.'     8  ?                   
primary 'Allali-Hassani, A.'  9  ?                   
primary 'Szewczyk, M.M.'      10 ?                   
primary 'Li, F.'              11 ?                   
primary 'Kennedy, S.'         12 ?                   
primary 'Vedadi, M.'          13 0000-0002-0574-0169 
primary 'Barsyte-Lovejoy, D.' 14 0000-0002-6560-9621 
primary 'Brown, P.J.'         15 0000-0002-8454-0367 
primary 'Huber, K.V.M.'       16 0000-0002-1103-5300 
primary 'Rogers, C.M.'        17 ?                   
primary 'Wells, C.I.'         18 0000-0003-4799-6792 
primary 'Fedorov, O.'         19 ?                   
primary 'Rumpel, K.'          20 ?                   
primary 'Zoephel, A.'         21 ?                   
primary 'Mayer, M.'           22 ?                   
primary 'Wunberg, T.'         23 ?                   
primary 'Bose, D.'            24 ?                   
primary 'Zahn, S.'            25 ?                   
primary 'Arnhof, H.'          26 ?                   
primary 'Berger, H.'          27 ?                   
primary 'Reiser, C.'          28 ?                   
primary 'Hormann, A.'         29 ?                   
primary 'Krammer, T.'         30 ?                   
primary 'Corcokovic, M.'      31 ?                   
primary 'Sharps, B.'          32 ?                   
primary 'Winkler, S.'         33 0000-0003-3747-5133 
primary 'Haring, D.'          34 ?                   
primary 'Cockcroft, X.L.'     35 ?                   
primary 'Fuchs, J.E.'         36 ?                   
primary 'Mullauer, B.'        37 ?                   
primary 'Weiss-Puxbaum, A.'   38 ?                   
primary 'Gerstberger, T.'     39 ?                   
primary 'Boehmelt, G.'        40 ?                   
primary 'Vakoc, C.R.'         41 ?                   
primary 'Arrowsmith, C.H.'    42 0000-0002-4971-3250 
primary 'Pearson, M.'         43 ?                   
primary 'McConnell, D.B.'     44 0000-0002-2537-3458 
# 
loop_
_entity.id 
_entity.type 
_entity.src_method 
_entity.pdbx_description 
_entity.formula_weight 
_entity.pdbx_number_of_molecules 
_entity.pdbx_ec 
_entity.pdbx_mutation 
_entity.pdbx_fragment 
_entity.details 
1 polymer     man 'Histone-lysine N-methyltransferase NSD3'                                   16271.401 1  2.1.1.43 ? ? ? 
2 non-polymer syn '[3,5-dimethyl-4-(1-methyl-5-pyridin-4-yl-imidazol-4-yl)phenyl]methanamine' 292.378   1  ?        ? ? ? 
3 water       nat water                                                                       18.015    84 ?        ? ? ? 
# 
_entity_name_com.entity_id   1 
_entity_name_com.name        
;Nuclear SET domain-containing protein 3,Protein whistle,WHSC1-like 1 isoform 9 with methyltransferase activity to lysine,Wolf-Hirschhorn syndrome candidate 1-like protein 1,WHSC1-like protein 1
;
# 
_entity_poly.entity_id                      1 
_entity_poly.type                           'polypeptide(L)' 
_entity_poly.nstd_linkage                   no 
_entity_poly.nstd_monomer                   no 
_entity_poly.pdbx_seq_one_letter_code       
;STGVKFQVGDLVWSKVGTYPWWPCMVSSDPQLEVHTKINTRGAREYHVQFFSNQPERAWVHEKRVREYKGHKQYEELLAE
ATKQASNHSEKQKIRKPRPQRERAQWDIGIAHAEKALKMTREERIEQYTFIYIDKQ
;
_entity_poly.pdbx_seq_one_letter_code_can   
;STGVKFQVGDLVWSKVGTYPWWPCMVSSDPQLEVHTKINTRGAREYHVQFFSNQPERAWVHEKRVREYKGHKQYEELLAE
ATKQASNHSEKQKIRKPRPQRERAQWDIGIAHAEKALKMTREERIEQYTFIYIDKQ
;
_entity_poly.pdbx_strand_id                 A 
_entity_poly.pdbx_target_identifier         ? 
# 
loop_
_pdbx_entity_nonpoly.entity_id 
_pdbx_entity_nonpoly.name 
_pdbx_entity_nonpoly.comp_id 
2 '[3,5-dimethyl-4-(1-methyl-5-pyridin-4-yl-imidazol-4-yl)phenyl]methanamine' EHH 
3 water                                                                       HOH 
# 
loop_
_entity_poly_seq.entity_id 
_entity_poly_seq.num 
_entity_poly_seq.mon_id 
_entity_poly_seq.hetero 
1 1   SER n 
1 2   THR n 
1 3   GLY n 
1 4   VAL n 
1 5   LYS n 
1 6   PHE n 
1 7   GLN n 
1 8   VAL n 
1 9   GLY n 
1 10  ASP n 
1 11  LEU n 
1 12  VAL n 
1 13  TRP n 
1 14  SER n 
1 15  LYS n 
1 16  VAL n 
1 17  GLY n 
1 18  THR n 
1 19  TYR n 
1 20  PRO n 
1 21  TRP n 
1 22  TRP n 
1 23  PRO n 
1 24  CYS n 
1 25  MET n 
1 26  VAL n 
1 27  SER n 
1 28  SER n 
1 29  ASP n 
1 30  PRO n 
1 31  GLN n 
1 32  LEU n 
1 33  GLU n 
1 34  VAL n 
1 35  HIS n 
1 36  THR n 
1 37  LYS n 
1 38  ILE n 
1 39  ASN n 
1 40  THR n 
1 41  ARG n 
1 42  GLY n 
1 43  ALA n 
1 44  ARG n 
1 45  GLU n 
1 46  TYR n 
1 47  HIS n 
1 48  VAL n 
1 49  GLN n 
1 50  PHE n 
1 51  PHE n 
1 52  SER n 
1 53  ASN n 
1 54  GLN n 
1 55  PRO n 
1 56  GLU n 
1 57  ARG n 
1 58  ALA n 
1 59  TRP n 
1 60  VAL n 
1 61  HIS n 
1 62  GLU n 
1 63  LYS n 
1 64  ARG n 
1 65  VAL n 
1 66  ARG n 
1 67  GLU n 
1 68  TYR n 
1 69  LYS n 
1 70  GLY n 
1 71  HIS n 
1 72  LYS n 
1 73  GLN n 
1 74  TYR n 
1 75  GLU n 
1 76  GLU n 
1 77  LEU n 
1 78  LEU n 
1 79  ALA n 
1 80  GLU n 
1 81  ALA n 
1 82  THR n 
1 83  LYS n 
1 84  GLN n 
1 85  ALA n 
1 86  SER n 
1 87  ASN n 
1 88  HIS n 
1 89  SER n 
1 90  GLU n 
1 91  LYS n 
1 92  GLN n 
1 93  LYS n 
1 94  ILE n 
1 95  ARG n 
1 96  LYS n 
1 97  PRO n 
1 98  ARG n 
1 99  PRO n 
1 100 GLN n 
1 101 ARG n 
1 102 GLU n 
1 103 ARG n 
1 104 ALA n 
1 105 GLN n 
1 106 TRP n 
1 107 ASP n 
1 108 ILE n 
1 109 GLY n 
1 110 ILE n 
1 111 ALA n 
1 112 HIS n 
1 113 ALA n 
1 114 GLU n 
1 115 LYS n 
1 116 ALA n 
1 117 LEU n 
1 118 LYS n 
1 119 MET n 
1 120 THR n 
1 121 ARG n 
1 122 GLU n 
1 123 GLU n 
1 124 ARG n 
1 125 ILE n 
1 126 GLU n 
1 127 GLN n 
1 128 TYR n 
1 129 THR n 
1 130 PHE n 
1 131 ILE n 
1 132 TYR n 
1 133 ILE n 
1 134 ASP n 
1 135 LYS n 
1 136 GLN n 
# 
_entity_src_gen.entity_id                          1 
_entity_src_gen.pdbx_src_id                        1 
_entity_src_gen.pdbx_alt_source_flag               sample 
_entity_src_gen.pdbx_seq_type                      'Biological sequence' 
_entity_src_gen.pdbx_beg_seq_num                   1 
_entity_src_gen.pdbx_end_seq_num                   136 
_entity_src_gen.gene_src_common_name               Human 
_entity_src_gen.gene_src_genus                     ? 
_entity_src_gen.pdbx_gene_src_gene                 'NSD3, WHSC1L1, DC28' 
_entity_src_gen.gene_src_species                   ? 
_entity_src_gen.gene_src_strain                    ? 
_entity_src_gen.gene_src_tissue                    ? 
_entity_src_gen.gene_src_tissue_fraction           ? 
_entity_src_gen.gene_src_details                   ? 
_entity_src_gen.pdbx_gene_src_fragment             ? 
_entity_src_gen.pdbx_gene_src_scientific_name      'Homo sapiens' 
_entity_src_gen.pdbx_gene_src_ncbi_taxonomy_id     9606 
_entity_src_gen.pdbx_gene_src_variant              ? 
_entity_src_gen.pdbx_gene_src_cell_line            ? 
_entity_src_gen.pdbx_gene_src_atcc                 ? 
_entity_src_gen.pdbx_gene_src_organ                ? 
_entity_src_gen.pdbx_gene_src_organelle            ? 
_entity_src_gen.pdbx_gene_src_cell                 ? 
_entity_src_gen.pdbx_gene_src_cellular_location    ? 
_entity_src_gen.host_org_common_name               ? 
_entity_src_gen.pdbx_host_org_scientific_name      'Escherichia coli' 
_entity_src_gen.pdbx_host_org_ncbi_taxonomy_id     562 
_entity_src_gen.host_org_genus                     ? 
_entity_src_gen.pdbx_host_org_gene                 ? 
_entity_src_gen.pdbx_host_org_organ                ? 
_entity_src_gen.host_org_species                   ? 
_entity_src_gen.pdbx_host_org_tissue               ? 
_entity_src_gen.pdbx_host_org_tissue_fraction      ? 
_entity_src_gen.pdbx_host_org_strain               ? 
_entity_src_gen.pdbx_host_org_variant              ? 
_entity_src_gen.pdbx_host_org_cell_line            ? 
_entity_src_gen.pdbx_host_org_atcc                 ? 
_entity_src_gen.pdbx_host_org_culture_collection   ? 
_entity_src_gen.pdbx_host_org_cell                 ? 
_entity_src_gen.pdbx_host_org_organelle            ? 
_entity_src_gen.pdbx_host_org_cellular_location    ? 
_entity_src_gen.pdbx_host_org_vector_type          ? 
_entity_src_gen.pdbx_host_org_vector               ? 
_entity_src_gen.host_org_details                   ? 
_entity_src_gen.expression_system_id               ? 
_entity_src_gen.plasmid_name                       ? 
_entity_src_gen.plasmid_details                    ? 
_entity_src_gen.pdbx_description                   ? 
# 
loop_
_chem_comp.id 
_chem_comp.type 
_chem_comp.mon_nstd_flag 
_chem_comp.name 
_chem_comp.pdbx_synonyms 
_chem_comp.formula 
_chem_comp.formula_weight 
ALA 'L-peptide linking' y ALANINE                                                                     ? 'C3 H7 N O2'     89.093  
ARG 'L-peptide linking' y ARGININE                                                                    ? 'C6 H15 N4 O2 1' 175.209 
ASN 'L-peptide linking' y ASPARAGINE                                                                  ? 'C4 H8 N2 O3'    132.118 
ASP 'L-peptide linking' y 'ASPARTIC ACID'                                                             ? 'C4 H7 N O4'     133.103 
CYS 'L-peptide linking' y CYSTEINE                                                                    ? 'C3 H7 N O2 S'   121.158 
EHH non-polymer         . '[3,5-dimethyl-4-(1-methyl-5-pyridin-4-yl-imidazol-4-yl)phenyl]methanamine' ? 'C18 H20 N4'     292.378 
GLN 'L-peptide linking' y GLUTAMINE                                                                   ? 'C5 H10 N2 O3'   146.144 
GLU 'L-peptide linking' y 'GLUTAMIC ACID'                                                             ? 'C5 H9 N O4'     147.129 
GLY 'peptide linking'   y GLYCINE                                                                     ? 'C2 H5 N O2'     75.067  
HIS 'L-peptide linking' y HISTIDINE                                                                   ? 'C6 H10 N3 O2 1' 156.162 
HOH non-polymer         . WATER                                                                       ? 'H2 O'           18.015  
ILE 'L-peptide linking' y ISOLEUCINE                                                                  ? 'C6 H13 N O2'    131.173 
LEU 'L-peptide linking' y LEUCINE                                                                     ? 'C6 H13 N O2'    131.173 
LYS 'L-peptide linking' y LYSINE                                                                      ? 'C6 H15 N2 O2 1' 147.195 
MET 'L-peptide linking' y METHIONINE                                                                  ? 'C5 H11 N O2 S'  149.211 
PHE 'L-peptide linking' y PHENYLALANINE                                                               ? 'C9 H11 N O2'    165.189 
PRO 'L-peptide linking' y PROLINE                                                                     ? 'C5 H9 N O2'     115.130 
SER 'L-peptide linking' y SERINE                                                                      ? 'C3 H7 N O3'     105.093 
THR 'L-peptide linking' y THREONINE                                                                   ? 'C4 H9 N O3'     119.119 
TRP 'L-peptide linking' y TRYPTOPHAN                                                                  ? 'C11 H12 N2 O2'  204.225 
TYR 'L-peptide linking' y TYROSINE                                                                    ? 'C9 H11 N O3'    181.189 
VAL 'L-peptide linking' y VALINE                                                                      ? 'C5 H11 N O2'    117.146 
# 
loop_
_pdbx_poly_seq_scheme.asym_id 
_pdbx_poly_seq_scheme.entity_id 
_pdbx_poly_seq_scheme.seq_id 
_pdbx_poly_seq_scheme.mon_id 
_pdbx_poly_seq_scheme.ndb_seq_num 
_pdbx_poly_seq_scheme.pdb_seq_num 
_pdbx_poly_seq_scheme.auth_seq_num 
_pdbx_poly_seq_scheme.pdb_mon_id 
_pdbx_poly_seq_scheme.auth_mon_id 
_pdbx_poly_seq_scheme.pdb_strand_id 
_pdbx_poly_seq_scheme.pdb_ins_code 
_pdbx_poly_seq_scheme.hetero 
A 1 1   SER 1   263 ?   ?   ?   A . n 
A 1 2   THR 2   264 ?   ?   ?   A . n 
A 1 3   GLY 3   265 ?   ?   ?   A . n 
A 1 4   VAL 4   266 266 VAL VAL A . n 
A 1 5   LYS 5   267 267 LYS LYS A . n 
A 1 6   PHE 6   268 268 PHE PHE A . n 
A 1 7   GLN 7   269 269 GLN GLN A . n 
A 1 8   VAL 8   270 270 VAL VAL A . n 
A 1 9   GLY 9   271 271 GLY GLY A . n 
A 1 10  ASP 10  272 272 ASP ASP A . n 
A 1 11  LEU 11  273 273 LEU LEU A . n 
A 1 12  VAL 12  274 274 VAL VAL A . n 
A 1 13  TRP 13  275 275 TRP TRP A . n 
A 1 14  SER 14  276 276 SER SER A . n 
A 1 15  LYS 15  277 277 LYS LYS A . n 
A 1 16  VAL 16  278 278 VAL VAL A . n 
A 1 17  GLY 17  279 279 GLY GLY A . n 
A 1 18  THR 18  280 280 THR THR A . n 
A 1 19  TYR 19  281 281 TYR TYR A . n 
A 1 20  PRO 20  282 282 PRO PRO A . n 
A 1 21  TRP 21  283 283 TRP TRP A . n 
A 1 22  TRP 22  284 284 TRP TRP A . n 
A 1 23  PRO 23  285 285 PRO PRO A . n 
A 1 24  CYS 24  286 286 CYS CYS A . n 
A 1 25  MET 25  287 287 MET MET A . n 
A 1 26  VAL 26  288 288 VAL VAL A . n 
A 1 27  SER 27  289 289 SER SER A . n 
A 1 28  SER 28  290 290 SER SER A . n 
A 1 29  ASP 29  291 291 ASP ASP A . n 
A 1 30  PRO 30  292 292 PRO PRO A . n 
A 1 31  GLN 31  293 293 GLN GLN A . n 
A 1 32  LEU 32  294 294 LEU LEU A . n 
A 1 33  GLU 33  295 295 GLU GLU A . n 
A 1 34  VAL 34  296 296 VAL VAL A . n 
A 1 35  HIS 35  297 297 HIS HIS A . n 
A 1 36  THR 36  298 298 THR THR A . n 
A 1 37  LYS 37  299 299 LYS LYS A . n 
A 1 38  ILE 38  300 300 ILE ILE A . n 
A 1 39  ASN 39  301 301 ASN ASN A . n 
A 1 40  THR 40  302 302 THR THR A . n 
A 1 41  ARG 41  303 303 ARG ARG A . n 
A 1 42  GLY 42  304 304 GLY GLY A . n 
A 1 43  ALA 43  305 305 ALA ALA A . n 
A 1 44  ARG 44  306 306 ARG ARG A . n 
A 1 45  GLU 45  307 307 GLU GLU A . n 
A 1 46  TYR 46  308 308 TYR TYR A . n 
A 1 47  HIS 47  309 309 HIS HIS A . n 
A 1 48  VAL 48  310 310 VAL VAL A . n 
A 1 49  GLN 49  311 311 GLN GLN A . n 
A 1 50  PHE 50  312 312 PHE PHE A . n 
A 1 51  PHE 51  313 313 PHE PHE A . n 
A 1 52  SER 52  314 314 SER SER A . n 
A 1 53  ASN 53  315 315 ASN ASN A . n 
A 1 54  GLN 54  316 316 GLN GLN A . n 
A 1 55  PRO 55  317 317 PRO PRO A . n 
A 1 56  GLU 56  318 318 GLU GLU A . n 
A 1 57  ARG 57  319 319 ARG ARG A . n 
A 1 58  ALA 58  320 320 ALA ALA A . n 
A 1 59  TRP 59  321 321 TRP TRP A . n 
A 1 60  VAL 60  322 322 VAL VAL A . n 
A 1 61  HIS 61  323 323 HIS HIS A . n 
A 1 62  GLU 62  324 324 GLU GLU A . n 
A 1 63  LYS 63  325 325 LYS LYS A . n 
A 1 64  ARG 64  326 326 ARG ARG A . n 
A 1 65  VAL 65  327 327 VAL VAL A . n 
A 1 66  ARG 66  328 328 ARG ARG A . n 
A 1 67  GLU 67  329 329 GLU GLU A . n 
A 1 68  TYR 68  330 330 TYR TYR A . n 
A 1 69  LYS 69  331 331 LYS LYS A . n 
A 1 70  GLY 70  332 332 GLY GLY A . n 
A 1 71  HIS 71  333 333 HIS HIS A . n 
A 1 72  LYS 72  334 334 LYS LYS A . n 
A 1 73  GLN 73  335 335 GLN GLN A . n 
A 1 74  TYR 74  336 336 TYR TYR A . n 
A 1 75  GLU 75  337 337 GLU GLU A . n 
A 1 76  GLU 76  338 338 GLU GLU A . n 
A 1 77  LEU 77  339 339 LEU LEU A . n 
A 1 78  LEU 78  340 340 LEU LEU A . n 
A 1 79  ALA 79  341 341 ALA ALA A . n 
A 1 80  GLU 80  342 342 GLU GLU A . n 
A 1 81  ALA 81  343 343 ALA ALA A . n 
A 1 82  THR 82  344 344 THR THR A . n 
A 1 83  LYS 83  345 ?   ?   ?   A . n 
A 1 84  GLN 84  346 ?   ?   ?   A . n 
A 1 85  ALA 85  347 ?   ?   ?   A . n 
A 1 86  SER 86  348 ?   ?   ?   A . n 
A 1 87  ASN 87  349 ?   ?   ?   A . n 
A 1 88  HIS 88  350 ?   ?   ?   A . n 
A 1 89  SER 89  351 ?   ?   ?   A . n 
A 1 90  GLU 90  352 ?   ?   ?   A . n 
A 1 91  LYS 91  353 ?   ?   ?   A . n 
A 1 92  GLN 92  354 ?   ?   ?   A . n 
A 1 93  LYS 93  355 355 LYS LYS A . n 
A 1 94  ILE 94  356 356 ILE ILE A . n 
A 1 95  ARG 95  357 357 ARG ARG A . n 
A 1 96  LYS 96  358 358 LYS LYS A . n 
A 1 97  PRO 97  359 359 PRO PRO A . n 
A 1 98  ARG 98  360 360 ARG ARG A . n 
A 1 99  PRO 99  361 361 PRO PRO A . n 
A 1 100 GLN 100 362 362 GLN GLN A . n 
A 1 101 ARG 101 363 363 ARG ARG A . n 
A 1 102 GLU 102 364 364 GLU GLU A . n 
A 1 103 ARG 103 365 365 ARG ARG A . n 
A 1 104 ALA 104 366 366 ALA ALA A . n 
A 1 105 GLN 105 367 367 GLN GLN A . n 
A 1 106 TRP 106 368 368 TRP TRP A . n 
A 1 107 ASP 107 369 369 ASP ASP A . n 
A 1 108 ILE 108 370 370 ILE ILE A . n 
A 1 109 GLY 109 371 371 GLY GLY A . n 
A 1 110 ILE 110 372 372 ILE ILE A . n 
A 1 111 ALA 111 373 373 ALA ALA A . n 
A 1 112 HIS 112 374 374 HIS HIS A . n 
A 1 113 ALA 113 375 375 ALA ALA A . n 
A 1 114 GLU 114 376 376 GLU GLU A . n 
A 1 115 LYS 115 377 377 LYS LYS A . n 
A 1 116 ALA 116 378 378 ALA ALA A . n 
A 1 117 LEU 117 379 379 LEU LEU A . n 
A 1 118 LYS 118 380 380 LYS LYS A . n 
A 1 119 MET 119 381 381 MET MET A . n 
A 1 120 THR 120 382 382 THR THR A . n 
A 1 121 ARG 121 383 383 ARG ARG A . n 
A 1 122 GLU 122 384 384 GLU GLU A . n 
A 1 123 GLU 123 385 385 GLU GLU A . n 
A 1 124 ARG 124 386 386 ARG ARG A . n 
A 1 125 ILE 125 387 387 ILE ILE A . n 
A 1 126 GLU 126 388 388 GLU GLU A . n 
A 1 127 GLN 127 389 389 GLN GLN A . n 
A 1 128 TYR 128 390 390 TYR TYR A . n 
A 1 129 THR 129 391 391 THR THR A . n 
A 1 130 PHE 130 392 392 PHE PHE A . n 
A 1 131 ILE 131 393 393 ILE ILE A . n 
A 1 132 TYR 132 394 394 TYR TYR A . n 
A 1 133 ILE 133 395 395 ILE ILE A . n 
A 1 134 ASP 134 396 396 ASP ASP A . n 
A 1 135 LYS 135 397 ?   ?   ?   A . n 
A 1 136 GLN 136 398 ?   ?   ?   A . n 
# 
loop_
_pdbx_nonpoly_scheme.asym_id 
_pdbx_nonpoly_scheme.entity_id 
_pdbx_nonpoly_scheme.mon_id 
_pdbx_nonpoly_scheme.ndb_seq_num 
_pdbx_nonpoly_scheme.pdb_seq_num 
_pdbx_nonpoly_scheme.auth_seq_num 
_pdbx_nonpoly_scheme.pdb_mon_id 
_pdbx_nonpoly_scheme.auth_mon_id 
_pdbx_nonpoly_scheme.pdb_strand_id 
_pdbx_nonpoly_scheme.pdb_ins_code 
B 2 EHH 1  401 1  EHH LIG A . 
C 3 HOH 1  501 16 HOH HOH A . 
C 3 HOH 2  502 26 HOH HOH A . 
C 3 HOH 3  503 8  HOH HOH A . 
C 3 HOH 4  504 13 HOH HOH A . 
C 3 HOH 5  505 3  HOH HOH A . 
C 3 HOH 6  506 19 HOH HOH A . 
C 3 HOH 7  507 90 HOH HOH A . 
C 3 HOH 8  508 40 HOH HOH A . 
C 3 HOH 9  509 83 HOH HOH A . 
C 3 HOH 10 510 33 HOH HOH A . 
C 3 HOH 11 511 48 HOH HOH A . 
C 3 HOH 12 512 89 HOH HOH A . 
C 3 HOH 13 513 44 HOH HOH A . 
C 3 HOH 14 514 35 HOH HOH A . 
C 3 HOH 15 515 81 HOH HOH A . 
C 3 HOH 16 516 57 HOH HOH A . 
C 3 HOH 17 517 56 HOH HOH A . 
C 3 HOH 18 518 58 HOH HOH A . 
C 3 HOH 19 519 28 HOH HOH A . 
C 3 HOH 20 520 27 HOH HOH A . 
C 3 HOH 21 521 38 HOH HOH A . 
C 3 HOH 22 522 43 HOH HOH A . 
C 3 HOH 23 523 25 HOH HOH A . 
C 3 HOH 24 524 15 HOH HOH A . 
C 3 HOH 25 525 7  HOH HOH A . 
C 3 HOH 26 526 59 HOH HOH A . 
C 3 HOH 27 527 41 HOH HOH A . 
C 3 HOH 28 528 1  HOH HOH A . 
C 3 HOH 29 529 47 HOH HOH A . 
C 3 HOH 30 530 39 HOH HOH A . 
C 3 HOH 31 531 22 HOH HOH A . 
C 3 HOH 32 532 51 HOH HOH A . 
C 3 HOH 33 533 45 HOH HOH A . 
C 3 HOH 34 534 72 HOH HOH A . 
C 3 HOH 35 535 87 HOH HOH A . 
C 3 HOH 36 536 11 HOH HOH A . 
C 3 HOH 37 537 37 HOH HOH A . 
C 3 HOH 38 538 36 HOH HOH A . 
C 3 HOH 39 539 32 HOH HOH A . 
C 3 HOH 40 540 23 HOH HOH A . 
C 3 HOH 41 541 17 HOH HOH A . 
C 3 HOH 42 542 21 HOH HOH A . 
C 3 HOH 43 543 18 HOH HOH A . 
C 3 HOH 44 544 29 HOH HOH A . 
C 3 HOH 45 545 12 HOH HOH A . 
C 3 HOH 46 546 95 HOH HOH A . 
C 3 HOH 47 547 69 HOH HOH A . 
C 3 HOH 48 548 88 HOH HOH A . 
C 3 HOH 49 549 30 HOH HOH A . 
C 3 HOH 50 550 6  HOH HOH A . 
C 3 HOH 51 551 24 HOH HOH A . 
C 3 HOH 52 552 31 HOH HOH A . 
C 3 HOH 53 553 4  HOH HOH A . 
C 3 HOH 54 554 10 HOH HOH A . 
C 3 HOH 55 555 63 HOH HOH A . 
C 3 HOH 56 556 77 HOH HOH A . 
C 3 HOH 57 557 9  HOH HOH A . 
C 3 HOH 58 558 54 HOH HOH A . 
C 3 HOH 59 559 76 HOH HOH A . 
C 3 HOH 60 560 2  HOH HOH A . 
C 3 HOH 61 561 61 HOH HOH A . 
C 3 HOH 62 562 50 HOH HOH A . 
C 3 HOH 63 563 84 HOH HOH A . 
C 3 HOH 64 564 34 HOH HOH A . 
C 3 HOH 65 565 14 HOH HOH A . 
C 3 HOH 66 566 46 HOH HOH A . 
C 3 HOH 67 567 52 HOH HOH A . 
C 3 HOH 68 568 93 HOH HOH A . 
C 3 HOH 69 569 85 HOH HOH A . 
C 3 HOH 70 570 20 HOH HOH A . 
C 3 HOH 71 571 53 HOH HOH A . 
C 3 HOH 72 572 66 HOH HOH A . 
C 3 HOH 73 573 62 HOH HOH A . 
C 3 HOH 74 574 91 HOH HOH A . 
C 3 HOH 75 575 75 HOH HOH A . 
C 3 HOH 76 576 70 HOH HOH A . 
C 3 HOH 77 577 92 HOH HOH A . 
C 3 HOH 78 578 78 HOH HOH A . 
C 3 HOH 79 579 68 HOH HOH A . 
C 3 HOH 80 580 94 HOH HOH A . 
C 3 HOH 81 581 71 HOH HOH A . 
C 3 HOH 82 582 67 HOH HOH A . 
C 3 HOH 83 583 80 HOH HOH A . 
C 3 HOH 84 584 74 HOH HOH A . 
# 
loop_
_software.citation_id 
_software.classification 
_software.compiler_name 
_software.compiler_version 
_software.contact_author 
_software.contact_author_email 
_software.date 
_software.description 
_software.dependencies 
_software.hardware 
_software.language 
_software.location 
_software.mods 
_software.name 
_software.os 
_software.os_version 
_software.type 
_software.version 
_software.pdbx_ordinal 
? 'data reduction'  ? ? ? ? ? ? ? ? ? ? ? XDS         ? ? ? .      1 
? 'data scaling'    ? ? ? ? ? ? ? ? ? ? ? Aimless     ? ? ? .      2 
? refinement        ? ? ? ? ? ? ? ? ? ? ? BUSTER      ? ? ? 2.11.7 3 
? 'data extraction' ? ? ? ? ? ? ? ? ? ? ? PDB_EXTRACT ? ? ? 3.24   4 
? phasing           ? ? ? ? ? ? ? ? ? ? ? BALBES      ? ? ? .      5 
# 
_cell.angle_alpha                  90.000 
_cell.angle_alpha_esd              ? 
_cell.angle_beta                   90.000 
_cell.angle_beta_esd               ? 
_cell.angle_gamma                  90.000 
_cell.angle_gamma_esd              ? 
_cell.entry_id                     6G2E 
_cell.details                      ? 
_cell.formula_units_Z              ? 
_cell.length_a                     44.247 
_cell.length_a_esd                 ? 
_cell.length_b                     47.532 
_cell.length_b_esd                 ? 
_cell.length_c                     63.444 
_cell.length_c_esd                 ? 
_cell.volume                       ? 
_cell.volume_esd                   ? 
_cell.Z_PDB                        4 
_cell.reciprocal_angle_alpha       ? 
_cell.reciprocal_angle_beta        ? 
_cell.reciprocal_angle_gamma       ? 
_cell.reciprocal_angle_alpha_esd   ? 
_cell.reciprocal_angle_beta_esd    ? 
_cell.reciprocal_angle_gamma_esd   ? 
_cell.reciprocal_length_a          ? 
_cell.reciprocal_length_b          ? 
_cell.reciprocal_length_c          ? 
_cell.reciprocal_length_a_esd      ? 
_cell.reciprocal_length_b_esd      ? 
_cell.reciprocal_length_c_esd      ? 
_cell.pdbx_unique_axis             ? 
# 
_symmetry.entry_id                         6G2E 
_symmetry.cell_setting                     ? 
_symmetry.Int_Tables_number                19 
_symmetry.space_group_name_Hall            ? 
_symmetry.space_group_name_H-M             'P 21 21 21' 
_symmetry.pdbx_full_space_group_name_H-M   ? 
# 
_exptl.absorpt_coefficient_mu     ? 
_exptl.absorpt_correction_T_max   ? 
_exptl.absorpt_correction_T_min   ? 
_exptl.absorpt_correction_type    ? 
_exptl.absorpt_process_details    ? 
_exptl.entry_id                   6G2E 
_exptl.crystals_number            1 
_exptl.details                    ? 
_exptl.method                     'X-RAY DIFFRACTION' 
_exptl.method_details             ? 
# 
_exptl_crystal.colour                      ? 
_exptl_crystal.density_diffrn              ? 
_exptl_crystal.density_Matthews            2.28 
_exptl_crystal.density_method              ? 
_exptl_crystal.density_percent_sol         46.06 
_exptl_crystal.description                 ? 
_exptl_crystal.F_000                       ? 
_exptl_crystal.id                          1 
_exptl_crystal.preparation                 ? 
_exptl_crystal.size_max                    ? 
_exptl_crystal.size_mid                    ? 
_exptl_crystal.size_min                    ? 
_exptl_crystal.size_rad                    ? 
_exptl_crystal.colour_lustre               ? 
_exptl_crystal.colour_modifier             ? 
_exptl_crystal.colour_primary              ? 
_exptl_crystal.density_meas                ? 
_exptl_crystal.density_meas_esd            ? 
_exptl_crystal.density_meas_gt             ? 
_exptl_crystal.density_meas_lt             ? 
_exptl_crystal.density_meas_temp           ? 
_exptl_crystal.density_meas_temp_esd       ? 
_exptl_crystal.density_meas_temp_gt        ? 
_exptl_crystal.density_meas_temp_lt        ? 
_exptl_crystal.pdbx_crystal_image_url      ? 
_exptl_crystal.pdbx_crystal_image_format   ? 
_exptl_crystal.pdbx_mosaicity              ? 
_exptl_crystal.pdbx_mosaicity_esd          ? 
# 
_exptl_crystal_grow.apparatus       ? 
_exptl_crystal_grow.atmosphere      ? 
_exptl_crystal_grow.crystal_id      1 
_exptl_crystal_grow.details         ? 
_exptl_crystal_grow.method          'VAPOR DIFFUSION' 
_exptl_crystal_grow.method_ref      ? 
_exptl_crystal_grow.pH              ? 
_exptl_crystal_grow.pressure        ? 
_exptl_crystal_grow.pressure_esd    ? 
_exptl_crystal_grow.seeding         ? 
_exptl_crystal_grow.seeding_ref     ? 
_exptl_crystal_grow.temp            277 
_exptl_crystal_grow.temp_details    ? 
_exptl_crystal_grow.temp_esd        ? 
_exptl_crystal_grow.time            ? 
_exptl_crystal_grow.pdbx_details    '100mM Morpheus Buffer 3, 30% P550MME_P20K, 10% Morpheus Ethylene glycols' 
_exptl_crystal_grow.pdbx_pH_range   ? 
# 
_diffrn.ambient_environment    ? 
_diffrn.ambient_temp           100 
_diffrn.ambient_temp_details   ? 
_diffrn.ambient_temp_esd       ? 
_diffrn.crystal_id             1 
_diffrn.crystal_support        ? 
_diffrn.crystal_treatment      ? 
_diffrn.details                ? 
_diffrn.id                     1 
_diffrn.ambient_pressure       ? 
_diffrn.ambient_pressure_esd   ? 
_diffrn.ambient_pressure_gt    ? 
_diffrn.ambient_pressure_lt    ? 
_diffrn.ambient_temp_gt        ? 
_diffrn.ambient_temp_lt        ? 
# 
_diffrn_detector.details                      ? 
_diffrn_detector.detector                     PIXEL 
_diffrn_detector.diffrn_id                    1 
_diffrn_detector.type                         'DECTRIS EIGER X 16M' 
_diffrn_detector.area_resol_mean              ? 
_diffrn_detector.dtime                        ? 
_diffrn_detector.pdbx_frames_total            ? 
_diffrn_detector.pdbx_collection_time_total   ? 
_diffrn_detector.pdbx_collection_date         2016-04-22 
# 
_diffrn_radiation.collimation                      ? 
_diffrn_radiation.diffrn_id                        1 
_diffrn_radiation.filter_edge                      ? 
_diffrn_radiation.inhomogeneity                    ? 
_diffrn_radiation.monochromator                    ? 
_diffrn_radiation.polarisn_norm                    ? 
_diffrn_radiation.polarisn_ratio                   ? 
_diffrn_radiation.probe                            ? 
_diffrn_radiation.type                             ? 
_diffrn_radiation.xray_symbol                      ? 
_diffrn_radiation.wavelength_id                    1 
_diffrn_radiation.pdbx_monochromatic_or_laue_m_l   M 
_diffrn_radiation.pdbx_wavelength_list             ? 
_diffrn_radiation.pdbx_wavelength                  ? 
_diffrn_radiation.pdbx_diffrn_protocol             'SINGLE WAVELENGTH' 
_diffrn_radiation.pdbx_analyzer                    ? 
_diffrn_radiation.pdbx_scattering_type             x-ray 
# 
_diffrn_radiation_wavelength.id           1 
_diffrn_radiation_wavelength.wavelength   1.000 
_diffrn_radiation_wavelength.wt           1.0 
# 
_diffrn_source.current                     ? 
_diffrn_source.details                     ? 
_diffrn_source.diffrn_id                   1 
_diffrn_source.power                       ? 
_diffrn_source.size                        ? 
_diffrn_source.source                      SYNCHROTRON 
_diffrn_source.target                      ? 
_diffrn_source.type                        'SLS BEAMLINE X06SA' 
_diffrn_source.voltage                     ? 
_diffrn_source.take-off_angle              ? 
_diffrn_source.pdbx_wavelength_list        1.000 
_diffrn_source.pdbx_wavelength             ? 
_diffrn_source.pdbx_synchrotron_beamline   X06SA 
_diffrn_source.pdbx_synchrotron_site       SLS 
# 
_reflns.B_iso_Wilson_estimate            35.860 
_reflns.entry_id                         6G2E 
_reflns.data_reduction_details           ? 
_reflns.data_reduction_method            ? 
_reflns.d_resolution_high                1.848 
_reflns.d_resolution_low                 63.44 
_reflns.details                          ? 
_reflns.limit_h_max                      ? 
_reflns.limit_h_min                      ? 
_reflns.limit_k_max                      ? 
_reflns.limit_k_min                      ? 
_reflns.limit_l_max                      ? 
_reflns.limit_l_min                      ? 
_reflns.number_all                       ? 
_reflns.number_obs                       11914 
_reflns.observed_criterion               ? 
_reflns.observed_criterion_F_max         ? 
_reflns.observed_criterion_F_min         ? 
_reflns.observed_criterion_I_max         ? 
_reflns.observed_criterion_I_min         ? 
_reflns.observed_criterion_sigma_F       ? 
_reflns.observed_criterion_sigma_I       ? 
_reflns.percent_possible_obs             100.0 
_reflns.R_free_details                   ? 
_reflns.Rmerge_F_all                     ? 
_reflns.Rmerge_F_obs                     ? 
_reflns.Friedel_coverage                 ? 
_reflns.number_gt                        ? 
_reflns.threshold_expression             ? 
_reflns.pdbx_redundancy                  9.7 
_reflns.pdbx_Rmerge_I_obs                0.057 
_reflns.pdbx_Rmerge_I_all                ? 
_reflns.pdbx_Rsym_value                  ? 
_reflns.pdbx_netI_over_av_sigmaI         ? 
_reflns.pdbx_netI_over_sigmaI            19.5 
_reflns.pdbx_res_netI_over_av_sigmaI_2   ? 
_reflns.pdbx_res_netI_over_sigmaI_2      ? 
_reflns.pdbx_chi_squared                 ? 
_reflns.pdbx_scaling_rejects             ? 
_reflns.pdbx_d_res_high_opt              ? 
_reflns.pdbx_d_res_low_opt               ? 
_reflns.pdbx_d_res_opt_method            ? 
_reflns.phase_calculation_details        ? 
_reflns.pdbx_Rrim_I_all                  0.062 
_reflns.pdbx_Rpim_I_all                  0.02 
_reflns.pdbx_d_opt                       ? 
_reflns.pdbx_number_measured_all         ? 
_reflns.pdbx_diffrn_id                   1 
_reflns.pdbx_ordinal                     1 
_reflns.pdbx_CC_half                     ? 
_reflns.pdbx_R_split                     ? 
# 
_reflns_shell.d_res_high                  1.848 
_reflns_shell.d_res_low                   1.854 
_reflns_shell.meanI_over_sigI_all         ? 
_reflns_shell.meanI_over_sigI_obs         ? 
_reflns_shell.number_measured_all         ? 
_reflns_shell.number_measured_obs         ? 
_reflns_shell.number_possible             ? 
_reflns_shell.number_unique_all           ? 
_reflns_shell.number_unique_obs           ? 
_reflns_shell.percent_possible_all        ? 
_reflns_shell.percent_possible_obs        ? 
_reflns_shell.Rmerge_F_all                ? 
_reflns_shell.Rmerge_F_obs                ? 
_reflns_shell.Rmerge_I_all                ? 
_reflns_shell.Rmerge_I_obs                0.977 
_reflns_shell.meanI_over_sigI_gt          ? 
_reflns_shell.meanI_over_uI_all           ? 
_reflns_shell.meanI_over_uI_gt            ? 
_reflns_shell.number_measured_gt          ? 
_reflns_shell.number_unique_gt            ? 
_reflns_shell.percent_possible_gt         ? 
_reflns_shell.Rmerge_F_gt                 ? 
_reflns_shell.Rmerge_I_gt                 ? 
_reflns_shell.pdbx_redundancy             ? 
_reflns_shell.pdbx_Rsym_value             ? 
_reflns_shell.pdbx_chi_squared            ? 
_reflns_shell.pdbx_netI_over_sigmaI_all   ? 
_reflns_shell.pdbx_netI_over_sigmaI_obs   ? 
_reflns_shell.pdbx_Rrim_I_all             1.123 
_reflns_shell.pdbx_Rpim_I_all             0.357 
_reflns_shell.pdbx_rejects                ? 
_reflns_shell.pdbx_ordinal                1 
_reflns_shell.pdbx_diffrn_id              1 
_reflns_shell.pdbx_CC_half                ? 
_reflns_shell.pdbx_R_split                ? 
# 
_refine.aniso_B[1][1]                            7.8097 
_refine.aniso_B[1][2]                            0.0000 
_refine.aniso_B[1][3]                            0.0000 
_refine.aniso_B[2][2]                            -0.7188 
_refine.aniso_B[2][3]                            0.0000 
_refine.aniso_B[3][3]                            -7.0909 
_refine.B_iso_max                                125.610 
_refine.B_iso_mean                               43.0400 
_refine.B_iso_min                                22.110 
_refine.correlation_coeff_Fo_to_Fc               0.9470 
_refine.correlation_coeff_Fo_to_Fc_free          0.9220 
_refine.details                                  ? 
_refine.diff_density_max                         ? 
_refine.diff_density_max_esd                     ? 
_refine.diff_density_min                         ? 
_refine.diff_density_min_esd                     ? 
_refine.diff_density_rms                         ? 
_refine.diff_density_rms_esd                     ? 
_refine.entry_id                                 6G2E 
_refine.pdbx_refine_id                           'X-RAY DIFFRACTION' 
_refine.ls_abs_structure_details                 ? 
_refine.ls_abs_structure_Flack                   ? 
_refine.ls_abs_structure_Flack_esd               ? 
_refine.ls_abs_structure_Rogers                  ? 
_refine.ls_abs_structure_Rogers_esd              ? 
_refine.ls_d_res_high                            1.8500 
_refine.ls_d_res_low                             38.0400 
_refine.ls_extinction_coef                       ? 
_refine.ls_extinction_coef_esd                   ? 
_refine.ls_extinction_expression                 ? 
_refine.ls_extinction_method                     ? 
_refine.ls_goodness_of_fit_all                   ? 
_refine.ls_goodness_of_fit_all_esd               ? 
_refine.ls_goodness_of_fit_obs                   ? 
_refine.ls_goodness_of_fit_obs_esd               ? 
_refine.ls_hydrogen_treatment                    ? 
_refine.ls_matrix_type                           ? 
_refine.ls_number_constraints                    ? 
_refine.ls_number_parameters                     ? 
_refine.ls_number_reflns_all                     ? 
_refine.ls_number_reflns_obs                     11914 
_refine.ls_number_reflns_R_free                  567 
_refine.ls_number_reflns_R_work                  ? 
_refine.ls_number_restraints                     ? 
_refine.ls_percent_reflns_obs                    100.0000 
_refine.ls_percent_reflns_R_free                 4.7600 
_refine.ls_R_factor_all                          ? 
_refine.ls_R_factor_obs                          0.2110 
_refine.ls_R_factor_R_free                       0.2520 
_refine.ls_R_factor_R_free_error                 ? 
_refine.ls_R_factor_R_free_error_details         ? 
_refine.ls_R_factor_R_work                       0.2090 
_refine.ls_R_Fsqd_factor_obs                     ? 
_refine.ls_R_I_factor_obs                        ? 
_refine.ls_redundancy_reflns_all                 ? 
_refine.ls_redundancy_reflns_obs                 ? 
_refine.ls_restrained_S_all                      ? 
_refine.ls_restrained_S_obs                      ? 
_refine.ls_shift_over_esd_max                    ? 
_refine.ls_shift_over_esd_mean                   ? 
_refine.ls_structure_factor_coef                 ? 
_refine.ls_weighting_details                     ? 
_refine.ls_weighting_scheme                      ? 
_refine.ls_wR_factor_all                         ? 
_refine.ls_wR_factor_obs                         ? 
_refine.ls_wR_factor_R_free                      ? 
_refine.ls_wR_factor_R_work                      ? 
_refine.occupancy_max                            ? 
_refine.occupancy_min                            ? 
_refine.solvent_model_details                    ? 
_refine.solvent_model_param_bsol                 ? 
_refine.solvent_model_param_ksol                 ? 
_refine.ls_R_factor_gt                           ? 
_refine.ls_goodness_of_fit_gt                    ? 
_refine.ls_goodness_of_fit_ref                   ? 
_refine.ls_shift_over_su_max                     ? 
_refine.ls_shift_over_su_max_lt                  ? 
_refine.ls_shift_over_su_mean                    ? 
_refine.ls_shift_over_su_mean_lt                 ? 
_refine.pdbx_ls_sigma_I                          ? 
_refine.pdbx_ls_sigma_F                          0.000 
_refine.pdbx_ls_sigma_Fsqd                       ? 
_refine.pdbx_data_cutoff_high_absF               ? 
_refine.pdbx_data_cutoff_high_rms_absF           ? 
_refine.pdbx_data_cutoff_low_absF                ? 
_refine.pdbx_isotropic_thermal_model             ? 
_refine.pdbx_ls_cross_valid_method               THROUGHOUT 
_refine.pdbx_method_to_determine_struct          ? 
_refine.pdbx_starting_model                      ? 
_refine.pdbx_stereochemistry_target_values       ? 
_refine.pdbx_R_Free_selection_details            RANDOM 
_refine.pdbx_stereochem_target_val_spec_case     ? 
_refine.pdbx_overall_ESU_R                       ? 
_refine.pdbx_overall_ESU_R_Free                  ? 
_refine.pdbx_solvent_vdw_probe_radii             ? 
_refine.pdbx_solvent_ion_probe_radii             ? 
_refine.pdbx_solvent_shrinkage_radii             ? 
_refine.pdbx_real_space_R                        ? 
_refine.pdbx_density_correlation                 ? 
_refine.pdbx_pd_number_of_powder_patterns        ? 
_refine.pdbx_pd_number_of_points                 ? 
_refine.pdbx_pd_meas_number_of_points            ? 
_refine.pdbx_pd_proc_ls_prof_R_factor            ? 
_refine.pdbx_pd_proc_ls_prof_wR_factor           ? 
_refine.pdbx_pd_Marquardt_correlation_coeff      ? 
_refine.pdbx_pd_Fsqrd_R_factor                   ? 
_refine.pdbx_pd_ls_matrix_band_width             ? 
_refine.pdbx_overall_phase_error                 ? 
_refine.pdbx_overall_SU_R_free_Cruickshank_DPI   0.1440 
_refine.pdbx_overall_SU_R_free_Blow_DPI          0.1480 
_refine.pdbx_overall_SU_R_Blow_DPI               0.1610 
_refine.pdbx_TLS_residual_ADP_flag               ? 
_refine.pdbx_diffrn_id                           1 
_refine.overall_SU_B                             ? 
_refine.overall_SU_ML                            ? 
_refine.overall_SU_R_Cruickshank_DPI             0.1520 
_refine.overall_SU_R_free                        ? 
_refine.overall_FOM_free_R_set                   ? 
_refine.overall_FOM_work_R_set                   ? 
_refine.pdbx_average_fsc_overall                 ? 
_refine.pdbx_average_fsc_work                    ? 
_refine.pdbx_average_fsc_free                    ? 
# 
_refine_analyze.entry_id                        6G2E 
_refine_analyze.pdbx_refine_id                  'X-RAY DIFFRACTION' 
_refine_analyze.Luzzati_coordinate_error_free   ? 
_refine_analyze.Luzzati_coordinate_error_obs    0.280 
_refine_analyze.Luzzati_d_res_low_free          ? 
_refine_analyze.Luzzati_d_res_low_obs           ? 
_refine_analyze.Luzzati_sigma_a_free            ? 
_refine_analyze.Luzzati_sigma_a_free_details    ? 
_refine_analyze.Luzzati_sigma_a_obs             ? 
_refine_analyze.Luzzati_sigma_a_obs_details     ? 
_refine_analyze.number_disordered_residues      ? 
_refine_analyze.occupancy_sum_hydrogen          ? 
_refine_analyze.occupancy_sum_non_hydrogen      ? 
_refine_analyze.RG_d_res_high                   ? 
_refine_analyze.RG_d_res_low                    ? 
_refine_analyze.RG_free                         ? 
_refine_analyze.RG_work                         ? 
_refine_analyze.RG_free_work_ratio              ? 
_refine_analyze.pdbx_Luzzati_d_res_high_obs     ? 
# 
_refine_hist.cycle_id                         final 
_refine_hist.pdbx_refine_id                   'X-RAY DIFFRACTION' 
_refine_hist.d_res_high                       1.8500 
_refine_hist.d_res_low                        38.0400 
_refine_hist.pdbx_number_atoms_ligand         22 
_refine_hist.number_atoms_solvent             84 
_refine_hist.number_atoms_total               1139 
_refine_hist.pdbx_number_residues_total       121 
_refine_hist.pdbx_B_iso_mean_ligand           35.04 
_refine_hist.pdbx_B_iso_mean_solvent          50.33 
_refine_hist.pdbx_number_atoms_protein        1033 
_refine_hist.pdbx_number_atoms_nucleic_acid   0 
# 
loop_
_refine_ls_restr.pdbx_refine_id 
_refine_ls_restr.criterion 
_refine_ls_restr.dev_ideal 
_refine_ls_restr.dev_ideal_target 
_refine_ls_restr.number 
_refine_ls_restr.rejects 
_refine_ls_restr.type 
_refine_ls_restr.weight 
_refine_ls_restr.pdbx_restraint_function 
'X-RAY DIFFRACTION' ? ?      ? 382  ? t_dihedral_angle_d        2.000  SINUSOIDAL   
'X-RAY DIFFRACTION' ? ?      ? 27   ? t_trig_c_planes           2.000  HARMONIC     
'X-RAY DIFFRACTION' ? ?      ? 153  ? t_gen_planes              5.000  HARMONIC     
'X-RAY DIFFRACTION' ? ?      ? 1086 ? t_it                      20.000 HARMONIC     
'X-RAY DIFFRACTION' ? ?      ? ?    ? t_nbd                     ?      ?            
'X-RAY DIFFRACTION' ? ?      ? ?    ? t_improper_torsion        ?      ?            
'X-RAY DIFFRACTION' ? ?      ? ?    ? t_pseud_angle             ?      ?            
'X-RAY DIFFRACTION' ? ?      ? 129  ? t_chiral_improper_torsion 5.000  SEMIHARMONIC 
'X-RAY DIFFRACTION' ? ?      ? ?    ? t_sum_occupancies         ?      ?            
'X-RAY DIFFRACTION' ? ?      ? ?    ? t_utility_distance        ?      ?            
'X-RAY DIFFRACTION' ? ?      ? ?    ? t_utility_angle           ?      ?            
'X-RAY DIFFRACTION' ? ?      ? ?    ? t_utility_torsion         ?      ?            
'X-RAY DIFFRACTION' ? ?      ? 1253 ? t_ideal_dist_contact      4.000  SEMIHARMONIC 
'X-RAY DIFFRACTION' ? 0.008  ? 1086 ? t_bond_d                  2.000  HARMONIC     
'X-RAY DIFFRACTION' ? 0.890  ? 1467 ? t_angle_deg               2.000  HARMONIC     
'X-RAY DIFFRACTION' ? 3.490  ? ?    ? t_omega_torsion           ?      ?            
'X-RAY DIFFRACTION' ? 15.150 ? ?    ? t_other_torsion           ?      ?            
# 
_refine_ls_shell.pdbx_refine_id                   'X-RAY DIFFRACTION' 
_refine_ls_shell.d_res_high                       1.8500 
_refine_ls_shell.d_res_low                        2.0300 
_refine_ls_shell.number_reflns_all                2778 
_refine_ls_shell.number_reflns_obs                ? 
_refine_ls_shell.number_reflns_R_free             120 
_refine_ls_shell.number_reflns_R_work             2658 
_refine_ls_shell.percent_reflns_obs               100.0000 
_refine_ls_shell.percent_reflns_R_free            4.3200 
_refine_ls_shell.R_factor_all                     0.2359 
_refine_ls_shell.R_factor_obs                     ? 
_refine_ls_shell.R_factor_R_free                  0.2550 
_refine_ls_shell.R_factor_R_free_error            0.0000 
_refine_ls_shell.R_factor_R_work                  0.2351 
_refine_ls_shell.redundancy_reflns_all            ? 
_refine_ls_shell.redundancy_reflns_obs            ? 
_refine_ls_shell.wR_factor_all                    ? 
_refine_ls_shell.wR_factor_obs                    ? 
_refine_ls_shell.wR_factor_R_free                 ? 
_refine_ls_shell.wR_factor_R_work                 ? 
_refine_ls_shell.pdbx_total_number_of_bins_used   6 
_refine_ls_shell.pdbx_phase_error                 ? 
_refine_ls_shell.pdbx_fsc_work                    ? 
_refine_ls_shell.pdbx_fsc_free                    ? 
# 
_struct.entry_id                     6G2E 
_struct.title                        'X-ray structure of NSD3-PWWP1 in complex with compound 13' 
_struct.pdbx_model_details           ? 
_struct.pdbx_formula_weight          ? 
_struct.pdbx_formula_weight_method   ? 
_struct.pdbx_model_type_details      ? 
_struct.pdbx_CASP_flag               N 
# 
_struct_keywords.entry_id        6G2E 
_struct_keywords.text            'Inhibitor, PWWP domain, ONCOPROTEIN' 
_struct_keywords.pdbx_keywords   ONCOPROTEIN 
# 
loop_
_struct_asym.id 
_struct_asym.pdbx_blank_PDB_chainid_flag 
_struct_asym.pdbx_modified 
_struct_asym.entity_id 
_struct_asym.details 
A N N 1 ? 
B N N 2 ? 
C N N 3 ? 
# 
_struct_ref.id                         1 
_struct_ref.db_name                    UNP 
_struct_ref.db_code                    NSD3_HUMAN 
_struct_ref.pdbx_db_accession          Q9BZ95 
_struct_ref.pdbx_db_isoform            ? 
_struct_ref.entity_id                  1 
_struct_ref.pdbx_seq_one_letter_code   
;STGVKFQVGDLVWSKVGTYPWWPCMVSSDPQLEVHTKINTRGAREYHVQFFSNQPERAWVHEKRVREYKGHKQYEELLAE
ATKQASNHSEKQKIRKPRPQRERAQWDIGIAHAEKALKMTREERIEQYTFIYIDKQ
;
_struct_ref.pdbx_align_begin           263 
# 
_struct_ref_seq.align_id                      1 
_struct_ref_seq.ref_id                        1 
_struct_ref_seq.pdbx_PDB_id_code              6G2E 
_struct_ref_seq.pdbx_strand_id                A 
_struct_ref_seq.seq_align_beg                 1 
_struct_ref_seq.pdbx_seq_align_beg_ins_code   ? 
_struct_ref_seq.seq_align_end                 136 
_struct_ref_seq.pdbx_seq_align_end_ins_code   ? 
_struct_ref_seq.pdbx_db_accession             Q9BZ95 
_struct_ref_seq.db_align_beg                  263 
_struct_ref_seq.pdbx_db_align_beg_ins_code    ? 
_struct_ref_seq.db_align_end                  398 
_struct_ref_seq.pdbx_db_align_end_ins_code    ? 
_struct_ref_seq.pdbx_auth_seq_align_beg       263 
_struct_ref_seq.pdbx_auth_seq_align_end       398 
# 
_pdbx_struct_assembly.id                   1 
_pdbx_struct_assembly.details              author_and_software_defined_assembly 
_pdbx_struct_assembly.method_details       PISA 
_pdbx_struct_assembly.oligomeric_details   monomeric 
_pdbx_struct_assembly.oligomeric_count     1 
# 
loop_
_pdbx_struct_assembly_prop.biol_id 
_pdbx_struct_assembly_prop.type 
_pdbx_struct_assembly_prop.value 
_pdbx_struct_assembly_prop.details 
1 'ABSA (A^2)' 0    ? 
1 MORE         0    ? 
1 'SSA (A^2)'  8430 ? 
# 
_pdbx_struct_assembly_gen.assembly_id       1 
_pdbx_struct_assembly_gen.oper_expression   1 
_pdbx_struct_assembly_gen.asym_id_list      A,B,C 
# 
_pdbx_struct_assembly_auth_evidence.id                     1 
_pdbx_struct_assembly_auth_evidence.assembly_id            1 
_pdbx_struct_assembly_auth_evidence.experimental_support   'gel filtration' 
_pdbx_struct_assembly_auth_evidence.details                ? 
# 
_pdbx_struct_oper_list.id                   1 
_pdbx_struct_oper_list.type                 'identity operation' 
_pdbx_struct_oper_list.name                 1_555 
_pdbx_struct_oper_list.symmetry_operation   x,y,z 
_pdbx_struct_oper_list.matrix[1][1]         1.0000000000 
_pdbx_struct_oper_list.matrix[1][2]         0.0000000000 
_pdbx_struct_oper_list.matrix[1][3]         0.0000000000 
_pdbx_struct_oper_list.vector[1]            0.0000000000 
_pdbx_struct_oper_list.matrix[2][1]         0.0000000000 
_pdbx_struct_oper_list.matrix[2][2]         1.0000000000 
_pdbx_struct_oper_list.matrix[2][3]         0.0000000000 
_pdbx_struct_oper_list.vector[2]            0.0000000000 
_pdbx_struct_oper_list.matrix[3][1]         0.0000000000 
_pdbx_struct_oper_list.matrix[3][2]         0.0000000000 
_pdbx_struct_oper_list.matrix[3][3]         1.0000000000 
_pdbx_struct_oper_list.vector[3]            0.0000000000 
# 
loop_
_struct_conf.conf_type_id 
_struct_conf.id 
_struct_conf.pdbx_PDB_helix_id 
_struct_conf.beg_label_comp_id 
_struct_conf.beg_label_asym_id 
_struct_conf.beg_label_seq_id 
_struct_conf.pdbx_beg_PDB_ins_code 
_struct_conf.end_label_comp_id 
_struct_conf.end_label_asym_id 
_struct_conf.end_label_seq_id 
_struct_conf.pdbx_end_PDB_ins_code 
_struct_conf.beg_auth_comp_id 
_struct_conf.beg_auth_asym_id 
_struct_conf.beg_auth_seq_id 
_struct_conf.end_auth_comp_id 
_struct_conf.end_auth_asym_id 
_struct_conf.end_auth_seq_id 
_struct_conf.pdbx_PDB_helix_class 
_struct_conf.details 
_struct_conf.pdbx_PDB_helix_length 
HELX_P HELX_P1 AA1 GLY A 70  ? LYS A 72  ? GLY A 332 LYS A 334 5 ? 3  
HELX_P HELX_P2 AA2 GLN A 73  ? GLU A 80  ? GLN A 335 GLU A 342 1 ? 8  
HELX_P HELX_P3 AA3 PRO A 99  ? LYS A 118 ? PRO A 361 LYS A 380 1 ? 20 
HELX_P HELX_P4 AA4 THR A 120 ? THR A 129 ? THR A 382 THR A 391 1 ? 10 
# 
_struct_conf_type.id          HELX_P 
_struct_conf_type.criteria    ? 
_struct_conf_type.reference   ? 
# 
loop_
_struct_sheet.id 
_struct_sheet.type 
_struct_sheet.number_strands 
_struct_sheet.details 
AA1 ? 3 ? 
AA2 ? 5 ? 
# 
loop_
_struct_sheet_order.sheet_id 
_struct_sheet_order.range_id_1 
_struct_sheet_order.range_id_2 
_struct_sheet_order.offset 
_struct_sheet_order.sense 
AA1 1 2 ? anti-parallel 
AA1 2 3 ? anti-parallel 
AA2 1 2 ? anti-parallel 
AA2 2 3 ? anti-parallel 
AA2 3 4 ? anti-parallel 
AA2 4 5 ? anti-parallel 
# 
loop_
_struct_sheet_range.sheet_id 
_struct_sheet_range.id 
_struct_sheet_range.beg_label_comp_id 
_struct_sheet_range.beg_label_asym_id 
_struct_sheet_range.beg_label_seq_id 
_struct_sheet_range.pdbx_beg_PDB_ins_code 
_struct_sheet_range.end_label_comp_id 
_struct_sheet_range.end_label_asym_id 
_struct_sheet_range.end_label_seq_id 
_struct_sheet_range.pdbx_end_PDB_ins_code 
_struct_sheet_range.beg_auth_comp_id 
_struct_sheet_range.beg_auth_asym_id 
_struct_sheet_range.beg_auth_seq_id 
_struct_sheet_range.end_auth_comp_id 
_struct_sheet_range.end_auth_asym_id 
_struct_sheet_range.end_auth_seq_id 
AA1 1 THR A 36 ? ILE A 38 ? THR A 298 ILE A 300 
AA1 2 ARG A 44 ? PHE A 50 ? ARG A 306 PHE A 312 
AA1 3 GLU A 56 ? HIS A 61 ? GLU A 318 HIS A 323 
AA2 1 THR A 36 ? ILE A 38 ? THR A 298 ILE A 300 
AA2 2 ARG A 44 ? PHE A 50 ? ARG A 306 PHE A 312 
AA2 3 TRP A 22 ? VAL A 26 ? TRP A 284 VAL A 288 
AA2 4 LEU A 11 ? SER A 14 ? LEU A 273 SER A 276 
AA2 5 VAL A 65 ? GLU A 67 ? VAL A 327 GLU A 329 
# 
loop_
_pdbx_struct_sheet_hbond.sheet_id 
_pdbx_struct_sheet_hbond.range_id_1 
_pdbx_struct_sheet_hbond.range_id_2 
_pdbx_struct_sheet_hbond.range_1_label_atom_id 
_pdbx_struct_sheet_hbond.range_1_label_comp_id 
_pdbx_struct_sheet_hbond.range_1_label_asym_id 
_pdbx_struct_sheet_hbond.range_1_label_seq_id 
_pdbx_struct_sheet_hbond.range_1_PDB_ins_code 
_pdbx_struct_sheet_hbond.range_1_auth_atom_id 
_pdbx_struct_sheet_hbond.range_1_auth_comp_id 
_pdbx_struct_sheet_hbond.range_1_auth_asym_id 
_pdbx_struct_sheet_hbond.range_1_auth_seq_id 
_pdbx_struct_sheet_hbond.range_2_label_atom_id 
_pdbx_struct_sheet_hbond.range_2_label_comp_id 
_pdbx_struct_sheet_hbond.range_2_label_asym_id 
_pdbx_struct_sheet_hbond.range_2_label_seq_id 
_pdbx_struct_sheet_hbond.range_2_PDB_ins_code 
_pdbx_struct_sheet_hbond.range_2_auth_atom_id 
_pdbx_struct_sheet_hbond.range_2_auth_comp_id 
_pdbx_struct_sheet_hbond.range_2_auth_asym_id 
_pdbx_struct_sheet_hbond.range_2_auth_seq_id 
AA1 1 2 N LYS A 37 ? N LYS A 299 O GLU A 45 ? O GLU A 307 
AA1 2 3 N PHE A 50 ? N PHE A 312 O GLU A 56 ? O GLU A 318 
AA2 1 2 N LYS A 37 ? N LYS A 299 O GLU A 45 ? O GLU A 307 
AA2 2 3 O GLN A 49 ? O GLN A 311 N MET A 25 ? N MET A 287 
AA2 3 4 O CYS A 24 ? O CYS A 286 N VAL A 12 ? N VAL A 274 
AA2 4 5 N TRP A 13 ? N TRP A 275 O ARG A 66 ? O ARG A 328 
# 
_struct_site.id                   AC1 
_struct_site.pdbx_evidence_code   Software 
_struct_site.pdbx_auth_asym_id    A 
_struct_site.pdbx_auth_comp_id    EHH 
_struct_site.pdbx_auth_seq_id     401 
_struct_site.pdbx_auth_ins_code   ? 
_struct_site.pdbx_num_residues    7 
_struct_site.details              'binding site for residue EHH A 401' 
# 
loop_
_struct_site_gen.id 
_struct_site_gen.site_id 
_struct_site_gen.pdbx_num_res 
_struct_site_gen.label_comp_id 
_struct_site_gen.label_asym_id 
_struct_site_gen.label_seq_id 
_struct_site_gen.pdbx_auth_ins_code 
_struct_site_gen.auth_comp_id 
_struct_site_gen.auth_asym_id 
_struct_site_gen.auth_seq_id 
_struct_site_gen.label_atom_id 
_struct_site_gen.label_alt_id 
_struct_site_gen.symmetry 
_struct_site_gen.details 
1 AC1 7 TYR A 19 ? TYR A 281 . ? 1_555 ? 
2 AC1 7 TRP A 22 ? TRP A 284 . ? 1_555 ? 
3 AC1 7 PHE A 50 ? PHE A 312 . ? 1_555 ? 
4 AC1 7 SER A 52 ? SER A 314 . ? 1_555 ? 
5 AC1 7 GLN A 54 ? GLN A 316 . ? 1_555 ? 
6 AC1 7 GLU A 56 ? GLU A 318 . ? 1_555 ? 
7 AC1 7 HOH C .  ? HOH A 547 . ? 1_555 ? 
# 
_pdbx_validate_torsion.id              1 
_pdbx_validate_torsion.PDB_model_num   1 
_pdbx_validate_torsion.auth_comp_id    SER 
_pdbx_validate_torsion.auth_asym_id    A 
_pdbx_validate_torsion.auth_seq_id     314 
_pdbx_validate_torsion.PDB_ins_code    ? 
_pdbx_validate_torsion.label_alt_id    ? 
_pdbx_validate_torsion.phi             176.87 
_pdbx_validate_torsion.psi             174.92 
# 
loop_
_pdbx_unobs_or_zero_occ_residues.id 
_pdbx_unobs_or_zero_occ_residues.PDB_model_num 
_pdbx_unobs_or_zero_occ_residues.polymer_flag 
_pdbx_unobs_or_zero_occ_residues.occupancy_flag 
_pdbx_unobs_or_zero_occ_residues.auth_asym_id 
_pdbx_unobs_or_zero_occ_residues.auth_comp_id 
_pdbx_unobs_or_zero_occ_residues.auth_seq_id 
_pdbx_unobs_or_zero_occ_residues.PDB_ins_code 
_pdbx_unobs_or_zero_occ_residues.label_asym_id 
_pdbx_unobs_or_zero_occ_residues.label_comp_id 
_pdbx_unobs_or_zero_occ_residues.label_seq_id 
1  1 Y 1 A SER 263 ? A SER 1   
2  1 Y 1 A THR 264 ? A THR 2   
3  1 Y 1 A GLY 265 ? A GLY 3   
4  1 Y 1 A LYS 345 ? A LYS 83  
5  1 Y 1 A GLN 346 ? A GLN 84  
6  1 Y 1 A ALA 347 ? A ALA 85  
7  1 Y 1 A SER 348 ? A SER 86  
8  1 Y 1 A ASN 349 ? A ASN 87  
9  1 Y 1 A HIS 350 ? A HIS 88  
10 1 Y 1 A SER 351 ? A SER 89  
11 1 Y 1 A GLU 352 ? A GLU 90  
12 1 Y 1 A LYS 353 ? A LYS 91  
13 1 Y 1 A GLN 354 ? A GLN 92  
14 1 Y 1 A LYS 397 ? A LYS 135 
15 1 Y 1 A GLN 398 ? A GLN 136 
# 
loop_
_chem_comp_atom.comp_id 
_chem_comp_atom.atom_id 
_chem_comp_atom.type_symbol 
_chem_comp_atom.pdbx_aromatic_flag 
_chem_comp_atom.pdbx_stereo_config 
_chem_comp_atom.pdbx_ordinal 
ALA N    N N N 1   
ALA CA   C N S 2   
ALA C    C N N 3   
ALA O    O N N 4   
ALA CB   C N N 5   
ALA OXT  O N N 6   
ALA H    H N N 7   
ALA H2   H N N 8   
ALA HA   H N N 9   
ALA HB1  H N N 10  
ALA HB2  H N N 11  
ALA HB3  H N N 12  
ALA HXT  H N N 13  
ARG N    N N N 14  
ARG CA   C N S 15  
ARG C    C N N 16  
ARG O    O N N 17  
ARG CB   C N N 18  
ARG CG   C N N 19  
ARG CD   C N N 20  
ARG NE   N N N 21  
ARG CZ   C N N 22  
ARG NH1  N N N 23  
ARG NH2  N N N 24  
ARG OXT  O N N 25  
ARG H    H N N 26  
ARG H2   H N N 27  
ARG HA   H N N 28  
ARG HB2  H N N 29  
ARG HB3  H N N 30  
ARG HG2  H N N 31  
ARG HG3  H N N 32  
ARG HD2  H N N 33  
ARG HD3  H N N 34  
ARG HE   H N N 35  
ARG HH11 H N N 36  
ARG HH12 H N N 37  
ARG HH21 H N N 38  
ARG HH22 H N N 39  
ARG HXT  H N N 40  
ASN N    N N N 41  
ASN CA   C N S 42  
ASN C    C N N 43  
ASN O    O N N 44  
ASN CB   C N N 45  
ASN CG   C N N 46  
ASN OD1  O N N 47  
ASN ND2  N N N 48  
ASN OXT  O N N 49  
ASN H    H N N 50  
ASN H2   H N N 51  
ASN HA   H N N 52  
ASN HB2  H N N 53  
ASN HB3  H N N 54  
ASN HD21 H N N 55  
ASN HD22 H N N 56  
ASN HXT  H N N 57  
ASP N    N N N 58  
ASP CA   C N S 59  
ASP C    C N N 60  
ASP O    O N N 61  
ASP CB   C N N 62  
ASP CG   C N N 63  
ASP OD1  O N N 64  
ASP OD2  O N N 65  
ASP OXT  O N N 66  
ASP H    H N N 67  
ASP H2   H N N 68  
ASP HA   H N N 69  
ASP HB2  H N N 70  
ASP HB3  H N N 71  
ASP HD2  H N N 72  
ASP HXT  H N N 73  
CYS N    N N N 74  
CYS CA   C N R 75  
CYS C    C N N 76  
CYS O    O N N 77  
CYS CB   C N N 78  
CYS SG   S N N 79  
CYS OXT  O N N 80  
CYS H    H N N 81  
CYS H2   H N N 82  
CYS HA   H N N 83  
CYS HB2  H N N 84  
CYS HB3  H N N 85  
CYS HG   H N N 86  
CYS HXT  H N N 87  
EHH N1   N Y N 88  
EHH C5   C Y N 89  
EHH C6   C N N 90  
EHH C7   C Y N 91  
EHH C8   C Y N 92  
EHH C10  C Y N 93  
EHH C13  C Y N 94  
EHH C15  C Y N 95  
EHH C17  C Y N 96  
EHH C20  C N N 97  
EHH C21  C N N 98  
EHH C12  C Y N 99  
EHH C14  C Y N 100 
EHH C16  C Y N 101 
EHH C18  C Y N 102 
EHH C19  C N N 103 
EHH C2   C Y N 104 
EHH C3   C Y N 105 
EHH C9   C Y N 106 
EHH N11  N Y N 107 
EHH N22  N N N 108 
EHH N4   N Y N 109 
EHH H1   H N N 110 
EHH H2   H N N 111 
EHH H3   H N N 112 
EHH H4   H N N 113 
EHH H5   H N N 114 
EHH H6   H N N 115 
EHH H7   H N N 116 
EHH H8   H N N 117 
EHH H9   H N N 118 
EHH H10  H N N 119 
EHH H11  H N N 120 
EHH H12  H N N 121 
EHH H13  H N N 122 
EHH H14  H N N 123 
EHH H15  H N N 124 
EHH H16  H N N 125 
EHH H17  H N N 126 
EHH H18  H N N 127 
EHH H19  H N N 128 
EHH H20  H N N 129 
GLN N    N N N 130 
GLN CA   C N S 131 
GLN C    C N N 132 
GLN O    O N N 133 
GLN CB   C N N 134 
GLN CG   C N N 135 
GLN CD   C N N 136 
GLN OE1  O N N 137 
GLN NE2  N N N 138 
GLN OXT  O N N 139 
GLN H    H N N 140 
GLN H2   H N N 141 
GLN HA   H N N 142 
GLN HB2  H N N 143 
GLN HB3  H N N 144 
GLN HG2  H N N 145 
GLN HG3  H N N 146 
GLN HE21 H N N 147 
GLN HE22 H N N 148 
GLN HXT  H N N 149 
GLU N    N N N 150 
GLU CA   C N S 151 
GLU C    C N N 152 
GLU O    O N N 153 
GLU CB   C N N 154 
GLU CG   C N N 155 
GLU CD   C N N 156 
GLU OE1  O N N 157 
GLU OE2  O N N 158 
GLU OXT  O N N 159 
GLU H    H N N 160 
GLU H2   H N N 161 
GLU HA   H N N 162 
GLU HB2  H N N 163 
GLU HB3  H N N 164 
GLU HG2  H N N 165 
GLU HG3  H N N 166 
GLU HE2  H N N 167 
GLU HXT  H N N 168 
GLY N    N N N 169 
GLY CA   C N N 170 
GLY C    C N N 171 
GLY O    O N N 172 
GLY OXT  O N N 173 
GLY H    H N N 174 
GLY H2   H N N 175 
GLY HA2  H N N 176 
GLY HA3  H N N 177 
GLY HXT  H N N 178 
HIS N    N N N 179 
HIS CA   C N S 180 
HIS C    C N N 181 
HIS O    O N N 182 
HIS CB   C N N 183 
HIS CG   C Y N 184 
HIS ND1  N Y N 185 
HIS CD2  C Y N 186 
HIS CE1  C Y N 187 
HIS NE2  N Y N 188 
HIS OXT  O N N 189 
HIS H    H N N 190 
HIS H2   H N N 191 
HIS HA   H N N 192 
HIS HB2  H N N 193 
HIS HB3  H N N 194 
HIS HD1  H N N 195 
HIS HD2  H N N 196 
HIS HE1  H N N 197 
HIS HE2  H N N 198 
HIS HXT  H N N 199 
HOH O    O N N 200 
HOH H1   H N N 201 
HOH H2   H N N 202 
ILE N    N N N 203 
ILE CA   C N S 204 
ILE C    C N N 205 
ILE O    O N N 206 
ILE CB   C N S 207 
ILE CG1  C N N 208 
ILE CG2  C N N 209 
ILE CD1  C N N 210 
ILE OXT  O N N 211 
ILE H    H N N 212 
ILE H2   H N N 213 
ILE HA   H N N 214 
ILE HB   H N N 215 
ILE HG12 H N N 216 
ILE HG13 H N N 217 
ILE HG21 H N N 218 
ILE HG22 H N N 219 
ILE HG23 H N N 220 
ILE HD11 H N N 221 
ILE HD12 H N N 222 
ILE HD13 H N N 223 
ILE HXT  H N N 224 
LEU N    N N N 225 
LEU CA   C N S 226 
LEU C    C N N 227 
LEU O    O N N 228 
LEU CB   C N N 229 
LEU CG   C N N 230 
LEU CD1  C N N 231 
LEU CD2  C N N 232 
LEU OXT  O N N 233 
LEU H    H N N 234 
LEU H2   H N N 235 
LEU HA   H N N 236 
LEU HB2  H N N 237 
LEU HB3  H N N 238 
LEU HG   H N N 239 
LEU HD11 H N N 240 
LEU HD12 H N N 241 
LEU HD13 H N N 242 
LEU HD21 H N N 243 
LEU HD22 H N N 244 
LEU HD23 H N N 245 
LEU HXT  H N N 246 
LYS N    N N N 247 
LYS CA   C N S 248 
LYS C    C N N 249 
LYS O    O N N 250 
LYS CB   C N N 251 
LYS CG   C N N 252 
LYS CD   C N N 253 
LYS CE   C N N 254 
LYS NZ   N N N 255 
LYS OXT  O N N 256 
LYS H    H N N 257 
LYS H2   H N N 258 
LYS HA   H N N 259 
LYS HB2  H N N 260 
LYS HB3  H N N 261 
LYS HG2  H N N 262 
LYS HG3  H N N 263 
LYS HD2  H N N 264 
LYS HD3  H N N 265 
LYS HE2  H N N 266 
LYS HE3  H N N 267 
LYS HZ1  H N N 268 
LYS HZ2  H N N 269 
LYS HZ3  H N N 270 
LYS HXT  H N N 271 
MET N    N N N 272 
MET CA   C N S 273 
MET C    C N N 274 
MET O    O N N 275 
MET CB   C N N 276 
MET CG   C N N 277 
MET SD   S N N 278 
MET CE   C N N 279 
MET OXT  O N N 280 
MET H    H N N 281 
MET H2   H N N 282 
MET HA   H N N 283 
MET HB2  H N N 284 
MET HB3  H N N 285 
MET HG2  H N N 286 
MET HG3  H N N 287 
MET HE1  H N N 288 
MET HE2  H N N 289 
MET HE3  H N N 290 
MET HXT  H N N 291 
PHE N    N N N 292 
PHE CA   C N S 293 
PHE C    C N N 294 
PHE O    O N N 295 
PHE CB   C N N 296 
PHE CG   C Y N 297 
PHE CD1  C Y N 298 
PHE CD2  C Y N 299 
PHE CE1  C Y N 300 
PHE CE2  C Y N 301 
PHE CZ   C Y N 302 
PHE OXT  O N N 303 
PHE H    H N N 304 
PHE H2   H N N 305 
PHE HA   H N N 306 
PHE HB2  H N N 307 
PHE HB3  H N N 308 
PHE HD1  H N N 309 
PHE HD2  H N N 310 
PHE HE1  H N N 311 
PHE HE2  H N N 312 
PHE HZ   H N N 313 
PHE HXT  H N N 314 
PRO N    N N N 315 
PRO CA   C N S 316 
PRO C    C N N 317 
PRO O    O N N 318 
PRO CB   C N N 319 
PRO CG   C N N 320 
PRO CD   C N N 321 
PRO OXT  O N N 322 
PRO H    H N N 323 
PRO HA   H N N 324 
PRO HB2  H N N 325 
PRO HB3  H N N 326 
PRO HG2  H N N 327 
PRO HG3  H N N 328 
PRO HD2  H N N 329 
PRO HD3  H N N 330 
PRO HXT  H N N 331 
SER N    N N N 332 
SER CA   C N S 333 
SER C    C N N 334 
SER O    O N N 335 
SER CB   C N N 336 
SER OG   O N N 337 
SER OXT  O N N 338 
SER H    H N N 339 
SER H2   H N N 340 
SER HA   H N N 341 
SER HB2  H N N 342 
SER HB3  H N N 343 
SER HG   H N N 344 
SER HXT  H N N 345 
THR N    N N N 346 
THR CA   C N S 347 
THR C    C N N 348 
THR O    O N N 349 
THR CB   C N R 350 
THR OG1  O N N 351 
THR CG2  C N N 352 
THR OXT  O N N 353 
THR H    H N N 354 
THR H2   H N N 355 
THR HA   H N N 356 
THR HB   H N N 357 
THR HG1  H N N 358 
THR HG21 H N N 359 
THR HG22 H N N 360 
THR HG23 H N N 361 
THR HXT  H N N 362 
TRP N    N N N 363 
TRP CA   C N S 364 
TRP C    C N N 365 
TRP O    O N N 366 
TRP CB   C N N 367 
TRP CG   C Y N 368 
TRP CD1  C Y N 369 
TRP CD2  C Y N 370 
TRP NE1  N Y N 371 
TRP CE2  C Y N 372 
TRP CE3  C Y N 373 
TRP CZ2  C Y N 374 
TRP CZ3  C Y N 375 
TRP CH2  C Y N 376 
TRP OXT  O N N 377 
TRP H    H N N 378 
TRP H2   H N N 379 
TRP HA   H N N 380 
TRP HB2  H N N 381 
TRP HB3  H N N 382 
TRP HD1  H N N 383 
TRP HE1  H N N 384 
TRP HE3  H N N 385 
TRP HZ2  H N N 386 
TRP HZ3  H N N 387 
TRP HH2  H N N 388 
TRP HXT  H N N 389 
TYR N    N N N 390 
TYR CA   C N S 391 
TYR C    C N N 392 
TYR O    O N N 393 
TYR CB   C N N 394 
TYR CG   C Y N 395 
TYR CD1  C Y N 396 
TYR CD2  C Y N 397 
TYR CE1  C Y N 398 
TYR CE2  C Y N 399 
TYR CZ   C Y N 400 
TYR OH   O N N 401 
TYR OXT  O N N 402 
TYR H    H N N 403 
TYR H2   H N N 404 
TYR HA   H N N 405 
TYR HB2  H N N 406 
TYR HB3  H N N 407 
TYR HD1  H N N 408 
TYR HD2  H N N 409 
TYR HE1  H N N 410 
TYR HE2  H N N 411 
TYR HH   H N N 412 
TYR HXT  H N N 413 
VAL N    N N N 414 
VAL CA   C N S 415 
VAL C    C N N 416 
VAL O    O N N 417 
VAL CB   C N N 418 
VAL CG1  C N N 419 
VAL CG2  C N N 420 
VAL OXT  O N N 421 
VAL H    H N N 422 
VAL H2   H N N 423 
VAL HA   H N N 424 
VAL HB   H N N 425 
VAL HG11 H N N 426 
VAL HG12 H N N 427 
VAL HG13 H N N 428 
VAL HG21 H N N 429 
VAL HG22 H N N 430 
VAL HG23 H N N 431 
VAL HXT  H N N 432 
# 
loop_
_chem_comp_bond.comp_id 
_chem_comp_bond.atom_id_1 
_chem_comp_bond.atom_id_2 
_chem_comp_bond.value_order 
_chem_comp_bond.pdbx_aromatic_flag 
_chem_comp_bond.pdbx_stereo_config 
_chem_comp_bond.pdbx_ordinal 
ALA N   CA   sing N N 1   
ALA N   H    sing N N 2   
ALA N   H2   sing N N 3   
ALA CA  C    sing N N 4   
ALA CA  CB   sing N N 5   
ALA CA  HA   sing N N 6   
ALA C   O    doub N N 7   
ALA C   OXT  sing N N 8   
ALA CB  HB1  sing N N 9   
ALA CB  HB2  sing N N 10  
ALA CB  HB3  sing N N 11  
ALA OXT HXT  sing N N 12  
ARG N   CA   sing N N 13  
ARG N   H    sing N N 14  
ARG N   H2   sing N N 15  
ARG CA  C    sing N N 16  
ARG CA  CB   sing N N 17  
ARG CA  HA   sing N N 18  
ARG C   O    doub N N 19  
ARG C   OXT  sing N N 20  
ARG CB  CG   sing N N 21  
ARG CB  HB2  sing N N 22  
ARG CB  HB3  sing N N 23  
ARG CG  CD   sing N N 24  
ARG CG  HG2  sing N N 25  
ARG CG  HG3  sing N N 26  
ARG CD  NE   sing N N 27  
ARG CD  HD2  sing N N 28  
ARG CD  HD3  sing N N 29  
ARG NE  CZ   sing N N 30  
ARG NE  HE   sing N N 31  
ARG CZ  NH1  sing N N 32  
ARG CZ  NH2  doub N N 33  
ARG NH1 HH11 sing N N 34  
ARG NH1 HH12 sing N N 35  
ARG NH2 HH21 sing N N 36  
ARG NH2 HH22 sing N N 37  
ARG OXT HXT  sing N N 38  
ASN N   CA   sing N N 39  
ASN N   H    sing N N 40  
ASN N   H2   sing N N 41  
ASN CA  C    sing N N 42  
ASN CA  CB   sing N N 43  
ASN CA  HA   sing N N 44  
ASN C   O    doub N N 45  
ASN C   OXT  sing N N 46  
ASN CB  CG   sing N N 47  
ASN CB  HB2  sing N N 48  
ASN CB  HB3  sing N N 49  
ASN CG  OD1  doub N N 50  
ASN CG  ND2  sing N N 51  
ASN ND2 HD21 sing N N 52  
ASN ND2 HD22 sing N N 53  
ASN OXT HXT  sing N N 54  
ASP N   CA   sing N N 55  
ASP N   H    sing N N 56  
ASP N   H2   sing N N 57  
ASP CA  C    sing N N 58  
ASP CA  CB   sing N N 59  
ASP CA  HA   sing N N 60  
ASP C   O    doub N N 61  
ASP C   OXT  sing N N 62  
ASP CB  CG   sing N N 63  
ASP CB  HB2  sing N N 64  
ASP CB  HB3  sing N N 65  
ASP CG  OD1  doub N N 66  
ASP CG  OD2  sing N N 67  
ASP OD2 HD2  sing N N 68  
ASP OXT HXT  sing N N 69  
CYS N   CA   sing N N 70  
CYS N   H    sing N N 71  
CYS N   H2   sing N N 72  
CYS CA  C    sing N N 73  
CYS CA  CB   sing N N 74  
CYS CA  HA   sing N N 75  
CYS C   O    doub N N 76  
CYS C   OXT  sing N N 77  
CYS CB  SG   sing N N 78  
CYS CB  HB2  sing N N 79  
CYS CB  HB3  sing N N 80  
CYS SG  HG   sing N N 81  
CYS OXT HXT  sing N N 82  
EHH N22 C21  sing N N 83  
EHH C21 C16  sing N N 84  
EHH C16 C15  doub Y N 85  
EHH C16 C17  sing Y N 86  
EHH C15 C14  sing Y N 87  
EHH C17 C18  doub Y N 88  
EHH C14 C19  sing N N 89  
EHH C14 C8   doub Y N 90  
EHH C18 C8   sing Y N 91  
EHH C18 C20  sing N N 92  
EHH C8  C3   sing N N 93  
EHH C3  N4   sing Y N 94  
EHH C3  C2   doub Y N 95  
EHH N4  C5   doub Y N 96  
EHH C9  C10  doub Y N 97  
EHH C9  C7   sing Y N 98  
EHH C10 N11  sing Y N 99  
EHH C2  C7   sing N N 100 
EHH C2  N1   sing Y N 101 
EHH C7  C13  doub Y N 102 
EHH N11 C12  doub Y N 103 
EHH C13 C12  sing Y N 104 
EHH C5  N1   sing Y N 105 
EHH N1  C6   sing N N 106 
EHH C5  H1   sing N N 107 
EHH C6  H2   sing N N 108 
EHH C6  H3   sing N N 109 
EHH C6  H4   sing N N 110 
EHH C10 H5   sing N N 111 
EHH C13 H6   sing N N 112 
EHH C15 H7   sing N N 113 
EHH C17 H8   sing N N 114 
EHH C20 H9   sing N N 115 
EHH C20 H10  sing N N 116 
EHH C20 H11  sing N N 117 
EHH C21 H12  sing N N 118 
EHH C21 H13  sing N N 119 
EHH C12 H14  sing N N 120 
EHH C19 H15  sing N N 121 
EHH C19 H16  sing N N 122 
EHH C19 H17  sing N N 123 
EHH C9  H18  sing N N 124 
EHH N22 H19  sing N N 125 
EHH N22 H20  sing N N 126 
GLN N   CA   sing N N 127 
GLN N   H    sing N N 128 
GLN N   H2   sing N N 129 
GLN CA  C    sing N N 130 
GLN CA  CB   sing N N 131 
GLN CA  HA   sing N N 132 
GLN C   O    doub N N 133 
GLN C   OXT  sing N N 134 
GLN CB  CG   sing N N 135 
GLN CB  HB2  sing N N 136 
GLN CB  HB3  sing N N 137 
GLN CG  CD   sing N N 138 
GLN CG  HG2  sing N N 139 
GLN CG  HG3  sing N N 140 
GLN CD  OE1  doub N N 141 
GLN CD  NE2  sing N N 142 
GLN NE2 HE21 sing N N 143 
GLN NE2 HE22 sing N N 144 
GLN OXT HXT  sing N N 145 
GLU N   CA   sing N N 146 
GLU N   H    sing N N 147 
GLU N   H2   sing N N 148 
GLU CA  C    sing N N 149 
GLU CA  CB   sing N N 150 
GLU CA  HA   sing N N 151 
GLU C   O    doub N N 152 
GLU C   OXT  sing N N 153 
GLU CB  CG   sing N N 154 
GLU CB  HB2  sing N N 155 
GLU CB  HB3  sing N N 156 
GLU CG  CD   sing N N 157 
GLU CG  HG2  sing N N 158 
GLU CG  HG3  sing N N 159 
GLU CD  OE1  doub N N 160 
GLU CD  OE2  sing N N 161 
GLU OE2 HE2  sing N N 162 
GLU OXT HXT  sing N N 163 
GLY N   CA   sing N N 164 
GLY N   H    sing N N 165 
GLY N   H2   sing N N 166 
GLY CA  C    sing N N 167 
GLY CA  HA2  sing N N 168 
GLY CA  HA3  sing N N 169 
GLY C   O    doub N N 170 
GLY C   OXT  sing N N 171 
GLY OXT HXT  sing N N 172 
HIS N   CA   sing N N 173 
HIS N   H    sing N N 174 
HIS N   H2   sing N N 175 
HIS CA  C    sing N N 176 
HIS CA  CB   sing N N 177 
HIS CA  HA   sing N N 178 
HIS C   O    doub N N 179 
HIS C   OXT  sing N N 180 
HIS CB  CG   sing N N 181 
HIS CB  HB2  sing N N 182 
HIS CB  HB3  sing N N 183 
HIS CG  ND1  sing Y N 184 
HIS CG  CD2  doub Y N 185 
HIS ND1 CE1  doub Y N 186 
HIS ND1 HD1  sing N N 187 
HIS CD2 NE2  sing Y N 188 
HIS CD2 HD2  sing N N 189 
HIS CE1 NE2  sing Y N 190 
HIS CE1 HE1  sing N N 191 
HIS NE2 HE2  sing N N 192 
HIS OXT HXT  sing N N 193 
HOH O   H1   sing N N 194 
HOH O   H2   sing N N 195 
ILE N   CA   sing N N 196 
ILE N   H    sing N N 197 
ILE N   H2   sing N N 198 
ILE CA  C    sing N N 199 
ILE CA  CB   sing N N 200 
ILE CA  HA   sing N N 201 
ILE C   O    doub N N 202 
ILE C   OXT  sing N N 203 
ILE CB  CG1  sing N N 204 
ILE CB  CG2  sing N N 205 
ILE CB  HB   sing N N 206 
ILE CG1 CD1  sing N N 207 
ILE CG1 HG12 sing N N 208 
ILE CG1 HG13 sing N N 209 
ILE CG2 HG21 sing N N 210 
ILE CG2 HG22 sing N N 211 
ILE CG2 HG23 sing N N 212 
ILE CD1 HD11 sing N N 213 
ILE CD1 HD12 sing N N 214 
ILE CD1 HD13 sing N N 215 
ILE OXT HXT  sing N N 216 
LEU N   CA   sing N N 217 
LEU N   H    sing N N 218 
LEU N   H2   sing N N 219 
LEU CA  C    sing N N 220 
LEU CA  CB   sing N N 221 
LEU CA  HA   sing N N 222 
LEU C   O    doub N N 223 
LEU C   OXT  sing N N 224 
LEU CB  CG   sing N N 225 
LEU CB  HB2  sing N N 226 
LEU CB  HB3  sing N N 227 
LEU CG  CD1  sing N N 228 
LEU CG  CD2  sing N N 229 
LEU CG  HG   sing N N 230 
LEU CD1 HD11 sing N N 231 
LEU CD1 HD12 sing N N 232 
LEU CD1 HD13 sing N N 233 
LEU CD2 HD21 sing N N 234 
LEU CD2 HD22 sing N N 235 
LEU CD2 HD23 sing N N 236 
LEU OXT HXT  sing N N 237 
LYS N   CA   sing N N 238 
LYS N   H    sing N N 239 
LYS N   H2   sing N N 240 
LYS CA  C    sing N N 241 
LYS CA  CB   sing N N 242 
LYS CA  HA   sing N N 243 
LYS C   O    doub N N 244 
LYS C   OXT  sing N N 245 
LYS CB  CG   sing N N 246 
LYS CB  HB2  sing N N 247 
LYS CB  HB3  sing N N 248 
LYS CG  CD   sing N N 249 
LYS CG  HG2  sing N N 250 
LYS CG  HG3  sing N N 251 
LYS CD  CE   sing N N 252 
LYS CD  HD2  sing N N 253 
LYS CD  HD3  sing N N 254 
LYS CE  NZ   sing N N 255 
LYS CE  HE2  sing N N 256 
LYS CE  HE3  sing N N 257 
LYS NZ  HZ1  sing N N 258 
LYS NZ  HZ2  sing N N 259 
LYS NZ  HZ3  sing N N 260 
LYS OXT HXT  sing N N 261 
MET N   CA   sing N N 262 
MET N   H    sing N N 263 
MET N   H2   sing N N 264 
MET CA  C    sing N N 265 
MET CA  CB   sing N N 266 
MET CA  HA   sing N N 267 
MET C   O    doub N N 268 
MET C   OXT  sing N N 269 
MET CB  CG   sing N N 270 
MET CB  HB2  sing N N 271 
MET CB  HB3  sing N N 272 
MET CG  SD   sing N N 273 
MET CG  HG2  sing N N 274 
MET CG  HG3  sing N N 275 
MET SD  CE   sing N N 276 
MET CE  HE1  sing N N 277 
MET CE  HE2  sing N N 278 
MET CE  HE3  sing N N 279 
MET OXT HXT  sing N N 280 
PHE N   CA   sing N N 281 
PHE N   H    sing N N 282 
PHE N   H2   sing N N 283 
PHE CA  C    sing N N 284 
PHE CA  CB   sing N N 285 
PHE CA  HA   sing N N 286 
PHE C   O    doub N N 287 
PHE C   OXT  sing N N 288 
PHE CB  CG   sing N N 289 
PHE CB  HB2  sing N N 290 
PHE CB  HB3  sing N N 291 
PHE CG  CD1  doub Y N 292 
PHE CG  CD2  sing Y N 293 
PHE CD1 CE1  sing Y N 294 
PHE CD1 HD1  sing N N 295 
PHE CD2 CE2  doub Y N 296 
PHE CD2 HD2  sing N N 297 
PHE CE1 CZ   doub Y N 298 
PHE CE1 HE1  sing N N 299 
PHE CE2 CZ   sing Y N 300 
PHE CE2 HE2  sing N N 301 
PHE CZ  HZ   sing N N 302 
PHE OXT HXT  sing N N 303 
PRO N   CA   sing N N 304 
PRO N   CD   sing N N 305 
PRO N   H    sing N N 306 
PRO CA  C    sing N N 307 
PRO CA  CB   sing N N 308 
PRO CA  HA   sing N N 309 
PRO C   O    doub N N 310 
PRO C   OXT  sing N N 311 
PRO CB  CG   sing N N 312 
PRO CB  HB2  sing N N 313 
PRO CB  HB3  sing N N 314 
PRO CG  CD   sing N N 315 
PRO CG  HG2  sing N N 316 
PRO CG  HG3  sing N N 317 
PRO CD  HD2  sing N N 318 
PRO CD  HD3  sing N N 319 
PRO OXT HXT  sing N N 320 
SER N   CA   sing N N 321 
SER N   H    sing N N 322 
SER N   H2   sing N N 323 
SER CA  C    sing N N 324 
SER CA  CB   sing N N 325 
SER CA  HA   sing N N 326 
SER C   O    doub N N 327 
SER C   OXT  sing N N 328 
SER CB  OG   sing N N 329 
SER CB  HB2  sing N N 330 
SER CB  HB3  sing N N 331 
SER OG  HG   sing N N 332 
SER OXT HXT  sing N N 333 
THR N   CA   sing N N 334 
THR N   H    sing N N 335 
THR N   H2   sing N N 336 
THR CA  C    sing N N 337 
THR CA  CB   sing N N 338 
THR CA  HA   sing N N 339 
THR C   O    doub N N 340 
THR C   OXT  sing N N 341 
THR CB  OG1  sing N N 342 
THR CB  CG2  sing N N 343 
THR CB  HB   sing N N 344 
THR OG1 HG1  sing N N 345 
THR CG2 HG21 sing N N 346 
THR CG2 HG22 sing N N 347 
THR CG2 HG23 sing N N 348 
THR OXT HXT  sing N N 349 
TRP N   CA   sing N N 350 
TRP N   H    sing N N 351 
TRP N   H2   sing N N 352 
TRP CA  C    sing N N 353 
TRP CA  CB   sing N N 354 
TRP CA  HA   sing N N 355 
TRP C   O    doub N N 356 
TRP C   OXT  sing N N 357 
TRP CB  CG   sing N N 358 
TRP CB  HB2  sing N N 359 
TRP CB  HB3  sing N N 360 
TRP CG  CD1  doub Y N 361 
TRP CG  CD2  sing Y N 362 
TRP CD1 NE1  sing Y N 363 
TRP CD1 HD1  sing N N 364 
TRP CD2 CE2  doub Y N 365 
TRP CD2 CE3  sing Y N 366 
TRP NE1 CE2  sing Y N 367 
TRP NE1 HE1  sing N N 368 
TRP CE2 CZ2  sing Y N 369 
TRP CE3 CZ3  doub Y N 370 
TRP CE3 HE3  sing N N 371 
TRP CZ2 CH2  doub Y N 372 
TRP CZ2 HZ2  sing N N 373 
TRP CZ3 CH2  sing Y N 374 
TRP CZ3 HZ3  sing N N 375 
TRP CH2 HH2  sing N N 376 
TRP OXT HXT  sing N N 377 
TYR N   CA   sing N N 378 
TYR N   H    sing N N 379 
TYR N   H2   sing N N 380 
TYR CA  C    sing N N 381 
TYR CA  CB   sing N N 382 
TYR CA  HA   sing N N 383 
TYR C   O    doub N N 384 
TYR C   OXT  sing N N 385 
TYR CB  CG   sing N N 386 
TYR CB  HB2  sing N N 387 
TYR CB  HB3  sing N N 388 
TYR CG  CD1  doub Y N 389 
TYR CG  CD2  sing Y N 390 
TYR CD1 CE1  sing Y N 391 
TYR CD1 HD1  sing N N 392 
TYR CD2 CE2  doub Y N 393 
TYR CD2 HD2  sing N N 394 
TYR CE1 CZ   doub Y N 395 
TYR CE1 HE1  sing N N 396 
TYR CE2 CZ   sing Y N 397 
TYR CE2 HE2  sing N N 398 
TYR CZ  OH   sing N N 399 
TYR OH  HH   sing N N 400 
TYR OXT HXT  sing N N 401 
VAL N   CA   sing N N 402 
VAL N   H    sing N N 403 
VAL N   H2   sing N N 404 
VAL CA  C    sing N N 405 
VAL CA  CB   sing N N 406 
VAL CA  HA   sing N N 407 
VAL C   O    doub N N 408 
VAL C   OXT  sing N N 409 
VAL CB  CG1  sing N N 410 
VAL CB  CG2  sing N N 411 
VAL CB  HB   sing N N 412 
VAL CG1 HG11 sing N N 413 
VAL CG1 HG12 sing N N 414 
VAL CG1 HG13 sing N N 415 
VAL CG2 HG21 sing N N 416 
VAL CG2 HG22 sing N N 417 
VAL CG2 HG23 sing N N 418 
VAL OXT HXT  sing N N 419 
# 
_atom_sites.entry_id                    6G2E 
_atom_sites.fract_transf_matrix[1][1]   -0.01611033 
_atom_sites.fract_transf_matrix[1][2]   0.00721898 
_atom_sites.fract_transf_matrix[1][3]   0.01411041 
_atom_sites.fract_transf_matrix[2][1]   0.00355997 
_atom_sites.fract_transf_matrix[2][2]   0.01982392 
_atom_sites.fract_transf_matrix[2][3]   -0.00607752 
_atom_sites.fract_transf_matrix[3][1]   -0.01072761 
_atom_sites.fract_transf_matrix[3][2]   -0.00158058 
_atom_sites.fract_transf_matrix[3][3]   -0.01143944 
_atom_sites.fract_transf_vector[1]      -0.188868 
_atom_sites.fract_transf_vector[2]      0.195504 
_atom_sites.fract_transf_vector[3]      -0.196009 
# 
loop_
_atom_type.symbol 
C 
N 
O 
S 
# 
loop_
_atom_site.group_PDB 
_atom_site.id 
_atom_site.type_symbol 
_atom_site.label_atom_id 
_atom_site.label_alt_id 
_atom_site.label_comp_id 
_atom_site.label_asym_id 
_atom_site.label_entity_id 
_atom_site.label_seq_id 
_atom_site.pdbx_PDB_ins_code 
_atom_site.Cartn_x 
_atom_site.Cartn_y 
_atom_site.Cartn_z 
_atom_site.occupancy 
_atom_site.B_iso_or_equiv 
_atom_site.pdbx_formal_charge 
_atom_site.auth_seq_id 
_atom_site.auth_comp_id 
_atom_site.auth_asym_id 
_atom_site.auth_atom_id 
_atom_site.pdbx_PDB_model_num 
ATOM   1    N N   . VAL A 1 4   ? 5.949   -11.777 -10.926 1.00 51.46  ? 266 VAL A N   1 
ATOM   2    C CA  . VAL A 1 4   ? 5.872   -10.321 -10.751 1.00 50.25  ? 266 VAL A CA  1 
ATOM   3    C C   . VAL A 1 4   ? 4.581   -9.752  -11.380 1.00 52.35  ? 266 VAL A C   1 
ATOM   4    O O   . VAL A 1 4   ? 4.471   -9.668  -12.605 1.00 54.26  ? 266 VAL A O   1 
ATOM   5    C CB  . VAL A 1 4   ? 7.139   -9.562  -11.245 1.00 53.89  ? 266 VAL A CB  1 
ATOM   6    C CG1 . VAL A 1 4   ? 7.187   -8.150  -10.666 1.00 53.49  ? 266 VAL A CG1 1 
ATOM   7    C CG2 . VAL A 1 4   ? 8.422   -10.317 -10.909 1.00 53.82  ? 266 VAL A CG2 1 
ATOM   8    N N   . LYS A 1 5   ? 3.623   -9.347  -10.535 1.00 44.95  ? 267 LYS A N   1 
ATOM   9    C CA  . LYS A 1 5   ? 2.337   -8.768  -10.940 1.00 43.15  ? 267 LYS A CA  1 
ATOM   10   C C   . LYS A 1 5   ? 2.330   -7.237  -10.812 1.00 43.46  ? 267 LYS A C   1 
ATOM   11   O O   . LYS A 1 5   ? 1.493   -6.576  -11.435 1.00 43.81  ? 267 LYS A O   1 
ATOM   12   C CB  . LYS A 1 5   ? 1.191   -9.355  -10.097 1.00 45.52  ? 267 LYS A CB  1 
ATOM   13   C CG  . LYS A 1 5   ? 0.887   -10.822 -10.377 1.00 65.58  ? 267 LYS A CG  1 
ATOM   14   C CD  . LYS A 1 5   ? -0.257  -11.306 -9.503  1.00 80.68  ? 267 LYS A CD  1 
ATOM   15   C CE  . LYS A 1 5   ? -0.492  -12.790 -9.628  1.00 93.94  ? 267 LYS A CE  1 
ATOM   16   N NZ  . LYS A 1 5   ? -1.618  -13.237 -8.768  1.00 104.23 ? 267 LYS A NZ  1 
ATOM   17   N N   . PHE A 1 6   ? 3.225   -6.676  -9.976  1.00 35.92  ? 268 PHE A N   1 
ATOM   18   C CA  . PHE A 1 6   ? 3.271   -5.224  -9.755  1.00 33.56  ? 268 PHE A CA  1 
ATOM   19   C C   . PHE A 1 6   ? 4.608   -4.606  -10.072 1.00 36.39  ? 268 PHE A C   1 
ATOM   20   O O   . PHE A 1 6   ? 5.644   -5.248  -9.897  1.00 37.25  ? 268 PHE A O   1 
ATOM   21   C CB  . PHE A 1 6   ? 2.828   -4.851  -8.329  1.00 33.98  ? 268 PHE A CB  1 
ATOM   22   C CG  . PHE A 1 6   ? 1.445   -5.336  -7.956  1.00 34.36  ? 268 PHE A CG  1 
ATOM   23   C CD1 . PHE A 1 6   ? 0.309   -4.698  -8.446  1.00 36.26  ? 268 PHE A CD1 1 
ATOM   24   C CD2 . PHE A 1 6   ? 1.278   -6.422  -7.112  1.00 35.85  ? 268 PHE A CD2 1 
ATOM   25   C CE1 . PHE A 1 6   ? -0.970  -5.153  -8.108  1.00 36.85  ? 268 PHE A CE1 1 
ATOM   26   C CE2 . PHE A 1 6   ? -0.004  -6.874  -6.772  1.00 38.68  ? 268 PHE A CE2 1 
ATOM   27   C CZ  . PHE A 1 6   ? -1.117  -6.236  -7.275  1.00 36.11  ? 268 PHE A CZ  1 
ATOM   28   N N   . GLN A 1 7   ? 4.584   -3.351  -10.541 1.00 31.97  ? 269 GLN A N   1 
ATOM   29   C CA  . GLN A 1 7   ? 5.793   -2.594  -10.873 1.00 31.75  ? 269 GLN A CA  1 
ATOM   30   C C   . GLN A 1 7   ? 5.845   -1.317  -10.051 1.00 32.14  ? 269 GLN A C   1 
ATOM   31   O O   . GLN A 1 7   ? 4.837   -0.920  -9.475  1.00 29.63  ? 269 GLN A O   1 
ATOM   32   C CB  . GLN A 1 7   ? 5.852   -2.259  -12.380 1.00 33.45  ? 269 GLN A CB  1 
ATOM   33   C CG  . GLN A 1 7   ? 5.914   -3.492  -13.307 1.00 55.77  ? 269 GLN A CG  1 
ATOM   34   C CD  . GLN A 1 7   ? 7.125   -4.384  -13.088 1.00 78.47  ? 269 GLN A CD  1 
ATOM   35   O OE1 . GLN A 1 7   ? 8.271   -3.925  -12.967 1.00 73.23  ? 269 GLN A OE1 1 
ATOM   36   N NE2 . GLN A 1 7   ? 6.892   -5.688  -13.068 1.00 69.68  ? 269 GLN A NE2 1 
ATOM   37   N N   . VAL A 1 8   ? 7.012   -0.656  -10.026 1.00 28.77  ? 270 VAL A N   1 
ATOM   38   C CA  . VAL A 1 8   ? 7.205   0.607   -9.299  1.00 27.26  ? 270 VAL A CA  1 
ATOM   39   C C   . VAL A 1 8   ? 6.153   1.648   -9.755  1.00 31.88  ? 270 VAL A C   1 
ATOM   40   O O   . VAL A 1 8   ? 5.942   1.828   -10.954 1.00 31.63  ? 270 VAL A O   1 
ATOM   41   C CB  . VAL A 1 8   ? 8.668   1.113   -9.495  1.00 29.38  ? 270 VAL A CB  1 
ATOM   42   C CG1 . VAL A 1 8   ? 8.851   2.530   -8.958  1.00 28.36  ? 270 VAL A CG1 1 
ATOM   43   C CG2 . VAL A 1 8   ? 9.677   0.148   -8.858  1.00 28.84  ? 270 VAL A CG2 1 
ATOM   44   N N   . GLY A 1 9   ? 5.500   2.299   -8.804  1.00 28.45  ? 271 GLY A N   1 
ATOM   45   C CA  . GLY A 1 9   ? 4.509   3.316   -9.110  1.00 28.42  ? 271 GLY A CA  1 
ATOM   46   C C   . GLY A 1 9   ? 3.079   2.828   -9.106  1.00 31.27  ? 271 GLY A C   1 
ATOM   47   O O   . GLY A 1 9   ? 2.158   3.643   -9.136  1.00 31.46  ? 271 GLY A O   1 
ATOM   48   N N   . ASP A 1 10  ? 2.885   1.495   -9.108  1.00 29.18  ? 272 ASP A N   1 
ATOM   49   C CA  . ASP A 1 10  ? 1.562   0.872   -9.029  1.00 27.38  ? 272 ASP A CA  1 
ATOM   50   C C   . ASP A 1 10  ? 0.935   1.178   -7.672  1.00 31.26  ? 272 ASP A C   1 
ATOM   51   O O   . ASP A 1 10  ? 1.616   1.114   -6.630  1.00 29.45  ? 272 ASP A O   1 
ATOM   52   C CB  . ASP A 1 10  ? 1.643   -0.654  -9.210  1.00 28.28  ? 272 ASP A CB  1 
ATOM   53   C CG  . ASP A 1 10  ? 1.784   -1.135  -10.646 1.00 33.39  ? 272 ASP A CG  1 
ATOM   54   O OD1 . ASP A 1 10  ? 1.724   -0.296  -11.562 1.00 36.35  ? 272 ASP A OD1 1 
ATOM   55   O OD2 . ASP A 1 10  ? 1.969   -2.340  -10.845 1.00 35.44  ? 272 ASP A OD2 1 
ATOM   56   N N   . LEU A 1 11  ? -0.368  1.506   -7.692  1.00 26.73  ? 273 LEU A N   1 
ATOM   57   C CA  . LEU A 1 11  ? -1.134  1.745   -6.486  1.00 27.24  ? 273 LEU A CA  1 
ATOM   58   C C   . LEU A 1 11  ? -1.730  0.424   -6.041  1.00 30.02  ? 273 LEU A C   1 
ATOM   59   O O   . LEU A 1 11  ? -2.336  -0.316  -6.837  1.00 27.71  ? 273 LEU A O   1 
ATOM   60   C CB  . LEU A 1 11  ? -2.223  2.805   -6.712  1.00 27.45  ? 273 LEU A CB  1 
ATOM   61   C CG  . LEU A 1 11  ? -1.738  4.202   -7.092  1.00 32.23  ? 273 LEU A CG  1 
ATOM   62   C CD1 . LEU A 1 11  ? -2.914  5.153   -7.154  1.00 33.18  ? 273 LEU A CD1 1 
ATOM   63   C CD2 . LEU A 1 11  ? -0.690  4.735   -6.094  1.00 31.63  ? 273 LEU A CD2 1 
ATOM   64   N N   . VAL A 1 12  ? -1.515  0.106   -4.768  1.00 27.18  ? 274 VAL A N   1 
ATOM   65   C CA  . VAL A 1 12  ? -1.976  -1.134  -4.161  1.00 26.07  ? 274 VAL A CA  1 
ATOM   66   C C   . VAL A 1 12  ? -2.555  -0.897  -2.780  1.00 28.20  ? 274 VAL A C   1 
ATOM   67   O O   . VAL A 1 12  ? -2.293  0.127   -2.164  1.00 26.11  ? 274 VAL A O   1 
ATOM   68   C CB  . VAL A 1 12  ? -0.842  -2.211  -4.095  1.00 29.31  ? 274 VAL A CB  1 
ATOM   69   C CG1 . VAL A 1 12  ? -0.371  -2.640  -5.483  1.00 29.02  ? 274 VAL A CG1 1 
ATOM   70   C CG2 . VAL A 1 12  ? 0.352   -1.759  -3.227  1.00 28.51  ? 274 VAL A CG2 1 
ATOM   71   N N   . TRP A 1 13  ? -3.359  -1.854  -2.307  1.00 25.99  ? 275 TRP A N   1 
ATOM   72   C CA  . TRP A 1 13  ? -3.842  -1.930  -0.942  1.00 25.79  ? 275 TRP A CA  1 
ATOM   73   C C   . TRP A 1 13  ? -2.924  -2.947  -0.284  1.00 28.18  ? 275 TRP A C   1 
ATOM   74   O O   . TRP A 1 13  ? -2.662  -3.989  -0.888  1.00 28.92  ? 275 TRP A O   1 
ATOM   75   C CB  . TRP A 1 13  ? -5.253  -2.516  -0.884  1.00 25.27  ? 275 TRP A CB  1 
ATOM   76   C CG  . TRP A 1 13  ? -6.352  -1.644  -1.398  1.00 25.93  ? 275 TRP A CG  1 
ATOM   77   C CD1 . TRP A 1 13  ? -6.956  -1.725  -2.620  1.00 28.80  ? 275 TRP A CD1 1 
ATOM   78   C CD2 . TRP A 1 13  ? -7.089  -0.681  -0.644  1.00 25.61  ? 275 TRP A CD2 1 
ATOM   79   N NE1 . TRP A 1 13  ? -8.031  -0.864  -2.671  1.00 28.05  ? 275 TRP A NE1 1 
ATOM   80   C CE2 . TRP A 1 13  ? -8.143  -0.221  -1.468  1.00 29.38  ? 275 TRP A CE2 1 
ATOM   81   C CE3 . TRP A 1 13  ? -6.990  -0.183  0.670   1.00 26.97  ? 275 TRP A CE3 1 
ATOM   82   C CZ2 . TRP A 1 13  ? -9.076  0.725   -1.028  1.00 28.08  ? 275 TRP A CZ2 1 
ATOM   83   C CZ3 . TRP A 1 13  ? -7.893  0.784   1.088   1.00 28.55  ? 275 TRP A CZ3 1 
ATOM   84   C CH2 . TRP A 1 13  ? -8.929  1.217   0.246   1.00 29.02  ? 275 TRP A CH2 1 
ATOM   85   N N   . SER A 1 14  ? -2.469  -2.694  0.956   1.00 25.28  ? 276 SER A N   1 
ATOM   86   C CA  . SER A 1 14  ? -1.646  -3.676  1.680   1.00 24.65  ? 276 SER A CA  1 
ATOM   87   C C   . SER A 1 14  ? -2.279  -3.965  3.023   1.00 28.06  ? 276 SER A C   1 
ATOM   88   O O   . SER A 1 14  ? -2.702  -3.031  3.702   1.00 28.71  ? 276 SER A O   1 
ATOM   89   C CB  . SER A 1 14  ? -0.217  -3.178  1.891   1.00 25.43  ? 276 SER A CB  1 
ATOM   90   O OG  . SER A 1 14  ? 0.406   -2.868  0.659   1.00 30.41  ? 276 SER A OG  1 
ATOM   91   N N   . LYS A 1 15  ? -2.311  -5.250  3.424   1.00 27.04  ? 277 LYS A N   1 
ATOM   92   C CA  . LYS A 1 15  ? -2.870  -5.708  4.706   1.00 27.65  ? 277 LYS A CA  1 
ATOM   93   C C   . LYS A 1 15  ? -1.686  -6.127  5.567   1.00 32.54  ? 277 LYS A C   1 
ATOM   94   O O   . LYS A 1 15  ? -1.062  -7.150  5.285   1.00 31.17  ? 277 LYS A O   1 
ATOM   95   C CB  . LYS A 1 15  ? -3.863  -6.876  4.481   1.00 29.93  ? 277 LYS A CB  1 
ATOM   96   C CG  . LYS A 1 15  ? -4.588  -7.358  5.756   1.00 35.73  ? 277 LYS A CG  1 
ATOM   97   C CD  . LYS A 1 15  ? -5.764  -6.451  6.166   1.00 42.23  ? 277 LYS A CD  1 
ATOM   98   C CE  . LYS A 1 15  ? -6.523  -6.984  7.369   1.00 46.04  ? 277 LYS A CE  1 
ATOM   99   N NZ  . LYS A 1 15  ? -5.823  -6.673  8.646   1.00 51.83  ? 277 LYS A NZ  1 
ATOM   100  N N   . VAL A 1 16  ? -1.329  -5.304  6.571   1.00 29.94  ? 278 VAL A N   1 
ATOM   101  C CA  . VAL A 1 16  ? -0.138  -5.530  7.388   1.00 30.07  ? 278 VAL A CA  1 
ATOM   102  C C   . VAL A 1 16  ? -0.452  -5.502  8.894   1.00 35.49  ? 278 VAL A C   1 
ATOM   103  O O   . VAL A 1 16  ? -1.080  -4.566  9.382   1.00 33.93  ? 278 VAL A O   1 
ATOM   104  C CB  . VAL A 1 16  ? 0.972   -4.507  6.998   1.00 33.90  ? 278 VAL A CB  1 
ATOM   105  C CG1 . VAL A 1 16  ? 2.179   -4.587  7.930   1.00 34.26  ? 278 VAL A CG1 1 
ATOM   106  C CG2 . VAL A 1 16  ? 1.411   -4.675  5.540   1.00 33.02  ? 278 VAL A CG2 1 
ATOM   107  N N   . GLY A 1 17  ? 0.035   -6.508  9.610   1.00 33.97  ? 279 GLY A N   1 
ATOM   108  C CA  . GLY A 1 17  ? -0.138  -6.621  11.052  1.00 33.79  ? 279 GLY A CA  1 
ATOM   109  C C   . GLY A 1 17  ? -1.581  -6.492  11.486  1.00 35.80  ? 279 GLY A C   1 
ATOM   110  O O   . GLY A 1 17  ? -2.458  -7.146  10.924  1.00 36.07  ? 279 GLY A O   1 
ATOM   111  N N   . THR A 1 18  ? -1.831  -5.574  12.422  1.00 32.53  ? 280 THR A N   1 
ATOM   112  C CA  . THR A 1 18  ? -3.155  -5.308  12.999  1.00 31.90  ? 280 THR A CA  1 
ATOM   113  C C   . THR A 1 18  ? -3.914  -4.219  12.250  1.00 34.99  ? 280 THR A C   1 
ATOM   114  O O   . THR A 1 18  ? -5.017  -3.847  12.652  1.00 34.20  ? 280 THR A O   1 
ATOM   115  C CB  . THR A 1 18  ? -3.005  -4.899  14.481  1.00 42.45  ? 280 THR A CB  1 
ATOM   116  O OG1 . THR A 1 18  ? -2.267  -3.681  14.575  1.00 38.03  ? 280 THR A OG1 1 
ATOM   117  C CG2 . THR A 1 18  ? -2.365  -5.974  15.326  1.00 40.20  ? 280 THR A CG2 1 
ATOM   118  N N   . TYR A 1 19  ? -3.323  -3.697  11.168  1.00 31.20  ? 281 TYR A N   1 
ATOM   119  C CA  . TYR A 1 19  ? -3.902  -2.590  10.429  1.00 30.24  ? 281 TYR A CA  1 
ATOM   120  C C   . TYR A 1 19  ? -4.875  -3.016  9.338   1.00 32.14  ? 281 TYR A C   1 
ATOM   121  O O   . TYR A 1 19  ? -4.733  -4.094  8.747   1.00 31.28  ? 281 TYR A O   1 
ATOM   122  C CB  . TYR A 1 19  ? -2.783  -1.695  9.873   1.00 31.73  ? 281 TYR A CB  1 
ATOM   123  C CG  . TYR A 1 19  ? -1.946  -1.063  10.966  1.00 34.42  ? 281 TYR A CG  1 
ATOM   124  C CD1 . TYR A 1 19  ? -0.854  -1.735  11.507  1.00 37.34  ? 281 TYR A CD1 1 
ATOM   125  C CD2 . TYR A 1 19  ? -2.250  0.199   11.465  1.00 35.72  ? 281 TYR A CD2 1 
ATOM   126  C CE1 . TYR A 1 19  ? -0.078  -1.163  12.512  1.00 38.76  ? 281 TYR A CE1 1 
ATOM   127  C CE2 . TYR A 1 19  ? -1.495  0.771   12.493  1.00 37.13  ? 281 TYR A CE2 1 
ATOM   128  C CZ  . TYR A 1 19  ? -0.407  0.084   13.007  1.00 46.79  ? 281 TYR A CZ  1 
ATOM   129  O OH  . TYR A 1 19  ? 0.367   0.623   14.009  1.00 53.26  ? 281 TYR A OH  1 
ATOM   130  N N   . PRO A 1 20  ? -5.881  -2.168  9.042   1.00 28.87  ? 282 PRO A N   1 
ATOM   131  C CA  . PRO A 1 20  ? -6.815  -2.498  7.956   1.00 27.92  ? 282 PRO A CA  1 
ATOM   132  C C   . PRO A 1 20  ? -6.130  -2.360  6.594   1.00 30.68  ? 282 PRO A C   1 
ATOM   133  O O   . PRO A 1 20  ? -5.050  -1.755  6.520   1.00 29.17  ? 282 PRO A O   1 
ATOM   134  C CB  . PRO A 1 20  ? -7.891  -1.416  8.105   1.00 29.78  ? 282 PRO A CB  1 
ATOM   135  C CG  . PRO A 1 20  ? -7.177  -0.243  8.642   1.00 33.48  ? 282 PRO A CG  1 
ATOM   136  C CD  . PRO A 1 20  ? -6.181  -0.835  9.619   1.00 29.92  ? 282 PRO A CD  1 
ATOM   137  N N   . TRP A 1 21  ? -6.750  -2.898  5.521   1.00 28.02  ? 283 TRP A N   1 
ATOM   138  C CA  . TRP A 1 21  ? -6.248  -2.730  4.151   1.00 28.61  ? 283 TRP A CA  1 
ATOM   139  C C   . TRP A 1 21  ? -5.906  -1.236  3.979   1.00 32.27  ? 283 TRP A C   1 
ATOM   140  O O   . TRP A 1 21  ? -6.725  -0.362  4.305   1.00 31.11  ? 283 TRP A O   1 
ATOM   141  C CB  . TRP A 1 21  ? -7.314  -3.157  3.154   1.00 27.96  ? 283 TRP A CB  1 
ATOM   142  C CG  . TRP A 1 21  ? -7.470  -4.645  3.066   1.00 29.34  ? 283 TRP A CG  1 
ATOM   143  C CD1 . TRP A 1 21  ? -8.417  -5.417  3.681   1.00 32.40  ? 283 TRP A CD1 1 
ATOM   144  C CD2 . TRP A 1 21  ? -6.635  -5.543  2.330   1.00 29.11  ? 283 TRP A CD2 1 
ATOM   145  N NE1 . TRP A 1 21  ? -8.224  -6.743  3.361   1.00 31.69  ? 283 TRP A NE1 1 
ATOM   146  C CE2 . TRP A 1 21  ? -7.145  -6.848  2.524   1.00 33.04  ? 283 TRP A CE2 1 
ATOM   147  C CE3 . TRP A 1 21  ? -5.517  -5.368  1.498   1.00 30.18  ? 283 TRP A CE3 1 
ATOM   148  C CZ2 . TRP A 1 21  ? -6.573  -7.972  1.919   1.00 32.64  ? 283 TRP A CZ2 1 
ATOM   149  C CZ3 . TRP A 1 21  ? -4.937  -6.486  0.912   1.00 32.26  ? 283 TRP A CZ3 1 
ATOM   150  C CH2 . TRP A 1 21  ? -5.468  -7.771  1.119   1.00 33.20  ? 283 TRP A CH2 1 
ATOM   151  N N   . TRP A 1 22  ? -4.653  -0.956  3.589   1.00 28.20  ? 284 TRP A N   1 
ATOM   152  C CA  . TRP A 1 22  ? -4.129  0.394   3.563   1.00 26.78  ? 284 TRP A CA  1 
ATOM   153  C C   . TRP A 1 22  ? -3.667  0.845   2.186   1.00 26.70  ? 284 TRP A C   1 
ATOM   154  O O   . TRP A 1 22  ? -2.979  0.074   1.526   1.00 27.54  ? 284 TRP A O   1 
ATOM   155  C CB  . TRP A 1 22  ? -2.967  0.484   4.575   1.00 26.29  ? 284 TRP A CB  1 
ATOM   156  C CG  . TRP A 1 22  ? -2.765  1.865   5.121   1.00 27.60  ? 284 TRP A CG  1 
ATOM   157  C CD1 . TRP A 1 22  ? -2.101  2.900   4.523   1.00 30.57  ? 284 TRP A CD1 1 
ATOM   158  C CD2 . TRP A 1 22  ? -3.310  2.386   6.341   1.00 27.74  ? 284 TRP A CD2 1 
ATOM   159  N NE1 . TRP A 1 22  ? -2.195  4.037   5.300   1.00 30.42  ? 284 TRP A NE1 1 
ATOM   160  C CE2 . TRP A 1 22  ? -2.898  3.738   6.441   1.00 32.21  ? 284 TRP A CE2 1 
ATOM   161  C CE3 . TRP A 1 22  ? -4.040  1.818   7.405   1.00 28.79  ? 284 TRP A CE3 1 
ATOM   162  C CZ2 . TRP A 1 22  ? -3.222  4.537   7.540   1.00 31.88  ? 284 TRP A CZ2 1 
ATOM   163  C CZ3 . TRP A 1 22  ? -4.350  2.608   8.498   1.00 30.42  ? 284 TRP A CZ3 1 
ATOM   164  C CH2 . TRP A 1 22  ? -3.940  3.948   8.565   1.00 31.15  ? 284 TRP A CH2 1 
ATOM   165  N N   . PRO A 1 23  ? -3.968  2.102   1.770   1.00 23.47  ? 285 PRO A N   1 
ATOM   166  C CA  . PRO A 1 23  ? -3.486  2.587   0.448   1.00 23.50  ? 285 PRO A CA  1 
ATOM   167  C C   . PRO A 1 23  ? -1.949  2.734   0.433   1.00 26.47  ? 285 PRO A C   1 
ATOM   168  O O   . PRO A 1 23  ? -1.365  3.316   1.358   1.00 25.26  ? 285 PRO A O   1 
ATOM   169  C CB  . PRO A 1 23  ? -4.180  3.949   0.296   1.00 24.08  ? 285 PRO A CB  1 
ATOM   170  C CG  . PRO A 1 23  ? -4.460  4.397   1.692   1.00 28.07  ? 285 PRO A CG  1 
ATOM   171  C CD  . PRO A 1 23  ? -4.781  3.140   2.456   1.00 24.17  ? 285 PRO A CD  1 
ATOM   172  N N   . CYS A 1 24  ? -1.312  2.149   -0.600  1.00 24.37  ? 286 CYS A N   1 
ATOM   173  C CA  . CYS A 1 24  ? 0.140   2.092   -0.799  1.00 23.95  ? 286 CYS A CA  1 
ATOM   174  C C   . CYS A 1 24  ? 0.571   2.377   -2.233  1.00 25.70  ? 286 CYS A C   1 
ATOM   175  O O   . CYS A 1 24  ? -0.226  2.299   -3.162  1.00 24.90  ? 286 CYS A O   1 
ATOM   176  C CB  . CYS A 1 24  ? 0.664   0.721   -0.368  1.00 23.80  ? 286 CYS A CB  1 
ATOM   177  S SG  . CYS A 1 24  ? 0.403   0.334   1.378   1.00 27.53  ? 286 CYS A SG  1 
ATOM   178  N N   . MET A 1 25  ? 1.873   2.619   -2.413  1.00 23.43  ? 287 MET A N   1 
ATOM   179  C CA  . MET A 1 25  ? 2.486   2.714   -3.744  1.00 23.13  ? 287 MET A CA  1 
ATOM   180  C C   . MET A 1 25  ? 3.686   1.768   -3.745  1.00 26.59  ? 287 MET A C   1 
ATOM   181  O O   . MET A 1 25  ? 4.508   1.839   -2.829  1.00 24.77  ? 287 MET A O   1 
ATOM   182  C CB  . MET A 1 25  ? 2.908   4.150   -4.113  1.00 24.72  ? 287 MET A CB  1 
ATOM   183  C CG  . MET A 1 25  ? 3.452   4.241   -5.546  1.00 27.35  ? 287 MET A CG  1 
ATOM   184  S SD  . MET A 1 25  ? 4.107   5.849   -6.033  1.00 30.10  ? 287 MET A SD  1 
ATOM   185  C CE  . MET A 1 25  ? 5.602   5.914   -5.111  1.00 26.66  ? 287 MET A CE  1 
ATOM   186  N N   . VAL A 1 26  ? 3.775   0.875   -4.759  1.00 24.31  ? 288 VAL A N   1 
ATOM   187  C CA  . VAL A 1 26  ? 4.920   -0.028  -4.933  1.00 24.61  ? 288 VAL A CA  1 
ATOM   188  C C   . VAL A 1 26  ? 6.161   0.834   -5.238  1.00 26.71  ? 288 VAL A C   1 
ATOM   189  O O   . VAL A 1 26  ? 6.101   1.769   -6.040  1.00 26.74  ? 288 VAL A O   1 
ATOM   190  C CB  . VAL A 1 26  ? 4.663   -1.093  -6.049  1.00 28.78  ? 288 VAL A CB  1 
ATOM   191  C CG1 . VAL A 1 26  ? 5.880   -1.999  -6.237  1.00 28.84  ? 288 VAL A CG1 1 
ATOM   192  C CG2 . VAL A 1 26  ? 3.423   -1.932  -5.732  1.00 28.60  ? 288 VAL A CG2 1 
ATOM   193  N N   . SER A 1 27  ? 7.269   0.542   -4.572  1.00 23.18  ? 289 SER A N   1 
ATOM   194  C CA  . SER A 1 27  ? 8.499   1.298   -4.789  1.00 22.58  ? 289 SER A CA  1 
ATOM   195  C C   . SER A 1 27  ? 9.722   0.364   -4.669  1.00 28.33  ? 289 SER A C   1 
ATOM   196  O O   . SER A 1 27  ? 9.620   -0.710  -4.095  1.00 26.89  ? 289 SER A O   1 
ATOM   197  C CB  . SER A 1 27  ? 8.595   2.431   -3.766  1.00 23.68  ? 289 SER A CB  1 
ATOM   198  O OG  . SER A 1 27  ? 8.795   1.912   -2.456  1.00 28.17  ? 289 SER A OG  1 
ATOM   199  N N   . SER A 1 28  ? 10.885  0.816   -5.147  1.00 27.78  ? 290 SER A N   1 
ATOM   200  C CA  . SER A 1 28  ? 12.140  0.068   -5.021  1.00 28.08  ? 290 SER A CA  1 
ATOM   201  C C   . SER A 1 28  ? 12.717  0.242   -3.596  1.00 32.15  ? 290 SER A C   1 
ATOM   202  O O   . SER A 1 28  ? 12.747  1.357   -3.075  1.00 32.19  ? 290 SER A O   1 
ATOM   203  C CB  . SER A 1 28  ? 13.132  0.566   -6.072  1.00 32.69  ? 290 SER A CB  1 
ATOM   204  O OG  . SER A 1 28  ? 14.303  -0.228  -6.108  1.00 48.05  ? 290 SER A OG  1 
ATOM   205  N N   . ASP A 1 29  ? 13.091  -0.865  -2.933  1.00 29.68  ? 291 ASP A N   1 
ATOM   206  C CA  . ASP A 1 29  ? 13.686  -0.809  -1.593  1.00 30.62  ? 291 ASP A CA  1 
ATOM   207  C C   . ASP A 1 29  ? 14.962  0.071   -1.681  1.00 37.37  ? 291 ASP A C   1 
ATOM   208  O O   . ASP A 1 29  ? 15.731  -0.088  -2.628  1.00 36.25  ? 291 ASP A O   1 
ATOM   209  C CB  . ASP A 1 29  ? 14.033  -2.228  -1.090  1.00 32.33  ? 291 ASP A CB  1 
ATOM   210  C CG  . ASP A 1 29  ? 14.681  -2.277  0.286   1.00 42.02  ? 291 ASP A CG  1 
ATOM   211  O OD1 . ASP A 1 29  ? 15.802  -1.749  0.437   1.00 45.14  ? 291 ASP A OD1 1 
ATOM   212  O OD2 . ASP A 1 29  ? 14.079  -2.852  1.200   1.00 45.53  ? 291 ASP A OD2 1 
ATOM   213  N N   . PRO A 1 30  ? 15.175  1.039   -0.759  1.00 38.64  ? 292 PRO A N   1 
ATOM   214  C CA  . PRO A 1 30  ? 16.359  1.917   -0.869  1.00 40.06  ? 292 PRO A CA  1 
ATOM   215  C C   . PRO A 1 30  ? 17.730  1.223   -0.859  1.00 48.09  ? 292 PRO A C   1 
ATOM   216  O O   . PRO A 1 30  ? 18.675  1.757   -1.446  1.00 48.97  ? 292 PRO A O   1 
ATOM   217  C CB  . PRO A 1 30  ? 16.200  2.864   0.326   1.00 41.47  ? 292 PRO A CB  1 
ATOM   218  C CG  . PRO A 1 30  ? 15.348  2.104   1.295   1.00 45.18  ? 292 PRO A CG  1 
ATOM   219  C CD  . PRO A 1 30  ? 14.355  1.413   0.410   1.00 40.48  ? 292 PRO A CD  1 
ATOM   220  N N   . GLN A 1 31  ? 17.832  0.045   -0.208  1.00 45.49  ? 293 GLN A N   1 
ATOM   221  C CA  . GLN A 1 31  ? 19.068  -0.737  -0.071  1.00 45.78  ? 293 GLN A CA  1 
ATOM   222  C C   . GLN A 1 31  ? 19.189  -1.913  -1.041  1.00 47.98  ? 293 GLN A C   1 
ATOM   223  O O   . GLN A 1 31  ? 20.253  -2.099  -1.634  1.00 47.66  ? 293 GLN A O   1 
ATOM   224  C CB  . GLN A 1 31  ? 19.233  -1.234  1.374   1.00 47.78  ? 293 GLN A CB  1 
ATOM   225  C CG  . GLN A 1 31  ? 19.802  -0.177  2.320   1.00 70.86  ? 293 GLN A CG  1 
ATOM   226  C CD  . GLN A 1 31  ? 18.735  0.488   3.149   1.00 93.59  ? 293 GLN A CD  1 
ATOM   227  O OE1 . GLN A 1 31  ? 18.195  -0.097  4.094   1.00 92.04  ? 293 GLN A OE1 1 
ATOM   228  N NE2 . GLN A 1 31  ? 18.441  1.740   2.847   1.00 85.17  ? 293 GLN A NE2 1 
ATOM   229  N N   . LEU A 1 32  ? 18.119  -2.714  -1.202  1.00 41.89  ? 294 LEU A N   1 
ATOM   230  C CA  . LEU A 1 32  ? 18.164  -3.869  -2.100  1.00 41.00  ? 294 LEU A CA  1 
ATOM   231  C C   . LEU A 1 32  ? 18.025  -3.488  -3.564  1.00 42.81  ? 294 LEU A C   1 
ATOM   232  O O   . LEU A 1 32  ? 18.342  -4.296  -4.439  1.00 42.38  ? 294 LEU A O   1 
ATOM   233  C CB  . LEU A 1 32  ? 17.116  -4.926  -1.701  1.00 41.29  ? 294 LEU A CB  1 
ATOM   234  C CG  . LEU A 1 32  ? 17.258  -5.527  -0.298  1.00 46.11  ? 294 LEU A CG  1 
ATOM   235  C CD1 . LEU A 1 32  ? 16.030  -6.325  0.072   1.00 45.87  ? 294 LEU A CD1 1 
ATOM   236  C CD2 . LEU A 1 32  ? 18.515  -6.403  -0.188  1.00 49.43  ? 294 LEU A CD2 1 
ATOM   237  N N   . GLU A 1 33  ? 17.515  -2.262  -3.825  1.00 38.26  ? 295 GLU A N   1 
ATOM   238  C CA  . GLU A 1 33  ? 17.276  -1.674  -5.150  1.00 37.90  ? 295 GLU A CA  1 
ATOM   239  C C   . GLU A 1 33  ? 16.373  -2.557  -6.036  1.00 40.45  ? 295 GLU A C   1 
ATOM   240  O O   . GLU A 1 33  ? 16.533  -2.610  -7.263  1.00 41.39  ? 295 GLU A O   1 
ATOM   241  C CB  . GLU A 1 33  ? 18.598  -1.281  -5.842  1.00 38.97  ? 295 GLU A CB  1 
ATOM   242  C CG  . GLU A 1 33  ? 19.327  -0.183  -5.087  1.00 47.04  ? 295 GLU A CG  1 
ATOM   243  C CD  . GLU A 1 33  ? 20.629  0.301   -5.704  1.00 69.82  ? 295 GLU A CD  1 
ATOM   244  O OE1 . GLU A 1 33  ? 21.397  -0.541  -6.227  1.00 59.87  ? 295 GLU A OE1 1 
ATOM   245  O OE2 . GLU A 1 33  ? 20.900  1.521   -5.624  1.00 59.73  ? 295 GLU A OE2 1 
ATOM   246  N N   . VAL A 1 34  ? 15.395  -3.231  -5.391  1.00 35.33  ? 296 VAL A N   1 
ATOM   247  C CA  . VAL A 1 34  ? 14.368  -4.060  -6.036  1.00 33.63  ? 296 VAL A CA  1 
ATOM   248  C C   . VAL A 1 34  ? 13.002  -3.719  -5.405  1.00 34.66  ? 296 VAL A C   1 
ATOM   249  O O   . VAL A 1 34  ? 12.946  -3.399  -4.213  1.00 33.19  ? 296 VAL A O   1 
ATOM   250  C CB  . VAL A 1 34  ? 14.642  -5.590  -5.967  1.00 38.11  ? 296 VAL A CB  1 
ATOM   251  C CG1 . VAL A 1 34  ? 15.738  -6.013  -6.942  1.00 38.38  ? 296 VAL A CG1 1 
ATOM   252  C CG2 . VAL A 1 34  ? 14.946  -6.056  -4.544  1.00 38.05  ? 296 VAL A CG2 1 
ATOM   253  N N   . HIS A 1 35  ? 11.918  -3.812  -6.190  1.00 30.24  ? 297 HIS A N   1 
ATOM   254  C CA  . HIS A 1 35  ? 10.557  -3.553  -5.708  1.00 29.20  ? 297 HIS A CA  1 
ATOM   255  C C   . HIS A 1 35  ? 9.859   -4.886  -5.372  1.00 33.21  ? 297 HIS A C   1 
ATOM   256  O O   . HIS A 1 35  ? 8.741   -4.912  -4.842  1.00 32.42  ? 297 HIS A O   1 
ATOM   257  C CB  . HIS A 1 35  ? 9.760   -2.743  -6.750  1.00 29.55  ? 297 HIS A CB  1 
ATOM   258  C CG  . HIS A 1 35  ? 9.342   -3.561  -7.928  1.00 33.36  ? 297 HIS A CG  1 
ATOM   259  N ND1 . HIS A 1 35  ? 10.202  -3.784  -8.985  1.00 35.34  ? 297 HIS A ND1 1 
ATOM   260  C CD2 . HIS A 1 35  ? 8.196   -4.254  -8.137  1.00 35.34  ? 297 HIS A CD2 1 
ATOM   261  C CE1 . HIS A 1 35  ? 9.552   -4.586  -9.813  1.00 35.24  ? 297 HIS A CE1 1 
ATOM   262  N NE2 . HIS A 1 35  ? 8.339   -4.897  -9.345  1.00 35.45  ? 297 HIS A NE2 1 
ATOM   263  N N   . THR A 1 36  ? 10.516  -5.999  -5.727  1.00 30.28  ? 298 THR A N   1 
ATOM   264  C CA  . THR A 1 36  ? 10.001  -7.336  -5.482  1.00 30.18  ? 298 THR A CA  1 
ATOM   265  C C   . THR A 1 36  ? 11.154  -8.282  -5.143  1.00 34.17  ? 298 THR A C   1 
ATOM   266  O O   . THR A 1 36  ? 12.304  -8.005  -5.511  1.00 32.57  ? 298 THR A O   1 
ATOM   267  C CB  . THR A 1 36  ? 9.121   -7.822  -6.655  1.00 33.44  ? 298 THR A CB  1 
ATOM   268  O OG1 . THR A 1 36  ? 8.457   -9.013  -6.260  1.00 33.21  ? 298 THR A OG1 1 
ATOM   269  C CG2 . THR A 1 36  ? 9.914   -8.064  -7.946  1.00 35.44  ? 298 THR A CG2 1 
ATOM   270  N N   . LYS A 1 37  ? 10.843  -9.368  -4.418  1.00 31.10  ? 299 LYS A N   1 
ATOM   271  C CA  . LYS A 1 37  ? 11.820  -10.396 -4.032  1.00 31.56  ? 299 LYS A CA  1 
ATOM   272  C C   . LYS A 1 37  ? 11.125  -11.650 -3.584  1.00 36.53  ? 299 LYS A C   1 
ATOM   273  O O   . LYS A 1 37  ? 9.929   -11.641 -3.257  1.00 35.33  ? 299 LYS A O   1 
ATOM   274  C CB  . LYS A 1 37  ? 12.758  -9.896  -2.897  1.00 33.72  ? 299 LYS A CB  1 
ATOM   275  C CG  . LYS A 1 37  ? 12.116  -9.890  -1.515  1.00 38.81  ? 299 LYS A CG  1 
ATOM   276  C CD  . LYS A 1 37  ? 13.020  -9.327  -0.475  1.00 40.24  ? 299 LYS A CD  1 
ATOM   277  C CE  . LYS A 1 37  ? 12.391  -9.477  0.881   1.00 43.12  ? 299 LYS A CE  1 
ATOM   278  N NZ  . LYS A 1 37  ? 13.144  -8.710  1.911   1.00 45.08  ? 299 LYS A NZ  1 
ATOM   279  N N   . ILE A 1 38  ? 11.903  -12.735 -3.502  1.00 33.84  ? 300 ILE A N   1 
ATOM   280  C CA  . ILE A 1 38  ? 11.426  -13.989 -2.943  1.00 32.95  ? 300 ILE A CA  1 
ATOM   281  C C   . ILE A 1 38  ? 11.998  -13.973 -1.534  1.00 36.87  ? 300 ILE A C   1 
ATOM   282  O O   . ILE A 1 38  ? 13.199  -13.699 -1.362  1.00 36.53  ? 300 ILE A O   1 
ATOM   283  C CB  . ILE A 1 38  ? 11.895  -15.208 -3.800  1.00 36.40  ? 300 ILE A CB  1 
ATOM   284  C CG1 . ILE A 1 38  ? 11.427  -15.077 -5.288  1.00 37.24  ? 300 ILE A CG1 1 
ATOM   285  C CG2 . ILE A 1 38  ? 11.451  -16.534 -3.192  1.00 36.28  ? 300 ILE A CG2 1 
ATOM   286  C CD1 . ILE A 1 38  ? 9.886   -14.946 -5.524  1.00 48.88  ? 300 ILE A CD1 1 
ATOM   287  N N   . ASN A 1 39  ? 11.137  -14.191 -0.530  1.00 32.89  ? 301 ASN A N   1 
ATOM   288  C CA  . ASN A 1 39  ? 11.527  -14.181 0.880   1.00 34.07  ? 301 ASN A CA  1 
ATOM   289  C C   . ASN A 1 39  ? 12.183  -15.505 1.323   1.00 40.02  ? 301 ASN A C   1 
ATOM   290  O O   . ASN A 1 39  ? 12.263  -16.450 0.533   1.00 37.72  ? 301 ASN A O   1 
ATOM   291  C CB  . ASN A 1 39  ? 10.325  -13.782 1.783   1.00 34.60  ? 301 ASN A CB  1 
ATOM   292  C CG  . ASN A 1 39  ? 9.186   -14.776 1.889   1.00 52.80  ? 301 ASN A CG  1 
ATOM   293  O OD1 . ASN A 1 39  ? 9.331   -15.994 1.704   1.00 43.43  ? 301 ASN A OD1 1 
ATOM   294  N ND2 . ASN A 1 39  ? 8.033   -14.282 2.296   1.00 43.22  ? 301 ASN A ND2 1 
ATOM   295  N N   . THR A 1 40  ? 12.598  -15.581 2.603   1.00 40.41  ? 302 THR A N   1 
ATOM   296  C CA  . THR A 1 40  ? 13.283  -16.736 3.217   1.00 41.45  ? 302 THR A CA  1 
ATOM   297  C C   . THR A 1 40  ? 12.404  -17.994 3.316   1.00 45.93  ? 302 THR A C   1 
ATOM   298  O O   . THR A 1 40  ? 12.921  -19.085 3.584   1.00 45.03  ? 302 THR A O   1 
ATOM   299  C CB  . THR A 1 40  ? 13.877  -16.341 4.567   1.00 54.39  ? 302 THR A CB  1 
ATOM   300  O OG1 . THR A 1 40  ? 12.840  -15.833 5.404   1.00 57.29  ? 302 THR A OG1 1 
ATOM   301  C CG2 . THR A 1 40  ? 14.985  -15.314 4.432   1.00 55.42  ? 302 THR A CG2 1 
ATOM   302  N N   . ARG A 1 41  ? 11.085  -17.847 3.084   1.00 42.70  ? 303 ARG A N   1 
ATOM   303  C CA  . ARG A 1 41  ? 10.136  -18.961 3.072   1.00 42.12  ? 303 ARG A CA  1 
ATOM   304  C C   . ARG A 1 41  ? 9.791   -19.356 1.628   1.00 43.73  ? 303 ARG A C   1 
ATOM   305  O O   . ARG A 1 41  ? 8.987   -20.265 1.411   1.00 43.80  ? 303 ARG A O   1 
ATOM   306  C CB  . ARG A 1 41  ? 8.882   -18.637 3.901   1.00 44.44  ? 303 ARG A CB  1 
ATOM   307  C CG  . ARG A 1 41  ? 9.128   -18.694 5.403   1.00 60.82  ? 303 ARG A CG  1 
ATOM   308  C CD  . ARG A 1 41  ? 7.893   -18.311 6.191   1.00 80.05  ? 303 ARG A CD  1 
ATOM   309  N NE  . ARG A 1 41  ? 8.186   -18.176 7.619   1.00 97.57  ? 303 ARG A NE  1 
ATOM   310  C CZ  . ARG A 1 41  ? 7.290   -17.848 8.545   1.00 117.12 ? 303 ARG A CZ  1 
ATOM   311  N NH1 . ARG A 1 41  ? 6.026   -17.621 8.207   1.00 108.64 ? 303 ARG A NH1 1 
ATOM   312  N NH2 . ARG A 1 41  ? 7.649   -17.746 9.819   1.00 104.35 ? 303 ARG A NH2 1 
ATOM   313  N N   . GLY A 1 42  ? 10.419  -18.683 0.663   1.00 39.11  ? 304 GLY A N   1 
ATOM   314  C CA  . GLY A 1 42  ? 10.241  -18.947 -0.764  1.00 38.26  ? 304 GLY A CA  1 
ATOM   315  C C   . GLY A 1 42  ? 9.026   -18.302 -1.400  1.00 42.36  ? 304 GLY A C   1 
ATOM   316  O O   . GLY A 1 42  ? 8.593   -18.724 -2.475  1.00 42.01  ? 304 GLY A O   1 
ATOM   317  N N   . ALA A 1 43  ? 8.483   -17.243 -0.764  1.00 37.96  ? 305 ALA A N   1 
ATOM   318  C CA  . ALA A 1 43  ? 7.293   -16.568 -1.263  1.00 37.11  ? 305 ALA A CA  1 
ATOM   319  C C   . ALA A 1 43  ? 7.577   -15.164 -1.773  1.00 40.02  ? 305 ALA A C   1 
ATOM   320  O O   . ALA A 1 43  ? 8.474   -14.491 -1.260  1.00 39.86  ? 305 ALA A O   1 
ATOM   321  C CB  . ALA A 1 43  ? 6.229   -16.542 -0.186  1.00 37.67  ? 305 ALA A CB  1 
ATOM   322  N N   . ARG A 1 44  ? 6.821   -14.721 -2.790  1.00 35.54  ? 306 ARG A N   1 
ATOM   323  C CA  . ARG A 1 44  ? 7.025   -13.386 -3.342  1.00 34.97  ? 306 ARG A CA  1 
ATOM   324  C C   . ARG A 1 44  ? 6.501   -12.289 -2.400  1.00 35.19  ? 306 ARG A C   1 
ATOM   325  O O   . ARG A 1 44  ? 5.444   -12.436 -1.779  1.00 33.67  ? 306 ARG A O   1 
ATOM   326  C CB  . ARG A 1 44  ? 6.432   -13.238 -4.751  1.00 36.00  ? 306 ARG A CB  1 
ATOM   327  C CG  . ARG A 1 44  ? 6.721   -11.861 -5.379  1.00 43.01  ? 306 ARG A CG  1 
ATOM   328  C CD  . ARG A 1 44  ? 6.540   -11.797 -6.875  1.00 47.92  ? 306 ARG A CD  1 
ATOM   329  N NE  . ARG A 1 44  ? 7.373   -12.766 -7.596  1.00 52.94  ? 306 ARG A NE  1 
ATOM   330  C CZ  . ARG A 1 44  ? 8.639   -12.576 -7.961  1.00 64.73  ? 306 ARG A CZ  1 
ATOM   331  N NH1 . ARG A 1 44  ? 9.287   -13.518 -8.635  1.00 59.05  ? 306 ARG A NH1 1 
ATOM   332  N NH2 . ARG A 1 44  ? 9.272   -11.452 -7.645  1.00 41.49  ? 306 ARG A NH2 1 
ATOM   333  N N   . GLU A 1 45  ? 7.289   -11.218 -2.282  1.00 32.15  ? 307 GLU A N   1 
ATOM   334  C CA  . GLU A 1 45  ? 6.957   -10.024 -1.509  1.00 31.40  ? 307 GLU A CA  1 
ATOM   335  C C   . GLU A 1 45  ? 7.143   -8.778  -2.388  1.00 34.69  ? 307 GLU A C   1 
ATOM   336  O O   . GLU A 1 45  ? 7.922   -8.800  -3.341  1.00 34.55  ? 307 GLU A O   1 
ATOM   337  C CB  . GLU A 1 45  ? 7.800   -9.923  -0.223  1.00 32.51  ? 307 GLU A CB  1 
ATOM   338  C CG  . GLU A 1 45  ? 7.417   -10.911 0.875   1.00 33.80  ? 307 GLU A CG  1 
ATOM   339  C CD  . GLU A 1 45  ? 8.247   -10.818 2.144   1.00 43.53  ? 307 GLU A CD  1 
ATOM   340  O OE1 . GLU A 1 45  ? 9.230   -10.044 2.165   1.00 38.84  ? 307 GLU A OE1 1 
ATOM   341  O OE2 . GLU A 1 45  ? 7.927   -11.539 3.117   1.00 39.93  ? 307 GLU A OE2 1 
ATOM   342  N N   . TYR A 1 46  ? 6.408   -7.701  -2.073  1.00 29.61  ? 308 TYR A N   1 
ATOM   343  C CA  . TYR A 1 46  ? 6.513   -6.422  -2.761  1.00 28.76  ? 308 TYR A CA  1 
ATOM   344  C C   . TYR A 1 46  ? 6.885   -5.362  -1.765  1.00 28.55  ? 308 TYR A C   1 
ATOM   345  O O   . TYR A 1 46  ? 6.455   -5.423  -0.614  1.00 27.14  ? 308 TYR A O   1 
ATOM   346  C CB  . TYR A 1 46  ? 5.196   -6.026  -3.457  1.00 29.95  ? 308 TYR A CB  1 
ATOM   347  C CG  . TYR A 1 46  ? 4.885   -6.920  -4.634  1.00 31.72  ? 308 TYR A CG  1 
ATOM   348  C CD1 . TYR A 1 46  ? 5.514   -6.731  -5.863  1.00 33.63  ? 308 TYR A CD1 1 
ATOM   349  C CD2 . TYR A 1 46  ? 3.998   -7.984  -4.510  1.00 32.65  ? 308 TYR A CD2 1 
ATOM   350  C CE1 . TYR A 1 46  ? 5.260   -7.578  -6.943  1.00 35.34  ? 308 TYR A CE1 1 
ATOM   351  C CE2 . TYR A 1 46  ? 3.728   -8.831  -5.585  1.00 33.78  ? 308 TYR A CE2 1 
ATOM   352  C CZ  . TYR A 1 46  ? 4.376   -8.634  -6.792  1.00 39.31  ? 308 TYR A CZ  1 
ATOM   353  O OH  . TYR A 1 46  ? 4.103   -9.461  -7.845  1.00 42.58  ? 308 TYR A OH  1 
ATOM   354  N N   . HIS A 1 47  ? 7.699   -4.418  -2.198  1.00 24.13  ? 309 HIS A N   1 
ATOM   355  C CA  . HIS A 1 47  ? 8.127   -3.307  -1.360  1.00 23.86  ? 309 HIS A CA  1 
ATOM   356  C C   . HIS A 1 47  ? 7.141   -2.172  -1.583  1.00 25.42  ? 309 HIS A C   1 
ATOM   357  O O   . HIS A 1 47  ? 6.889   -1.798  -2.721  1.00 24.07  ? 309 HIS A O   1 
ATOM   358  C CB  . HIS A 1 47  ? 9.552   -2.863  -1.701  1.00 24.54  ? 309 HIS A CB  1 
ATOM   359  C CG  . HIS A 1 47  ? 10.028  -1.753  -0.821  1.00 27.01  ? 309 HIS A CG  1 
ATOM   360  N ND1 . HIS A 1 47  ? 9.822   -0.423  -1.157  1.00 28.54  ? 309 HIS A ND1 1 
ATOM   361  C CD2 . HIS A 1 47  ? 10.646  -1.815  0.380   1.00 28.62  ? 309 HIS A CD2 1 
ATOM   362  C CE1 . HIS A 1 47  ? 10.339  0.278   -0.158  1.00 28.16  ? 309 HIS A CE1 1 
ATOM   363  N NE2 . HIS A 1 47  ? 10.817  -0.524  0.803   1.00 28.15  ? 309 HIS A NE2 1 
ATOM   364  N N   . VAL A 1 48  ? 6.545   -1.651  -0.497  1.00 23.05  ? 310 VAL A N   1 
ATOM   365  C CA  . VAL A 1 48  ? 5.528   -0.599  -0.654  1.00 22.75  ? 310 VAL A CA  1 
ATOM   366  C C   . VAL A 1 48  ? 5.790   0.587   0.261   1.00 26.39  ? 310 VAL A C   1 
ATOM   367  O O   . VAL A 1 48  ? 6.392   0.429   1.325   1.00 25.92  ? 310 VAL A O   1 
ATOM   368  C CB  . VAL A 1 48  ? 4.079   -1.154  -0.435  1.00 27.01  ? 310 VAL A CB  1 
ATOM   369  C CG1 . VAL A 1 48  ? 3.758   -2.306  -1.406  1.00 27.36  ? 310 VAL A CG1 1 
ATOM   370  C CG2 . VAL A 1 48  ? 3.844   -1.589  1.026   1.00 26.72  ? 310 VAL A CG2 1 
ATOM   371  N N   . GLN A 1 49  ? 5.244   1.738   -0.118  1.00 22.11  ? 311 GLN A N   1 
ATOM   372  C CA  . GLN A 1 49  ? 5.204   2.960   0.673   1.00 22.22  ? 311 GLN A CA  1 
ATOM   373  C C   . GLN A 1 49  ? 3.765   3.073   1.149   1.00 26.77  ? 311 GLN A C   1 
ATOM   374  O O   . GLN A 1 49  ? 2.848   2.934   0.333   1.00 25.30  ? 311 GLN A O   1 
ATOM   375  C CB  . GLN A 1 49  ? 5.463   4.181   -0.217  1.00 23.24  ? 311 GLN A CB  1 
ATOM   376  C CG  . GLN A 1 49  ? 6.865   4.237   -0.799  1.00 27.40  ? 311 GLN A CG  1 
ATOM   377  C CD  . GLN A 1 49  ? 7.228   5.572   -1.399  1.00 30.28  ? 311 GLN A CD  1 
ATOM   378  O OE1 . GLN A 1 49  ? 8.371   5.783   -1.773  1.00 28.57  ? 311 GLN A OE1 1 
ATOM   379  N NE2 . GLN A 1 49  ? 6.295   6.518   -1.502  1.00 27.42  ? 311 GLN A NE2 1 
ATOM   380  N N   . PHE A 1 50  ? 3.551   3.392   2.427   1.00 23.69  ? 312 PHE A N   1 
ATOM   381  C CA  . PHE A 1 50  ? 2.197   3.599   2.931   1.00 23.88  ? 312 PHE A CA  1 
ATOM   382  C C   . PHE A 1 50  ? 1.818   5.078   2.783   1.00 28.01  ? 312 PHE A C   1 
ATOM   383  O O   . PHE A 1 50  ? 2.582   5.943   3.215   1.00 28.42  ? 312 PHE A O   1 
ATOM   384  C CB  . PHE A 1 50  ? 2.084   3.191   4.416   1.00 25.50  ? 312 PHE A CB  1 
ATOM   385  C CG  . PHE A 1 50  ? 2.204   1.708   4.628   1.00 26.10  ? 312 PHE A CG  1 
ATOM   386  C CD1 . PHE A 1 50  ? 3.451   1.094   4.670   1.00 28.11  ? 312 PHE A CD1 1 
ATOM   387  C CD2 . PHE A 1 50  ? 1.069   0.915   4.762   1.00 27.79  ? 312 PHE A CD2 1 
ATOM   388  C CE1 . PHE A 1 50  ? 3.559   -0.288  4.773   1.00 28.84  ? 312 PHE A CE1 1 
ATOM   389  C CE2 . PHE A 1 50  ? 1.182   -0.465  4.922   1.00 30.41  ? 312 PHE A CE2 1 
ATOM   390  C CZ  . PHE A 1 50  ? 2.429   -1.056  4.937   1.00 27.91  ? 312 PHE A CZ  1 
ATOM   391  N N   . PHE A 1 51  ? 0.672   5.363   2.153   1.00 24.55  ? 313 PHE A N   1 
ATOM   392  C CA  . PHE A 1 51  ? 0.146   6.731   2.049   1.00 24.55  ? 313 PHE A CA  1 
ATOM   393  C C   . PHE A 1 51  ? -0.382  7.062   3.421   1.00 30.07  ? 313 PHE A C   1 
ATOM   394  O O   . PHE A 1 51  ? -1.165  6.281   3.973   1.00 29.67  ? 313 PHE A O   1 
ATOM   395  C CB  . PHE A 1 51  ? -0.990  6.825   1.027   1.00 26.03  ? 313 PHE A CB  1 
ATOM   396  C CG  . PHE A 1 51  ? -0.518  6.813   -0.406  1.00 26.71  ? 313 PHE A CG  1 
ATOM   397  C CD1 . PHE A 1 51  ? 0.141   7.915   -0.949  1.00 29.26  ? 313 PHE A CD1 1 
ATOM   398  C CD2 . PHE A 1 51  ? -0.762  5.721   -1.225  1.00 27.00  ? 313 PHE A CD2 1 
ATOM   399  C CE1 . PHE A 1 51  ? 0.521   7.930   -2.295  1.00 28.50  ? 313 PHE A CE1 1 
ATOM   400  C CE2 . PHE A 1 51  ? -0.361  5.732   -2.568  1.00 29.52  ? 313 PHE A CE2 1 
ATOM   401  C CZ  . PHE A 1 51  ? 0.260   6.842   -3.095  1.00 27.26  ? 313 PHE A CZ  1 
ATOM   402  N N   . SER A 1 52  ? 0.033   8.210   3.973   1.00 27.85  ? 314 SER A N   1 
ATOM   403  C CA  . SER A 1 52  ? -0.276  8.595   5.354   1.00 28.98  ? 314 SER A CA  1 
ATOM   404  C C   . SER A 1 52  ? 0.420   9.919   5.663   1.00 36.70  ? 314 SER A C   1 
ATOM   405  O O   . SER A 1 52  ? 1.262   10.363  4.884   1.00 36.68  ? 314 SER A O   1 
ATOM   406  C CB  . SER A 1 52  ? 0.363   7.559   6.286   1.00 30.93  ? 314 SER A CB  1 
ATOM   407  O OG  . SER A 1 52  ? 0.170   7.796   7.665   1.00 34.71  ? 314 SER A OG  1 
ATOM   408  N N   . ASN A 1 53  ? 0.157   10.479  6.867   1.00 34.58  ? 315 ASN A N   1 
ATOM   409  C CA  . ASN A 1 53  ? 0.864   11.659  7.370   1.00 35.12  ? 315 ASN A CA  1 
ATOM   410  C C   . ASN A 1 53  ? 2.176   11.164  7.999   1.00 39.80  ? 315 ASN A C   1 
ATOM   411  O O   . ASN A 1 53  ? 3.091   11.956  8.205   1.00 40.43  ? 315 ASN A O   1 
ATOM   412  C CB  . ASN A 1 53  ? 0.020   12.406  8.420   1.00 38.06  ? 315 ASN A CB  1 
ATOM   413  C CG  . ASN A 1 53  ? -0.317  11.550  9.623   1.00 61.37  ? 315 ASN A CG  1 
ATOM   414  O OD1 . ASN A 1 53  ? -0.873  10.447  9.494   1.00 52.25  ? 315 ASN A OD1 1 
ATOM   415  N ND2 . ASN A 1 53  ? 0.098   11.995  10.804  1.00 52.72  ? 315 ASN A ND2 1 
ATOM   416  N N   . GLN A 1 54  ? 2.262   9.841   8.296   1.00 34.92  ? 316 GLN A N   1 
ATOM   417  C CA  . GLN A 1 54  ? 3.436   9.192   8.872   1.00 33.51  ? 316 GLN A CA  1 
ATOM   418  C C   . GLN A 1 54  ? 4.066   8.310   7.767   1.00 37.61  ? 316 GLN A C   1 
ATOM   419  O O   . GLN A 1 54  ? 3.580   7.208   7.525   1.00 36.63  ? 316 GLN A O   1 
ATOM   420  C CB  . GLN A 1 54  ? 3.028   8.360   10.099  1.00 34.14  ? 316 GLN A CB  1 
ATOM   421  C CG  . GLN A 1 54  ? 4.164   7.548   10.745  1.00 35.47  ? 316 GLN A CG  1 
ATOM   422  C CD  . GLN A 1 54  ? 3.639   6.552   11.751  1.00 52.84  ? 316 GLN A CD  1 
ATOM   423  O OE1 . GLN A 1 54  ? 2.569   6.731   12.340  1.00 49.18  ? 316 GLN A OE1 1 
ATOM   424  N NE2 . GLN A 1 54  ? 4.390   5.487   11.992  1.00 44.41  ? 316 GLN A NE2 1 
ATOM   425  N N   . PRO A 1 55  ? 5.102   8.785   7.047   1.00 35.00  ? 317 PRO A N   1 
ATOM   426  C CA  . PRO A 1 55  ? 5.665   7.961   5.957   1.00 34.08  ? 317 PRO A CA  1 
ATOM   427  C C   . PRO A 1 55  ? 6.369   6.709   6.450   1.00 34.83  ? 317 PRO A C   1 
ATOM   428  O O   . PRO A 1 55  ? 7.190   6.780   7.353   1.00 34.76  ? 317 PRO A O   1 
ATOM   429  C CB  . PRO A 1 55  ? 6.594   8.921   5.218   1.00 36.14  ? 317 PRO A CB  1 
ATOM   430  C CG  . PRO A 1 55  ? 6.947   9.965   6.216   1.00 41.19  ? 317 PRO A CG  1 
ATOM   431  C CD  . PRO A 1 55  ? 5.798   10.088  7.164   1.00 36.92  ? 317 PRO A CD  1 
ATOM   432  N N   . GLU A 1 56  ? 5.996   5.545   5.894   1.00 27.93  ? 318 GLU A N   1 
ATOM   433  C CA  . GLU A 1 56  ? 6.573   4.256   6.263   1.00 26.70  ? 318 GLU A CA  1 
ATOM   434  C C   . GLU A 1 56  ? 6.613   3.374   5.024   1.00 28.07  ? 318 GLU A C   1 
ATOM   435  O O   . GLU A 1 56  ? 5.815   3.565   4.104   1.00 25.94  ? 318 GLU A O   1 
ATOM   436  C CB  . GLU A 1 56  ? 5.729   3.531   7.345   1.00 27.87  ? 318 GLU A CB  1 
ATOM   437  C CG  . GLU A 1 56  ? 5.617   4.218   8.709   1.00 38.06  ? 318 GLU A CG  1 
ATOM   438  C CD  . GLU A 1 56  ? 6.870   4.481   9.533   1.00 47.29  ? 318 GLU A CD  1 
ATOM   439  O OE1 . GLU A 1 56  ? 7.956   3.964   9.185   1.00 33.93  ? 318 GLU A OE1 1 
ATOM   440  O OE2 . GLU A 1 56  ? 6.754   5.184   10.561  1.00 44.38  ? 318 GLU A OE2 1 
ATOM   441  N N   . ARG A 1 57  ? 7.491   2.379   5.045   1.00 24.84  ? 319 ARG A N   1 
ATOM   442  C CA  . ARG A 1 57  ? 7.654   1.395   3.976   1.00 25.40  ? 319 ARG A CA  1 
ATOM   443  C C   . ARG A 1 57  ? 7.671   -0.003  4.594   1.00 29.56  ? 319 ARG A C   1 
ATOM   444  O O   . ARG A 1 57  ? 7.926   -0.143  5.798   1.00 28.54  ? 319 ARG A O   1 
ATOM   445  C CB  . ARG A 1 57  ? 8.974   1.646   3.193   1.00 26.32  ? 319 ARG A CB  1 
ATOM   446  C CG  . ARG A 1 57  ? 10.193  1.788   4.139   1.00 40.56  ? 319 ARG A CG  1 
ATOM   447  C CD  . ARG A 1 57  ? 11.550  1.515   3.535   1.00 55.81  ? 319 ARG A CD  1 
ATOM   448  N NE  . ARG A 1 57  ? 11.814  0.087   3.366   1.00 67.04  ? 319 ARG A NE  1 
ATOM   449  C CZ  . ARG A 1 57  ? 12.285  -0.716  4.312   1.00 84.69  ? 319 ARG A CZ  1 
ATOM   450  N NH1 . ARG A 1 57  ? 12.482  -2.002  4.058   1.00 80.42  ? 319 ARG A NH1 1 
ATOM   451  N NH2 . ARG A 1 57  ? 12.548  -0.244  5.526   1.00 67.03  ? 319 ARG A NH2 1 
ATOM   452  N N   . ALA A 1 58  ? 7.410   -1.041  3.779   1.00 27.43  ? 320 ALA A N   1 
ATOM   453  C CA  . ALA A 1 58  ? 7.481   -2.432  4.256   1.00 26.95  ? 320 ALA A CA  1 
ATOM   454  C C   . ALA A 1 58  ? 7.538   -3.386  3.090   1.00 30.37  ? 320 ALA A C   1 
ATOM   455  O O   . ALA A 1 58  ? 7.058   -3.058  1.999   1.00 28.94  ? 320 ALA A O   1 
ATOM   456  C CB  . ALA A 1 58  ? 6.253   -2.773  5.111   1.00 27.52  ? 320 ALA A CB  1 
ATOM   457  N N   . TRP A 1 59  ? 8.088   -4.588  3.336   1.00 28.26  ? 321 TRP A N   1 
ATOM   458  C CA  . TRP A 1 59  ? 8.022   -5.711  2.402   1.00 28.35  ? 321 TRP A CA  1 
ATOM   459  C C   . TRP A 1 59  ? 6.746   -6.440  2.798   1.00 31.03  ? 321 TRP A C   1 
ATOM   460  O O   . TRP A 1 59  ? 6.547   -6.754  3.978   1.00 30.16  ? 321 TRP A O   1 
ATOM   461  C CB  . TRP A 1 59  ? 9.248   -6.640  2.516   1.00 27.14  ? 321 TRP A CB  1 
ATOM   462  C CG  . TRP A 1 59  ? 10.429  -6.088  1.789   1.00 27.87  ? 321 TRP A CG  1 
ATOM   463  C CD1 . TRP A 1 59  ? 11.454  -5.362  2.317   1.00 30.85  ? 321 TRP A CD1 1 
ATOM   464  C CD2 . TRP A 1 59  ? 10.646  -6.120  0.371   1.00 27.33  ? 321 TRP A CD2 1 
ATOM   465  N NE1 . TRP A 1 59  ? 12.326  -4.984  1.322   1.00 30.41  ? 321 TRP A NE1 1 
ATOM   466  C CE2 . TRP A 1 59  ? 11.864  -5.456  0.120   1.00 31.04  ? 321 TRP A CE2 1 
ATOM   467  C CE3 . TRP A 1 59  ? 9.971   -6.726  -0.703  1.00 28.46  ? 321 TRP A CE3 1 
ATOM   468  C CZ2 . TRP A 1 59  ? 12.411  -5.356  -1.162  1.00 30.36  ? 321 TRP A CZ2 1 
ATOM   469  C CZ3 . TRP A 1 59  ? 10.511  -6.617  -1.977  1.00 29.55  ? 321 TRP A CZ3 1 
ATOM   470  C CH2 . TRP A 1 59  ? 11.721  -5.950  -2.197  1.00 29.86  ? 321 TRP A CH2 1 
ATOM   471  N N   . VAL A 1 60  ? 5.853   -6.658  1.823   1.00 28.17  ? 322 VAL A N   1 
ATOM   472  C CA  . VAL A 1 60  ? 4.555   -7.270  2.077   1.00 27.36  ? 322 VAL A CA  1 
ATOM   473  C C   . VAL A 1 60  ? 4.383   -8.510  1.193   1.00 32.39  ? 322 VAL A C   1 
ATOM   474  O O   . VAL A 1 60  ? 4.639   -8.440  -0.011  1.00 31.41  ? 322 VAL A O   1 
ATOM   475  C CB  . VAL A 1 60  ? 3.399   -6.245  1.855   1.00 30.39  ? 322 VAL A CB  1 
ATOM   476  C CG1 . VAL A 1 60  ? 2.038   -6.844  2.233   1.00 30.61  ? 322 VAL A CG1 1 
ATOM   477  C CG2 . VAL A 1 60  ? 3.639   -4.953  2.641   1.00 29.54  ? 322 VAL A CG2 1 
ATOM   478  N N   . HIS A 1 61  ? 3.934   -9.626  1.799   1.00 31.57  ? 323 HIS A N   1 
ATOM   479  C CA  . HIS A 1 61  ? 3.646   -10.884 1.107   1.00 32.71  ? 323 HIS A CA  1 
ATOM   480  C C   . HIS A 1 61  ? 2.636   -10.615 -0.023  1.00 36.05  ? 323 HIS A C   1 
ATOM   481  O O   . HIS A 1 61  ? 1.656   -9.901  0.195   1.00 35.35  ? 323 HIS A O   1 
ATOM   482  C CB  . HIS A 1 61  ? 3.079   -11.917 2.107   1.00 34.22  ? 323 HIS A CB  1 
ATOM   483  C CG  . HIS A 1 61  ? 3.040   -13.324 1.581   1.00 38.22  ? 323 HIS A CG  1 
ATOM   484  N ND1 . HIS A 1 61  ? 2.054   -13.741 0.710   1.00 40.44  ? 323 HIS A ND1 1 
ATOM   485  C CD2 . HIS A 1 61  ? 3.848   -14.374 1.856   1.00 40.58  ? 323 HIS A CD2 1 
ATOM   486  C CE1 . HIS A 1 61  ? 2.308   -15.018 0.454   1.00 40.00  ? 323 HIS A CE1 1 
ATOM   487  N NE2 . HIS A 1 61  ? 3.369   -15.445 1.130   1.00 40.34  ? 323 HIS A NE2 1 
ATOM   488  N N   . GLU A 1 62  ? 2.891   -11.146 -1.231  1.00 33.21  ? 324 GLU A N   1 
ATOM   489  C CA  . GLU A 1 62  ? 2.002   -10.948 -2.384  1.00 34.54  ? 324 GLU A CA  1 
ATOM   490  C C   . GLU A 1 62  ? 0.505   -11.243 -2.088  1.00 38.32  ? 324 GLU A C   1 
ATOM   491  O O   . GLU A 1 62  ? -0.351  -10.553 -2.640  1.00 38.60  ? 324 GLU A O   1 
ATOM   492  C CB  . GLU A 1 62  ? 2.493   -11.715 -3.633  1.00 36.53  ? 324 GLU A CB  1 
ATOM   493  C CG  . GLU A 1 62  ? 2.583   -13.228 -3.473  1.00 48.32  ? 324 GLU A CG  1 
ATOM   494  C CD  . GLU A 1 62  ? 2.850   -13.998 -4.753  1.00 69.58  ? 324 GLU A CD  1 
ATOM   495  O OE1 . GLU A 1 62  ? 2.684   -15.239 -4.739  1.00 67.54  ? 324 GLU A OE1 1 
ATOM   496  O OE2 . GLU A 1 62  ? 3.226   -13.369 -5.770  1.00 61.43  ? 324 GLU A OE2 1 
ATOM   497  N N   . LYS A 1 63  ? 0.196   -12.207 -1.186  1.00 34.77  ? 325 LYS A N   1 
ATOM   498  C CA  . LYS A 1 63  ? -1.196  -12.540 -0.809  1.00 34.72  ? 325 LYS A CA  1 
ATOM   499  C C   . LYS A 1 63  ? -1.871  -11.415 0.013   1.00 37.84  ? 325 LYS A C   1 
ATOM   500  O O   . LYS A 1 63  ? -3.098  -11.403 0.157   1.00 37.27  ? 325 LYS A O   1 
ATOM   501  C CB  . LYS A 1 63  ? -1.252  -13.859 -0.016  1.00 36.92  ? 325 LYS A CB  1 
ATOM   502  C CG  . LYS A 1 63  ? -1.058  -15.113 -0.861  1.00 49.29  ? 325 LYS A CG  1 
ATOM   503  C CD  . LYS A 1 63  ? -1.064  -16.366 0.012   1.00 60.31  ? 325 LYS A CD  1 
ATOM   504  C CE  . LYS A 1 63  ? -0.638  -17.599 -0.749  1.00 72.37  ? 325 LYS A CE  1 
ATOM   505  N NZ  . LYS A 1 63  ? -0.786  -18.827 0.074   1.00 79.34  ? 325 LYS A NZ  1 
ATOM   506  N N   . ARG A 1 64  ? -1.062  -10.505 0.580   1.00 33.57  ? 326 ARG A N   1 
ATOM   507  C CA  . ARG A 1 64  ? -1.551  -9.375  1.376   1.00 32.63  ? 326 ARG A CA  1 
ATOM   508  C C   . ARG A 1 64  ? -1.498  -8.057  0.580   1.00 34.68  ? 326 ARG A C   1 
ATOM   509  O O   . ARG A 1 64  ? -1.596  -6.980  1.165   1.00 32.34  ? 326 ARG A O   1 
ATOM   510  C CB  . ARG A 1 64  ? -0.779  -9.275  2.701   1.00 35.67  ? 326 ARG A CB  1 
ATOM   511  C CG  . ARG A 1 64  ? -0.889  -10.510 3.593   1.00 47.84  ? 326 ARG A CG  1 
ATOM   512  C CD  . ARG A 1 64  ? -1.939  -10.390 4.680   1.00 63.33  ? 326 ARG A CD  1 
ATOM   513  N NE  . ARG A 1 64  ? -1.625  -11.288 5.794   1.00 77.01  ? 326 ARG A NE  1 
ATOM   514  C CZ  . ARG A 1 64  ? -0.989  -10.923 6.905   1.00 91.10  ? 326 ARG A CZ  1 
ATOM   515  N NH1 . ARG A 1 64  ? -0.725  -11.817 7.848   1.00 79.76  ? 326 ARG A NH1 1 
ATOM   516  N NH2 . ARG A 1 64  ? -0.619  -9.659  7.083   1.00 74.73  ? 326 ARG A NH2 1 
ATOM   517  N N   . VAL A 1 65  ? -1.374  -8.145  -0.765  1.00 32.29  ? 327 VAL A N   1 
ATOM   518  C CA  . VAL A 1 65  ? -1.336  -6.985  -1.664  1.00 31.84  ? 327 VAL A CA  1 
ATOM   519  C C   . VAL A 1 65  ? -2.452  -7.118  -2.723  1.00 37.60  ? 327 VAL A C   1 
ATOM   520  O O   . VAL A 1 65  ? -2.596  -8.193  -3.316  1.00 37.87  ? 327 VAL A O   1 
ATOM   521  C CB  . VAL A 1 65  ? 0.072   -6.808  -2.324  1.00 34.30  ? 327 VAL A CB  1 
ATOM   522  C CG1 . VAL A 1 65  ? 0.111   -5.618  -3.263  1.00 33.92  ? 327 VAL A CG1 1 
ATOM   523  C CG2 . VAL A 1 65  ? 1.178   -6.677  -1.277  1.00 33.70  ? 327 VAL A CG2 1 
ATOM   524  N N   . ARG A 1 66  ? -3.223  -6.035  -2.973  1.00 33.46  ? 328 ARG A N   1 
ATOM   525  C CA  . ARG A 1 66  ? -4.277  -6.022  -4.016  1.00 33.01  ? 328 ARG A CA  1 
ATOM   526  C C   . ARG A 1 66  ? -4.145  -4.757  -4.839  1.00 35.98  ? 328 ARG A C   1 
ATOM   527  O O   . ARG A 1 66  ? -3.813  -3.723  -4.273  1.00 33.94  ? 328 ARG A O   1 
ATOM   528  C CB  . ARG A 1 66  ? -5.701  -6.038  -3.404  1.00 32.51  ? 328 ARG A CB  1 
ATOM   529  C CG  . ARG A 1 66  ? -6.036  -7.236  -2.507  1.00 39.91  ? 328 ARG A CG  1 
ATOM   530  C CD  . ARG A 1 66  ? -6.327  -8.530  -3.253  1.00 44.09  ? 328 ARG A CD  1 
ATOM   531  N NE  . ARG A 1 66  ? -6.692  -9.593  -2.313  1.00 46.56  ? 328 ARG A NE  1 
ATOM   532  C CZ  . ARG A 1 66  ? -5.824  -10.400 -1.710  1.00 62.41  ? 328 ARG A CZ  1 
ATOM   533  N NH1 . ARG A 1 66  ? -6.250  -11.326 -0.860  1.00 53.02  ? 328 ARG A NH1 1 
ATOM   534  N NH2 . ARG A 1 66  ? -4.523  -10.288 -1.951  1.00 47.68  ? 328 ARG A NH2 1 
ATOM   535  N N   . GLU A 1 67  ? -4.481  -4.801  -6.142  1.00 32.22  ? 329 GLU A N   1 
ATOM   536  C CA  . GLU A 1 67  ? -4.487  -3.597  -6.981  1.00 32.34  ? 329 GLU A CA  1 
ATOM   537  C C   . GLU A 1 67  ? -5.466  -2.551  -6.393  1.00 34.57  ? 329 GLU A C   1 
ATOM   538  O O   . GLU A 1 67  ? -6.558  -2.905  -5.932  1.00 34.41  ? 329 GLU A O   1 
ATOM   539  C CB  . GLU A 1 67  ? -4.870  -3.942  -8.437  1.00 33.48  ? 329 GLU A CB  1 
ATOM   540  C CG  . GLU A 1 67  ? -4.953  -2.734  -9.361  1.00 44.25  ? 329 GLU A CG  1 
ATOM   541  C CD  . GLU A 1 67  ? -5.546  -2.969  -10.739 1.00 65.87  ? 329 GLU A CD  1 
ATOM   542  O OE1 . GLU A 1 67  ? -5.734  -1.974  -11.475 1.00 60.08  ? 329 GLU A OE1 1 
ATOM   543  O OE2 . GLU A 1 67  ? -5.814  -4.142  -11.089 1.00 56.66  ? 329 GLU A OE2 1 
ATOM   544  N N   . TYR A 1 68  ? -5.029  -1.291  -6.313  1.00 30.71  ? 330 TYR A N   1 
ATOM   545  C CA  . TYR A 1 68  ? -5.872  -0.216  -5.806  1.00 29.88  ? 330 TYR A CA  1 
ATOM   546  C C   . TYR A 1 68  ? -6.642  0.371   -6.999  1.00 35.74  ? 330 TYR A C   1 
ATOM   547  O O   . TYR A 1 68  ? -6.055  1.041   -7.841  1.00 33.98  ? 330 TYR A O   1 
ATOM   548  C CB  . TYR A 1 68  ? -5.045  0.865   -5.086  1.00 29.23  ? 330 TYR A CB  1 
ATOM   549  C CG  . TYR A 1 68  ? -5.870  1.959   -4.445  1.00 28.76  ? 330 TYR A CG  1 
ATOM   550  C CD1 . TYR A 1 68  ? -6.285  3.070   -5.179  1.00 30.94  ? 330 TYR A CD1 1 
ATOM   551  C CD2 . TYR A 1 68  ? -6.178  1.925   -3.089  1.00 28.59  ? 330 TYR A CD2 1 
ATOM   552  C CE1 . TYR A 1 68  ? -7.007  4.104   -4.584  1.00 30.22  ? 330 TYR A CE1 1 
ATOM   553  C CE2 . TYR A 1 68  ? -6.881  2.962   -2.480  1.00 29.26  ? 330 TYR A CE2 1 
ATOM   554  C CZ  . TYR A 1 68  ? -7.309  4.043   -3.235  1.00 32.97  ? 330 TYR A CZ  1 
ATOM   555  O OH  . TYR A 1 68  ? -8.011  5.059   -2.636  1.00 31.15  ? 330 TYR A OH  1 
ATOM   556  N N   . LYS A 1 69  ? -7.950  0.110   -7.062  1.00 34.28  ? 331 LYS A N   1 
ATOM   557  C CA  . LYS A 1 69  ? -8.808  0.608   -8.150  1.00 34.51  ? 331 LYS A CA  1 
ATOM   558  C C   . LYS A 1 69  ? -9.546  1.877   -7.724  1.00 38.36  ? 331 LYS A C   1 
ATOM   559  O O   . LYS A 1 69  ? -9.948  2.664   -8.569  1.00 40.06  ? 331 LYS A O   1 
ATOM   560  C CB  . LYS A 1 69  ? -9.802  -0.479  -8.592  1.00 36.91  ? 331 LYS A CB  1 
ATOM   561  C CG  . LYS A 1 69  ? -9.140  -1.686  -9.252  1.00 55.00  ? 331 LYS A CG  1 
ATOM   562  C CD  . LYS A 1 69  ? -10.054 -2.911  -9.218  1.00 65.57  ? 331 LYS A CD  1 
ATOM   563  C CE  . LYS A 1 69  ? -9.464  -4.106  -9.930  1.00 77.17  ? 331 LYS A CE  1 
ATOM   564  N NZ  . LYS A 1 69  ? -9.476  -3.937  -11.411 1.00 89.98  ? 331 LYS A NZ  1 
ATOM   565  N N   . GLY A 1 70  ? -9.695  2.071   -6.422  1.00 34.10  ? 332 GLY A N   1 
ATOM   566  C CA  . GLY A 1 70  ? -10.371 3.228   -5.848  1.00 32.91  ? 332 GLY A CA  1 
ATOM   567  C C   . GLY A 1 70  ? -10.726 3.006   -4.401  1.00 35.32  ? 332 GLY A C   1 
ATOM   568  O O   . GLY A 1 70  ? -10.806 1.857   -3.976  1.00 35.19  ? 332 GLY A O   1 
ATOM   569  N N   . HIS A 1 71  ? -10.949 4.094   -3.629  1.00 32.52  ? 333 HIS A N   1 
ATOM   570  C CA  . HIS A 1 71  ? -11.280 4.010   -2.207  1.00 33.63  ? 333 HIS A CA  1 
ATOM   571  C C   . HIS A 1 71  ? -12.531 3.168   -1.890  1.00 39.28  ? 333 HIS A C   1 
ATOM   572  O O   . HIS A 1 71  ? -12.578 2.547   -0.830  1.00 38.15  ? 333 HIS A O   1 
ATOM   573  C CB  . HIS A 1 71  ? -11.390 5.404   -1.566  1.00 35.44  ? 333 HIS A CB  1 
ATOM   574  C CG  . HIS A 1 71  ? -12.630 6.181   -1.919  1.00 39.82  ? 333 HIS A CG  1 
ATOM   575  N ND1 . HIS A 1 71  ? -12.751 6.843   -3.136  1.00 42.46  ? 333 HIS A ND1 1 
ATOM   576  C CD2 . HIS A 1 71  ? -13.741 6.413   -1.185  1.00 42.15  ? 333 HIS A CD2 1 
ATOM   577  C CE1 . HIS A 1 71  ? -13.936 7.437   -3.108  1.00 41.81  ? 333 HIS A CE1 1 
ATOM   578  N NE2 . HIS A 1 71  ? -14.564 7.219   -1.950  1.00 42.19  ? 333 HIS A NE2 1 
ATOM   579  N N   . LYS A 1 72  ? -13.533 3.151   -2.799  1.00 38.18  ? 334 LYS A N   1 
ATOM   580  C CA  . LYS A 1 72  ? -14.798 2.411   -2.617  1.00 38.69  ? 334 LYS A CA  1 
ATOM   581  C C   . LYS A 1 72  ? -14.628 0.885   -2.677  1.00 41.01  ? 334 LYS A C   1 
ATOM   582  O O   . LYS A 1 72  ? -15.540 0.141   -2.293  1.00 40.94  ? 334 LYS A O   1 
ATOM   583  C CB  . LYS A 1 72  ? -15.873 2.900   -3.611  1.00 41.45  ? 334 LYS A CB  1 
ATOM   584  C CG  . LYS A 1 72  ? -16.373 4.313   -3.323  1.00 53.68  ? 334 LYS A CG  1 
ATOM   585  C CD  . LYS A 1 72  ? -17.383 4.764   -4.378  1.00 67.34  ? 334 LYS A CD  1 
ATOM   586  C CE  . LYS A 1 72  ? -18.144 6.010   -3.986  1.00 78.65  ? 334 LYS A CE  1 
ATOM   587  N NZ  . LYS A 1 72  ? -17.319 7.243   -4.094  1.00 90.28  ? 334 LYS A NZ  1 
ATOM   588  N N   . GLN A 1 73  ? -13.444 0.421   -3.118  1.00 35.28  ? 335 GLN A N   1 
ATOM   589  C CA  . GLN A 1 73  ? -13.065 -0.996  -3.170  1.00 33.98  ? 335 GLN A CA  1 
ATOM   590  C C   . GLN A 1 73  ? -12.886 -1.585  -1.738  1.00 36.27  ? 335 GLN A C   1 
ATOM   591  O O   . GLN A 1 73  ? -12.853 -2.802  -1.587  1.00 35.42  ? 335 GLN A O   1 
ATOM   592  C CB  . GLN A 1 73  ? -11.769 -1.133  -3.992  1.00 34.77  ? 335 GLN A CB  1 
ATOM   593  C CG  . GLN A 1 73  ? -11.304 -2.537  -4.351  1.00 43.18  ? 335 GLN A CG  1 
ATOM   594  C CD  . GLN A 1 73  ? -9.889  -2.527  -4.891  1.00 50.18  ? 335 GLN A CD  1 
ATOM   595  O OE1 . GLN A 1 73  ? -9.307  -1.474  -5.191  1.00 38.38  ? 335 GLN A OE1 1 
ATOM   596  N NE2 . GLN A 1 73  ? -9.285  -3.703  -4.989  1.00 44.22  ? 335 GLN A NE2 1 
ATOM   597  N N   . TYR A 1 74  ? -12.758 -0.734  -0.706  1.00 33.09  ? 336 TYR A N   1 
ATOM   598  C CA  . TYR A 1 74  ? -12.527 -1.185  0.678   1.00 33.19  ? 336 TYR A CA  1 
ATOM   599  C C   . TYR A 1 74  ? -13.541 -2.271  1.144   1.00 38.06  ? 336 TYR A C   1 
ATOM   600  O O   . TYR A 1 74  ? -13.119 -3.323  1.639   1.00 36.75  ? 336 TYR A O   1 
ATOM   601  C CB  . TYR A 1 74  ? -12.457 0.008   1.654   1.00 33.74  ? 336 TYR A CB  1 
ATOM   602  C CG  . TYR A 1 74  ? -12.062 -0.398  3.056   1.00 34.62  ? 336 TYR A CG  1 
ATOM   603  C CD1 . TYR A 1 74  ? -10.733 -0.676  3.375   1.00 35.25  ? 336 TYR A CD1 1 
ATOM   604  C CD2 . TYR A 1 74  ? -13.012 -0.490  4.071   1.00 35.35  ? 336 TYR A CD2 1 
ATOM   605  C CE1 . TYR A 1 74  ? -10.367 -1.086  4.652   1.00 33.57  ? 336 TYR A CE1 1 
ATOM   606  C CE2 . TYR A 1 74  ? -12.653 -0.877  5.363   1.00 36.06  ? 336 TYR A CE2 1 
ATOM   607  C CZ  . TYR A 1 74  ? -11.331 -1.195  5.641   1.00 41.50  ? 336 TYR A CZ  1 
ATOM   608  O OH  . TYR A 1 74  ? -10.963 -1.591  6.900   1.00 39.90  ? 336 TYR A OH  1 
ATOM   609  N N   . GLU A 1 75  ? -14.850 -2.050  0.895   1.00 37.21  ? 337 GLU A N   1 
ATOM   610  C CA  . GLU A 1 75  ? -15.949 -2.990  1.210   1.00 37.92  ? 337 GLU A CA  1 
ATOM   611  C C   . GLU A 1 75  ? -15.706 -4.377  0.596   1.00 42.04  ? 337 GLU A C   1 
ATOM   612  O O   . GLU A 1 75  ? -15.919 -5.396  1.272   1.00 41.67  ? 337 GLU A O   1 
ATOM   613  C CB  . GLU A 1 75  ? -17.277 -2.467  0.654   1.00 39.65  ? 337 GLU A CB  1 
ATOM   614  C CG  . GLU A 1 75  ? -17.842 -1.246  1.349   1.00 55.14  ? 337 GLU A CG  1 
ATOM   615  C CD  . GLU A 1 75  ? -19.297 -0.978  0.999   1.00 79.69  ? 337 GLU A CD  1 
ATOM   616  O OE1 . GLU A 1 75  ? -19.743 -1.399  -0.095  1.00 57.30  ? 337 GLU A OE1 1 
ATOM   617  O OE2 . GLU A 1 75  ? -19.994 -0.353  1.830   1.00 82.74  ? 337 GLU A OE2 1 
ATOM   618  N N   . GLU A 1 76  ? -15.274 -4.405  -0.688  1.00 37.58  ? 338 GLU A N   1 
ATOM   619  C CA  . GLU A 1 76  ? -14.966 -5.633  -1.429  1.00 38.15  ? 338 GLU A CA  1 
ATOM   620  C C   . GLU A 1 76  ? -13.842 -6.422  -0.754  1.00 42.66  ? 338 GLU A C   1 
ATOM   621  O O   . GLU A 1 76  ? -13.903 -7.657  -0.701  1.00 41.22  ? 338 GLU A O   1 
ATOM   622  C CB  . GLU A 1 76  ? -14.568 -5.318  -2.878  1.00 39.86  ? 338 GLU A CB  1 
ATOM   623  C CG  . GLU A 1 76  ? -15.658 -4.645  -3.697  1.00 51.30  ? 338 GLU A CG  1 
ATOM   624  C CD  . GLU A 1 76  ? -15.201 -4.067  -5.025  1.00 78.55  ? 338 GLU A CD  1 
ATOM   625  O OE1 . GLU A 1 76  ? -14.349 -4.692  -5.698  1.00 71.82  ? 338 GLU A OE1 1 
ATOM   626  O OE2 . GLU A 1 76  ? -15.717 -2.989  -5.401  1.00 77.23  ? 338 GLU A OE2 1 
ATOM   627  N N   . LEU A 1 77  ? -12.819 -5.703  -0.222  1.00 38.54  ? 339 LEU A N   1 
ATOM   628  C CA  . LEU A 1 77  ? -11.690 -6.325  0.475   1.00 38.30  ? 339 LEU A CA  1 
ATOM   629  C C   . LEU A 1 77  ? -12.145 -6.985  1.760   1.00 43.80  ? 339 LEU A C   1 
ATOM   630  O O   . LEU A 1 77  ? -11.718 -8.105  2.035   1.00 44.00  ? 339 LEU A O   1 
ATOM   631  C CB  . LEU A 1 77  ? -10.560 -5.316  0.758   1.00 37.56  ? 339 LEU A CB  1 
ATOM   632  C CG  . LEU A 1 77  ? -9.954  -4.628  -0.470  1.00 41.65  ? 339 LEU A CG  1 
ATOM   633  C CD1 . LEU A 1 77  ? -9.118  -3.460  -0.063  1.00 41.26  ? 339 LEU A CD1 1 
ATOM   634  C CD2 . LEU A 1 77  ? -9.128  -5.591  -1.307  1.00 44.55  ? 339 LEU A CD2 1 
ATOM   635  N N   . LEU A 1 78  ? -13.021 -6.316  2.536   1.00 42.19  ? 340 LEU A N   1 
ATOM   636  C CA  . LEU A 1 78  ? -13.568 -6.886  3.776   1.00 43.26  ? 340 LEU A CA  1 
ATOM   637  C C   . LEU A 1 78  ? -14.402 -8.135  3.448   1.00 50.28  ? 340 LEU A C   1 
ATOM   638  O O   . LEU A 1 78  ? -14.329 -9.127  4.177   1.00 50.16  ? 340 LEU A O   1 
ATOM   639  C CB  . LEU A 1 78  ? -14.433 -5.872  4.538   1.00 43.35  ? 340 LEU A CB  1 
ATOM   640  C CG  . LEU A 1 78  ? -13.758 -4.624  5.117   1.00 47.79  ? 340 LEU A CG  1 
ATOM   641  C CD1 . LEU A 1 78  ? -14.797 -3.618  5.541   1.00 47.77  ? 340 LEU A CD1 1 
ATOM   642  C CD2 . LEU A 1 78  ? -12.841 -4.966  6.286   1.00 49.33  ? 340 LEU A CD2 1 
ATOM   643  N N   . ALA A 1 79  ? -15.139 -8.094  2.312   1.00 47.89  ? 341 ALA A N   1 
ATOM   644  C CA  . ALA A 1 79  ? -15.994 -9.180  1.821   1.00 48.31  ? 341 ALA A CA  1 
ATOM   645  C C   . ALA A 1 79  ? -15.222 -10.438 1.415   1.00 53.62  ? 341 ALA A C   1 
ATOM   646  O O   . ALA A 1 79  ? -15.807 -11.522 1.401   1.00 54.41  ? 341 ALA A O   1 
ATOM   647  C CB  . ALA A 1 79  ? -16.860 -8.688  0.666   1.00 48.99  ? 341 ALA A CB  1 
ATOM   648  N N   . GLU A 1 80  ? -13.917 -10.308 1.110   1.00 51.00  ? 342 GLU A N   1 
ATOM   649  C CA  . GLU A 1 80  ? -13.050 -11.439 0.739   1.00 51.93  ? 342 GLU A CA  1 
ATOM   650  C C   . GLU A 1 80  ? -12.885 -12.425 1.917   1.00 58.66  ? 342 GLU A C   1 
ATOM   651  O O   . GLU A 1 80  ? -12.695 -13.623 1.696   1.00 58.07  ? 342 GLU A O   1 
ATOM   652  C CB  . GLU A 1 80  ? -11.674 -10.949 0.253   1.00 53.35  ? 342 GLU A CB  1 
ATOM   653  C CG  . GLU A 1 80  ? -11.702 -10.245 -1.095  1.00 62.79  ? 342 GLU A CG  1 
ATOM   654  C CD  . GLU A 1 80  ? -10.392 -9.671  -1.606  1.00 81.05  ? 342 GLU A CD  1 
ATOM   655  O OE1 . GLU A 1 80  ? -9.319  -10.047 -1.082  1.00 64.01  ? 342 GLU A OE1 1 
ATOM   656  O OE2 . GLU A 1 80  ? -10.441 -8.866  -2.565  1.00 78.33  ? 342 GLU A OE2 1 
ATOM   657  N N   . ALA A 1 81  ? -12.979 -11.902 3.158   1.00 57.45  ? 343 ALA A N   1 
ATOM   658  C CA  . ALA A 1 81  ? -12.887 -12.642 4.422   1.00 58.46  ? 343 ALA A CA  1 
ATOM   659  C C   . ALA A 1 81  ? -14.221 -13.334 4.761   1.00 64.43  ? 343 ALA A C   1 
ATOM   660  O O   . ALA A 1 81  ? -14.222 -14.325 5.498   1.00 64.49  ? 343 ALA A O   1 
ATOM   661  C CB  . ALA A 1 81  ? -12.492 -11.692 5.547   1.00 59.21  ? 343 ALA A CB  1 
ATOM   662  N N   . THR A 1 82  ? -15.347 -12.799 4.208   1.00 61.63  ? 344 THR A N   1 
ATOM   663  C CA  . THR A 1 82  ? -16.744 -13.235 4.343   1.00 82.42  ? 344 THR A CA  1 
ATOM   664  C C   . THR A 1 82  ? -17.207 -13.130 5.790   1.00 124.76 ? 344 THR A C   1 
ATOM   665  O O   . THR A 1 82  ? -17.487 -12.027 6.254   1.00 93.38  ? 344 THR A O   1 
ATOM   666  C CB  . THR A 1 82  ? -16.999 -14.620 3.712   1.00 89.66  ? 344 THR A CB  1 
ATOM   667  O OG1 . THR A 1 82  ? -16.216 -14.763 2.523   1.00 88.49  ? 344 THR A OG1 1 
ATOM   668  C CG2 . THR A 1 82  ? -18.470 -14.853 3.388   1.00 88.22  ? 344 THR A CG2 1 
ATOM   669  N N   . LYS A 1 93  ? -24.659 -10.243 10.105  1.00 50.17  ? 355 LYS A N   1 
ATOM   670  C CA  . LYS A 1 93  ? -23.496 -9.563  9.518   1.00 50.00  ? 355 LYS A CA  1 
ATOM   671  C C   . LYS A 1 93  ? -22.631 -8.900  10.591  1.00 52.15  ? 355 LYS A C   1 
ATOM   672  O O   . LYS A 1 93  ? -23.135 -8.134  11.407  1.00 50.64  ? 355 LYS A O   1 
ATOM   673  C CB  . LYS A 1 93  ? -23.923 -8.520  8.472   1.00 53.50  ? 355 LYS A CB  1 
ATOM   674  C CG  . LYS A 1 93  ? -24.438 -9.101  7.163   1.00 73.20  ? 355 LYS A CG  1 
ATOM   675  C CD  . LYS A 1 93  ? -24.887 -7.983  6.231   1.00 85.72  ? 355 LYS A CD  1 
ATOM   676  C CE  . LYS A 1 93  ? -25.684 -8.488  5.058   1.00 96.86  ? 355 LYS A CE  1 
ATOM   677  N NZ  . LYS A 1 93  ? -26.361 -7.375  4.345   1.00 105.85 ? 355 LYS A NZ  1 
ATOM   678  N N   . ILE A 1 94  ? -21.323 -9.181  10.569  1.00 49.05  ? 356 ILE A N   1 
ATOM   679  C CA  . ILE A 1 94  ? -20.369 -8.674  11.554  1.00 48.32  ? 356 ILE A CA  1 
ATOM   680  C C   . ILE A 1 94  ? -19.392 -7.696  10.907  1.00 53.04  ? 356 ILE A C   1 
ATOM   681  O O   . ILE A 1 94  ? -18.867 -7.962  9.828   1.00 52.69  ? 356 ILE A O   1 
ATOM   682  C CB  . ILE A 1 94  ? -19.630 -9.844  12.285  1.00 50.74  ? 356 ILE A CB  1 
ATOM   683  C CG1 . ILE A 1 94  ? -20.607 -10.834 12.953  1.00 50.69  ? 356 ILE A CG1 1 
ATOM   684  C CG2 . ILE A 1 94  ? -18.632 -9.313  13.294  1.00 50.17  ? 356 ILE A CG2 1 
ATOM   685  C CD1 . ILE A 1 94  ? -19.991 -12.242 13.357  1.00 54.07  ? 356 ILE A CD1 1 
ATOM   686  N N   . ARG A 1 95  ? -19.135 -6.580  11.592  1.00 50.40  ? 357 ARG A N   1 
ATOM   687  C CA  . ARG A 1 95  ? -18.213 -5.549  11.148  1.00 50.21  ? 357 ARG A CA  1 
ATOM   688  C C   . ARG A 1 95  ? -17.321 -5.140  12.312  1.00 51.56  ? 357 ARG A C   1 
ATOM   689  O O   . ARG A 1 95  ? -17.814 -4.861  13.407  1.00 49.67  ? 357 ARG A O   1 
ATOM   690  C CB  . ARG A 1 95  ? -19.004 -4.343  10.591  1.00 53.44  ? 357 ARG A CB  1 
ATOM   691  C CG  . ARG A 1 95  ? -18.152 -3.275  9.915   1.00 70.31  ? 357 ARG A CG  1 
ATOM   692  C CD  . ARG A 1 95  ? -18.970 -2.324  9.045   1.00 86.91  ? 357 ARG A CD  1 
ATOM   693  N NE  . ARG A 1 95  ? -19.987 -1.577  9.795   1.00 98.77  ? 357 ARG A NE  1 
ATOM   694  C CZ  . ARG A 1 95  ? -19.767 -0.433  10.439  1.00 116.51 ? 357 ARG A CZ  1 
ATOM   695  N NH1 . ARG A 1 95  ? -18.555 0.108   10.454  1.00 104.92 ? 357 ARG A NH1 1 
ATOM   696  N NH2 . ARG A 1 95  ? -20.757 0.171   11.083  1.00 105.57 ? 357 ARG A NH2 1 
ATOM   697  N N   . LYS A 1 96  ? -16.006 -5.119  12.079  1.00 47.26  ? 358 LYS A N   1 
ATOM   698  C CA  . LYS A 1 96  ? -15.051 -4.687  13.082  1.00 47.35  ? 358 LYS A CA  1 
ATOM   699  C C   . LYS A 1 96  ? -15.085 -3.162  13.151  1.00 55.46  ? 358 LYS A C   1 
ATOM   700  O O   . LYS A 1 96  ? -15.138 -2.517  12.100  1.00 56.03  ? 358 LYS A O   1 
ATOM   701  C CB  . LYS A 1 96  ? -13.630 -5.136  12.721  1.00 48.97  ? 358 LYS A CB  1 
ATOM   702  C CG  . LYS A 1 96  ? -13.363 -6.626  12.888  1.00 44.76  ? 358 LYS A CG  1 
ATOM   703  C CD  . LYS A 1 96  ? -11.868 -6.871  13.021  1.00 46.53  ? 358 LYS A CD  1 
ATOM   704  C CE  . LYS A 1 96  ? -11.270 -7.607  11.854  1.00 45.46  ? 358 LYS A CE  1 
ATOM   705  N NZ  . LYS A 1 96  ? -9.787  -7.661  11.951  1.00 44.02  ? 358 LYS A NZ  1 
ATOM   706  N N   . PRO A 1 97  ? -15.055 -2.539  14.349  1.00 53.62  ? 359 PRO A N   1 
ATOM   707  C CA  . PRO A 1 97  ? -14.985 -1.071  14.384  1.00 54.61  ? 359 PRO A CA  1 
ATOM   708  C C   . PRO A 1 97  ? -13.529 -0.637  14.155  1.00 60.81  ? 359 PRO A C   1 
ATOM   709  O O   . PRO A 1 97  ? -12.628 -1.479  14.185  1.00 59.59  ? 359 PRO A O   1 
ATOM   710  C CB  . PRO A 1 97  ? -15.447 -0.741  15.808  1.00 56.11  ? 359 PRO A CB  1 
ATOM   711  C CG  . PRO A 1 97  ? -15.001 -1.911  16.617  1.00 59.64  ? 359 PRO A CG  1 
ATOM   712  C CD  . PRO A 1 97  ? -14.978 -3.117  15.709  1.00 54.83  ? 359 PRO A CD  1 
ATOM   713  N N   . ARG A 1 98  ? -13.280 0.659   13.955  1.00 60.38  ? 360 ARG A N   1 
ATOM   714  C CA  . ARG A 1 98  ? -11.889 1.093   13.812  1.00 61.17  ? 360 ARG A CA  1 
ATOM   715  C C   . ARG A 1 98  ? -11.593 2.354   14.633  1.00 66.33  ? 360 ARG A C   1 
ATOM   716  O O   . ARG A 1 98  ? -12.438 3.256   14.680  1.00 66.04  ? 360 ARG A O   1 
ATOM   717  C CB  . ARG A 1 98  ? -11.409 1.219   12.350  1.00 62.11  ? 360 ARG A CB  1 
ATOM   718  C CG  . ARG A 1 98  ? -12.420 1.612   11.279  1.00 71.94  ? 360 ARG A CG  1 
ATOM   719  C CD  . ARG A 1 98  ? -11.633 1.854   10.003  1.00 79.54  ? 360 ARG A CD  1 
ATOM   720  N NE  . ARG A 1 98  ? -12.455 1.945   8.795   1.00 78.54  ? 360 ARG A NE  1 
ATOM   721  C CZ  . ARG A 1 98  ? -11.959 2.178   7.583   1.00 80.03  ? 360 ARG A CZ  1 
ATOM   722  N NH1 . ARG A 1 98  ? -12.764 2.249   6.533   1.00 62.22  ? 360 ARG A NH1 1 
ATOM   723  N NH2 . ARG A 1 98  ? -10.655 2.343   7.413   1.00 59.68  ? 360 ARG A NH2 1 
ATOM   724  N N   . PRO A 1 99  ? -10.415 2.404   15.319  1.00 63.63  ? 361 PRO A N   1 
ATOM   725  C CA  . PRO A 1 99  ? -10.092 3.585   16.145  1.00 63.97  ? 361 PRO A CA  1 
ATOM   726  C C   . PRO A 1 99  ? -10.020 4.885   15.354  1.00 68.64  ? 361 PRO A C   1 
ATOM   727  O O   . PRO A 1 99  ? -9.543  4.894   14.212  1.00 67.83  ? 361 PRO A O   1 
ATOM   728  C CB  . PRO A 1 99  ? -8.739  3.239   16.784  1.00 65.59  ? 361 PRO A CB  1 
ATOM   729  C CG  . PRO A 1 99  ? -8.199  2.116   16.001  1.00 69.74  ? 361 PRO A CG  1 
ATOM   730  C CD  . PRO A 1 99  ? -9.342  1.388   15.384  1.00 65.17  ? 361 PRO A CD  1 
ATOM   731  N N   . GLN A 1 100 ? -10.524 5.976   15.975  1.00 65.31  ? 362 GLN A N   1 
ATOM   732  C CA  . GLN A 1 100 ? -10.592 7.334   15.430  1.00 65.00  ? 362 GLN A CA  1 
ATOM   733  C C   . GLN A 1 100 ? -9.254  7.848   14.898  1.00 65.68  ? 362 GLN A C   1 
ATOM   734  O O   . GLN A 1 100 ? -9.230  8.436   13.817  1.00 65.52  ? 362 GLN A O   1 
ATOM   735  C CB  . GLN A 1 100 ? -11.177 8.312   16.467  1.00 66.86  ? 362 GLN A CB  1 
ATOM   736  C CG  . GLN A 1 100 ? -12.708 8.400   16.446  1.00 92.93  ? 362 GLN A CG  1 
ATOM   737  C CD  . GLN A 1 100 ? -13.390 7.317   17.252  1.00 119.11 ? 362 GLN A CD  1 
ATOM   738  O OE1 . GLN A 1 100 ? -13.239 7.222   18.477  1.00 114.67 ? 362 GLN A OE1 1 
ATOM   739  N NE2 . GLN A 1 100 ? -14.201 6.506   16.587  1.00 114.13 ? 362 GLN A NE2 1 
ATOM   740  N N   . ARG A 1 101 ? -8.154  7.604   15.641  1.00 59.45  ? 363 ARG A N   1 
ATOM   741  C CA  . ARG A 1 101 ? -6.793  8.014   15.281  1.00 58.58  ? 363 ARG A CA  1 
ATOM   742  C C   . ARG A 1 101 ? -6.328  7.311   14.009  1.00 59.22  ? 363 ARG A C   1 
ATOM   743  O O   . ARG A 1 101 ? -5.784  7.965   13.117  1.00 59.53  ? 363 ARG A O   1 
ATOM   744  C CB  . ARG A 1 101 ? -5.813  7.736   16.432  1.00 60.21  ? 363 ARG A CB  1 
ATOM   745  C CG  . ARG A 1 101 ? -5.923  8.723   17.587  1.00 78.26  ? 363 ARG A CG  1 
ATOM   746  C CD  . ARG A 1 101 ? -5.096  8.295   18.784  1.00 95.51  ? 363 ARG A CD  1 
ATOM   747  N NE  . ARG A 1 101 ? -5.295  9.192   19.926  1.00 109.64 ? 363 ARG A NE  1 
ATOM   748  C CZ  . ARG A 1 101 ? -4.730  9.034   21.119  1.00 125.61 ? 363 ARG A CZ  1 
ATOM   749  N NH1 . ARG A 1 101 ? -3.917  8.008   21.348  1.00 112.12 ? 363 ARG A NH1 1 
ATOM   750  N NH2 . ARG A 1 101 ? -4.972  9.899   22.095  1.00 113.81 ? 363 ARG A NH2 1 
ATOM   751  N N   . GLU A 1 102 ? -6.569  5.984   13.928  1.00 52.24  ? 364 GLU A N   1 
ATOM   752  C CA  . GLU A 1 102 ? -6.241  5.115   12.794  1.00 50.34  ? 364 GLU A CA  1 
ATOM   753  C C   . GLU A 1 102 ? -7.076  5.504   11.568  1.00 50.66  ? 364 GLU A C   1 
ATOM   754  O O   . GLU A 1 102 ? -6.511  5.670   10.479  1.00 48.28  ? 364 GLU A O   1 
ATOM   755  C CB  . GLU A 1 102 ? -6.473  3.640   13.171  1.00 51.43  ? 364 GLU A CB  1 
ATOM   756  C CG  . GLU A 1 102 ? -5.908  2.636   12.179  1.00 58.75  ? 364 GLU A CG  1 
ATOM   757  C CD  . GLU A 1 102 ? -6.069  1.203   12.645  1.00 71.87  ? 364 GLU A CD  1 
ATOM   758  O OE1 . GLU A 1 102 ? -5.101  0.653   13.217  1.00 69.64  ? 364 GLU A OE1 1 
ATOM   759  O OE2 . GLU A 1 102 ? -7.185  0.654   12.498  1.00 56.67  ? 364 GLU A OE2 1 
ATOM   760  N N   . ARG A 1 103 ? -8.407  5.691   11.763  1.00 45.71  ? 365 ARG A N   1 
ATOM   761  C CA  . ARG A 1 103 ? -9.350  6.106   10.721  1.00 45.24  ? 365 ARG A CA  1 
ATOM   762  C C   . ARG A 1 103 ? -8.914  7.446   10.099  1.00 48.21  ? 365 ARG A C   1 
ATOM   763  O O   . ARG A 1 103 ? -9.012  7.592   8.879   1.00 46.93  ? 365 ARG A O   1 
ATOM   764  C CB  . ARG A 1 103 ? -10.796 6.166   11.270  1.00 46.86  ? 365 ARG A CB  1 
ATOM   765  C CG  . ARG A 1 103 ? -11.874 6.632   10.280  1.00 58.16  ? 365 ARG A CG  1 
ATOM   766  C CD  . ARG A 1 103 ? -12.180 5.587   9.226   1.00 69.45  ? 365 ARG A CD  1 
ATOM   767  N NE  . ARG A 1 103 ? -12.515 6.180   7.932   1.00 71.50  ? 365 ARG A NE  1 
ATOM   768  C CZ  . ARG A 1 103 ? -13.725 6.146   7.386   1.00 84.04  ? 365 ARG A CZ  1 
ATOM   769  N NH1 . ARG A 1 103 ? -13.939 6.697   6.199   1.00 66.02  ? 365 ARG A NH1 1 
ATOM   770  N NH2 . ARG A 1 103 ? -14.732 5.558   8.020   1.00 74.27  ? 365 ARG A NH2 1 
ATOM   771  N N   . ALA A 1 104 ? -8.393  8.385   10.933  1.00 44.44  ? 366 ALA A N   1 
ATOM   772  C CA  . ALA A 1 104 ? -7.904  9.711   10.519  1.00 44.00  ? 366 ALA A CA  1 
ATOM   773  C C   . ALA A 1 104 ? -6.653  9.627   9.636   1.00 44.97  ? 366 ALA A C   1 
ATOM   774  O O   . ALA A 1 104 ? -6.585  10.346  8.639   1.00 44.41  ? 366 ALA A O   1 
ATOM   775  C CB  . ALA A 1 104 ? -7.629  10.583  11.737  1.00 45.09  ? 366 ALA A CB  1 
ATOM   776  N N   . GLN A 1 105 ? -5.662  8.769   10.003  1.00 39.28  ? 367 GLN A N   1 
ATOM   777  C CA  . GLN A 1 105 ? -4.444  8.565   9.193   1.00 37.99  ? 367 GLN A CA  1 
ATOM   778  C C   . GLN A 1 105 ? -4.845  7.897   7.878   1.00 37.71  ? 367 GLN A C   1 
ATOM   779  O O   . GLN A 1 105 ? -4.282  8.233   6.840   1.00 35.86  ? 367 GLN A O   1 
ATOM   780  C CB  . GLN A 1 105 ? -3.411  7.661   9.897   1.00 39.03  ? 367 GLN A CB  1 
ATOM   781  C CG  . GLN A 1 105 ? -2.688  8.266   11.092  1.00 51.32  ? 367 GLN A CG  1 
ATOM   782  C CD  . GLN A 1 105 ? -1.542  7.380   11.538  1.00 63.43  ? 367 GLN A CD  1 
ATOM   783  O OE1 . GLN A 1 105 ? -1.739  6.260   12.012  1.00 61.57  ? 367 GLN A OE1 1 
ATOM   784  N NE2 . GLN A 1 105 ? -0.315  7.859   11.403  1.00 45.75  ? 367 GLN A NE2 1 
ATOM   785  N N   . TRP A 1 106 ? -5.827  6.950   7.934   1.00 33.36  ? 368 TRP A N   1 
ATOM   786  C CA  . TRP A 1 106 ? -6.326  6.198   6.786   1.00 32.71  ? 368 TRP A CA  1 
ATOM   787  C C   . TRP A 1 106 ? -7.012  7.139   5.803   1.00 36.78  ? 368 TRP A C   1 
ATOM   788  O O   . TRP A 1 106 ? -6.757  7.058   4.596   1.00 34.05  ? 368 TRP A O   1 
ATOM   789  C CB  . TRP A 1 106 ? -7.238  5.034   7.251   1.00 31.45  ? 368 TRP A CB  1 
ATOM   790  C CG  . TRP A 1 106 ? -7.682  4.084   6.176   1.00 31.63  ? 368 TRP A CG  1 
ATOM   791  C CD1 . TRP A 1 106 ? -7.088  2.900   5.827   1.00 34.04  ? 368 TRP A CD1 1 
ATOM   792  C CD2 . TRP A 1 106 ? -8.869  4.188   5.377   1.00 31.37  ? 368 TRP A CD2 1 
ATOM   793  N NE1 . TRP A 1 106 ? -7.819  2.280   4.841   1.00 32.74  ? 368 TRP A NE1 1 
ATOM   794  C CE2 . TRP A 1 106 ? -8.915  3.050   4.542   1.00 34.24  ? 368 TRP A CE2 1 
ATOM   795  C CE3 . TRP A 1 106 ? -9.929  5.114   5.318   1.00 32.77  ? 368 TRP A CE3 1 
ATOM   796  C CZ2 . TRP A 1 106 ? -9.975  2.814   3.656   1.00 34.20  ? 368 TRP A CZ2 1 
ATOM   797  C CZ3 . TRP A 1 106 ? -10.935 4.921   4.385   1.00 34.13  ? 368 TRP A CZ3 1 
ATOM   798  C CH2 . TRP A 1 106 ? -10.974 3.767   3.589   1.00 34.87  ? 368 TRP A CH2 1 
ATOM   799  N N   . ASP A 1 107 ? -7.816  8.100   6.332   1.00 34.20  ? 369 ASP A N   1 
ATOM   800  C CA  . ASP A 1 107 ? -8.479  9.116   5.513   1.00 34.14  ? 369 ASP A CA  1 
ATOM   801  C C   . ASP A 1 107 ? -7.469  9.994   4.791   1.00 36.02  ? 369 ASP A C   1 
ATOM   802  O O   . ASP A 1 107 ? -7.692  10.305  3.624   1.00 36.36  ? 369 ASP A O   1 
ATOM   803  C CB  . ASP A 1 107 ? -9.457  9.966   6.349   1.00 36.03  ? 369 ASP A CB  1 
ATOM   804  C CG  . ASP A 1 107 ? -10.707 9.225   6.810   1.00 47.78  ? 369 ASP A CG  1 
ATOM   805  O OD1 . ASP A 1 107 ? -11.107 8.244   6.134   1.00 46.13  ? 369 ASP A OD1 1 
ATOM   806  O OD2 . ASP A 1 107 ? -11.310 9.654   7.818   1.00 56.40  ? 369 ASP A OD2 1 
ATOM   807  N N   . ILE A 1 108 ? -6.359  10.363  5.462   1.00 33.35  ? 370 ILE A N   1 
ATOM   808  C CA  . ILE A 1 108 ? -5.264  11.157  4.862   1.00 33.44  ? 370 ILE A CA  1 
ATOM   809  C C   . ILE A 1 108 ? -4.612  10.298  3.730   1.00 34.41  ? 370 ILE A C   1 
ATOM   810  O O   . ILE A 1 108 ? -4.380  10.799  2.627   1.00 31.78  ? 370 ILE A O   1 
ATOM   811  C CB  . ILE A 1 108 ? -4.224  11.617  5.932   1.00 37.66  ? 370 ILE A CB  1 
ATOM   812  C CG1 . ILE A 1 108 ? -4.844  12.613  6.952   1.00 39.12  ? 370 ILE A CG1 1 
ATOM   813  C CG2 . ILE A 1 108 ? -2.976  12.246  5.277   1.00 38.84  ? 370 ILE A CG2 1 
ATOM   814  C CD1 . ILE A 1 108 ? -4.057  12.763  8.307   1.00 44.96  ? 370 ILE A CD1 1 
ATOM   815  N N   . GLY A 1 109 ? -4.342  9.024   4.029   1.00 30.24  ? 371 GLY A N   1 
ATOM   816  C CA  . GLY A 1 109 ? -3.753  8.094   3.066   1.00 28.40  ? 371 GLY A CA  1 
ATOM   817  C C   . GLY A 1 109 ? -4.603  7.936   1.823   1.00 30.63  ? 371 GLY A C   1 
ATOM   818  O O   . GLY A 1 109 ? -4.101  7.999   0.695   1.00 29.25  ? 371 GLY A O   1 
ATOM   819  N N   . ILE A 1 110 ? -5.920  7.757   2.026   1.00 28.12  ? 372 ILE A N   1 
ATOM   820  C CA  . ILE A 1 110 ? -6.886  7.626   0.946   1.00 27.05  ? 372 ILE A CA  1 
ATOM   821  C C   . ILE A 1 110 ? -6.933  8.881   0.097   1.00 30.24  ? 372 ILE A C   1 
ATOM   822  O O   . ILE A 1 110 ? -6.969  8.764   -1.122  1.00 28.07  ? 372 ILE A O   1 
ATOM   823  C CB  . ILE A 1 110 ? -8.276  7.187   1.480   1.00 29.87  ? 372 ILE A CB  1 
ATOM   824  C CG1 . ILE A 1 110 ? -8.246  5.693   1.941   1.00 29.39  ? 372 ILE A CG1 1 
ATOM   825  C CG2 . ILE A 1 110 ? -9.382  7.473   0.465   1.00 30.13  ? 372 ILE A CG2 1 
ATOM   826  C CD1 . ILE A 1 110 ? -8.055  4.600   0.855   1.00 29.99  ? 372 ILE A CD1 1 
ATOM   827  N N   . ALA A 1 111 ? -6.897  10.068  0.737   1.00 29.79  ? 373 ALA A N   1 
ATOM   828  C CA  . ALA A 1 111 ? -6.882  11.363  0.048   1.00 30.17  ? 373 ALA A CA  1 
ATOM   829  C C   . ALA A 1 111 ? -5.676  11.444  -0.918  1.00 31.27  ? 373 ALA A C   1 
ATOM   830  O O   . ALA A 1 111 ? -5.828  11.853  -2.065  1.00 29.79  ? 373 ALA A O   1 
ATOM   831  C CB  . ALA A 1 111 ? -6.825  12.500  1.073   1.00 31.28  ? 373 ALA A CB  1 
ATOM   832  N N   . HIS A 1 112 ? -4.492  11.016  -0.460  1.00 28.13  ? 374 HIS A N   1 
ATOM   833  C CA  . HIS A 1 112 ? -3.282  11.016  -1.279  1.00 27.04  ? 374 HIS A CA  1 
ATOM   834  C C   . HIS A 1 112 ? -3.403  9.986   -2.389  1.00 29.37  ? 374 HIS A C   1 
ATOM   835  O O   . HIS A 1 112 ? -3.044  10.279  -3.522  1.00 27.57  ? 374 HIS A O   1 
ATOM   836  C CB  . HIS A 1 112 ? -2.061  10.698  -0.420  1.00 27.32  ? 374 HIS A CB  1 
ATOM   837  C CG  . HIS A 1 112 ? -1.593  11.826  0.442   1.00 29.84  ? 374 HIS A CG  1 
ATOM   838  N ND1 . HIS A 1 112 ? -1.047  12.962  -0.106  1.00 31.92  ? 374 HIS A ND1 1 
ATOM   839  C CD2 . HIS A 1 112 ? -1.473  11.890  1.786   1.00 32.02  ? 374 HIS A CD2 1 
ATOM   840  C CE1 . HIS A 1 112 ? -0.670  13.717  0.915   1.00 31.56  ? 374 HIS A CE1 1 
ATOM   841  N NE2 . HIS A 1 112 ? -0.908  13.115  2.075   1.00 32.03  ? 374 HIS A NE2 1 
ATOM   842  N N   . ALA A 1 113 ? -3.954  8.792   -2.069  1.00 27.65  ? 375 ALA A N   1 
ATOM   843  C CA  . ALA A 1 113 ? -4.123  7.702   -3.036  1.00 27.21  ? 375 ALA A CA  1 
ATOM   844  C C   . ALA A 1 113 ? -5.071  8.105   -4.162  1.00 31.64  ? 375 ALA A C   1 
ATOM   845  O O   . ALA A 1 113 ? -4.833  7.756   -5.322  1.00 30.33  ? 375 ALA A O   1 
ATOM   846  C CB  . ALA A 1 113 ? -4.650  6.460   -2.337  1.00 27.54  ? 375 ALA A CB  1 
ATOM   847  N N   . GLU A 1 114 ? -6.146  8.834   -3.810  1.00 30.43  ? 376 GLU A N   1 
ATOM   848  C CA  . GLU A 1 114 ? -7.140  9.297   -4.787  1.00 31.37  ? 376 GLU A CA  1 
ATOM   849  C C   . GLU A 1 114 ? -6.550  10.315  -5.765  1.00 36.08  ? 376 GLU A C   1 
ATOM   850  O O   . GLU A 1 114 ? -6.839  10.264  -6.959  1.00 36.28  ? 376 GLU A O   1 
ATOM   851  C CB  . GLU A 1 114 ? -8.395  9.822   -4.079  1.00 32.14  ? 376 GLU A CB  1 
ATOM   852  C CG  . GLU A 1 114 ? -9.266  8.703   -3.512  1.00 38.61  ? 376 GLU A CG  1 
ATOM   853  C CD  . GLU A 1 114 ? -9.775  7.694   -4.525  1.00 50.59  ? 376 GLU A CD  1 
ATOM   854  O OE1 . GLU A 1 114 ? -10.346 8.117   -5.556  1.00 44.42  ? 376 GLU A OE1 1 
ATOM   855  O OE2 . GLU A 1 114 ? -9.562  6.478   -4.312  1.00 40.17  ? 376 GLU A OE2 1 
ATOM   856  N N   . LYS A 1 115 ? -5.686  11.200  -5.269  1.00 32.25  ? 377 LYS A N   1 
ATOM   857  C CA  . LYS A 1 115 ? -4.957  12.167  -6.099  1.00 31.34  ? 377 LYS A CA  1 
ATOM   858  C C   . LYS A 1 115 ? -3.931  11.397  -6.973  1.00 34.01  ? 377 LYS A C   1 
ATOM   859  O O   . LYS A 1 115 ? -3.795  11.687  -8.155  1.00 33.34  ? 377 LYS A O   1 
ATOM   860  C CB  . LYS A 1 115 ? -4.244  13.174  -5.182  1.00 34.63  ? 377 LYS A CB  1 
ATOM   861  C CG  . LYS A 1 115 ? -3.744  14.427  -5.889  1.00 58.22  ? 377 LYS A CG  1 
ATOM   862  C CD  . LYS A 1 115 ? -3.099  15.403  -4.913  1.00 68.90  ? 377 LYS A CD  1 
ATOM   863  C CE  . LYS A 1 115 ? -2.339  16.494  -5.628  1.00 82.46  ? 377 LYS A CE  1 
ATOM   864  N NZ  . LYS A 1 115 ? -1.666  17.415  -4.676  1.00 92.68  ? 377 LYS A NZ  1 
ATOM   865  N N   . ALA A 1 116 ? -3.231  10.393  -6.384  1.00 29.84  ? 378 ALA A N   1 
ATOM   866  C CA  . ALA A 1 116 ? -2.228  9.581   -7.089  1.00 28.81  ? 378 ALA A CA  1 
ATOM   867  C C   . ALA A 1 116 ? -2.841  8.799   -8.261  1.00 32.29  ? 378 ALA A C   1 
ATOM   868  O O   . ALA A 1 116 ? -2.222  8.699   -9.314  1.00 31.63  ? 378 ALA A O   1 
ATOM   869  C CB  . ALA A 1 116 ? -1.555  8.627   -6.115  1.00 28.55  ? 378 ALA A CB  1 
ATOM   870  N N   . LEU A 1 117 ? -4.073  8.291   -8.081  1.00 31.71  ? 379 LEU A N   1 
ATOM   871  C CA  . LEU A 1 117 ? -4.827  7.507   -9.068  1.00 32.76  ? 379 LEU A CA  1 
ATOM   872  C C   . LEU A 1 117 ? -5.124  8.322   -10.335 1.00 38.83  ? 379 LEU A C   1 
ATOM   873  O O   . LEU A 1 117 ? -5.115  7.760   -11.431 1.00 38.89  ? 379 LEU A O   1 
ATOM   874  C CB  . LEU A 1 117 ? -6.102  6.976   -8.386  1.00 33.58  ? 379 LEU A CB  1 
ATOM   875  C CG  . LEU A 1 117 ? -7.039  6.002   -9.131  1.00 39.06  ? 379 LEU A CG  1 
ATOM   876  C CD1 . LEU A 1 117 ? -6.349  4.688   -9.463  1.00 39.20  ? 379 LEU A CD1 1 
ATOM   877  C CD2 . LEU A 1 117 ? -8.262  5.718   -8.278  1.00 41.78  ? 379 LEU A CD2 1 
ATOM   878  N N   . LYS A 1 118 ? -5.255  9.655   -10.184 1.00 36.05  ? 380 LYS A N   1 
ATOM   879  C CA  . LYS A 1 118 ? -5.497  10.609  -11.271 1.00 37.07  ? 380 LYS A CA  1 
ATOM   880  C C   . LYS A 1 118 ? -4.210  10.930  -12.065 1.00 43.98  ? 380 LYS A C   1 
ATOM   881  O O   . LYS A 1 118 ? -4.290  11.551  -13.124 1.00 45.33  ? 380 LYS A O   1 
ATOM   882  C CB  . LYS A 1 118 ? -6.110  11.909  -10.716 1.00 39.04  ? 380 LYS A CB  1 
ATOM   883  C CG  . LYS A 1 118 ? -7.553  11.779  -10.226 1.00 40.82  ? 380 LYS A CG  1 
ATOM   884  C CD  . LYS A 1 118 ? -8.030  13.112  -9.667  1.00 49.79  ? 380 LYS A CD  1 
ATOM   885  C CE  . LYS A 1 118 ? -9.303  13.004  -8.865  1.00 67.05  ? 380 LYS A CE  1 
ATOM   886  N NZ  . LYS A 1 118 ? -9.031  12.673  -7.440  1.00 78.11  ? 380 LYS A NZ  1 
ATOM   887  N N   . MET A 1 119 ? -3.036  10.506  -11.558 1.00 39.80  ? 381 MET A N   1 
ATOM   888  C CA  . MET A 1 119 ? -1.741  10.720  -12.210 1.00 39.15  ? 381 MET A CA  1 
ATOM   889  C C   . MET A 1 119 ? -1.321  9.489   -13.016 1.00 41.25  ? 381 MET A C   1 
ATOM   890  O O   . MET A 1 119 ? -1.827  8.392   -12.794 1.00 40.49  ? 381 MET A O   1 
ATOM   891  C CB  . MET A 1 119 ? -0.644  10.983  -11.154 1.00 41.64  ? 381 MET A CB  1 
ATOM   892  C CG  . MET A 1 119 ? -0.919  12.132  -10.230 1.00 45.01  ? 381 MET A CG  1 
ATOM   893  S SD  . MET A 1 119 ? 0.402   12.239  -9.026  1.00 49.18  ? 381 MET A SD  1 
ATOM   894  C CE  . MET A 1 119 ? -0.229  13.489  -7.986  1.00 45.41  ? 381 MET A CE  1 
ATOM   895  N N   . THR A 1 120 ? -0.343  9.655   -13.906 1.00 37.92  ? 382 THR A N   1 
ATOM   896  C CA  . THR A 1 120 ? 0.235   8.520   -14.628 1.00 37.78  ? 382 THR A CA  1 
ATOM   897  C C   . THR A 1 120 ? 1.255   7.924   -13.650 1.00 40.39  ? 382 THR A C   1 
ATOM   898  O O   . THR A 1 120 ? 1.619   8.588   -12.671 1.00 39.41  ? 382 THR A O   1 
ATOM   899  C CB  . THR A 1 120 ? 0.963   8.974   -15.914 1.00 45.30  ? 382 THR A CB  1 
ATOM   900  O OG1 . THR A 1 120 ? 1.954   9.938   -15.559 1.00 41.21  ? 382 THR A OG1 1 
ATOM   901  C CG2 . THR A 1 120 ? 0.012   9.544   -16.971 1.00 46.18  ? 382 THR A CG2 1 
ATOM   902  N N   . ARG A 1 121 ? 1.732   6.705   -13.934 1.00 37.43  ? 383 ARG A N   1 
ATOM   903  C CA  . ARG A 1 121 ? 2.740   6.002   -13.147 1.00 37.87  ? 383 ARG A CA  1 
ATOM   904  C C   . ARG A 1 121 ? 3.992   6.857   -12.982 1.00 41.57  ? 383 ARG A C   1 
ATOM   905  O O   . ARG A 1 121 ? 4.504   6.948   -11.866 1.00 39.74  ? 383 ARG A O   1 
ATOM   906  C CB  . ARG A 1 121 ? 3.076   4.651   -13.796 1.00 39.41  ? 383 ARG A CB  1 
ATOM   907  C CG  . ARG A 1 121 ? 3.700   3.638   -12.855 1.00 44.09  ? 383 ARG A CG  1 
ATOM   908  C CD  . ARG A 1 121 ? 3.762   2.253   -13.477 1.00 53.55  ? 383 ARG A CD  1 
ATOM   909  N NE  . ARG A 1 121 ? 4.603   2.220   -14.679 1.00 63.13  ? 383 ARG A NE  1 
ATOM   910  C CZ  . ARG A 1 121 ? 5.890   1.876   -14.707 1.00 72.40  ? 383 ARG A CZ  1 
ATOM   911  N NH1 . ARG A 1 121 ? 6.558   1.874   -15.856 1.00 56.17  ? 383 ARG A NH1 1 
ATOM   912  N NH2 . ARG A 1 121 ? 6.520   1.523   -13.588 1.00 42.23  ? 383 ARG A NH2 1 
ATOM   913  N N   . GLU A 1 122 ? 4.440   7.540   -14.074 1.00 39.27  ? 384 GLU A N   1 
ATOM   914  C CA  . GLU A 1 122 ? 5.613   8.422   -14.044 1.00 38.47  ? 384 GLU A CA  1 
ATOM   915  C C   . GLU A 1 122 ? 5.403   9.623   -13.140 1.00 38.56  ? 384 GLU A C   1 
ATOM   916  O O   . GLU A 1 122 ? 6.334   9.999   -12.434 1.00 36.13  ? 384 GLU A O   1 
ATOM   917  C CB  . GLU A 1 122 ? 6.036   8.881   -15.456 1.00 40.49  ? 384 GLU A CB  1 
ATOM   918  C CG  . GLU A 1 122 ? 6.714   7.809   -16.283 1.00 54.46  ? 384 GLU A CG  1 
ATOM   919  C CD  . GLU A 1 122 ? 7.765   8.343   -17.237 1.00 87.60  ? 384 GLU A CD  1 
ATOM   920  O OE1 . GLU A 1 122 ? 8.968   8.083   -17.001 1.00 93.90  ? 384 GLU A OE1 1 
ATOM   921  O OE2 . GLU A 1 122 ? 7.391   9.047   -18.204 1.00 81.12  ? 384 GLU A OE2 1 
ATOM   922  N N   . GLU A 1 123 ? 4.189   10.227  -13.142 1.00 35.54  ? 385 GLU A N   1 
ATOM   923  C CA  . GLU A 1 123 ? 3.906   11.381  -12.283 1.00 35.05  ? 385 GLU A CA  1 
ATOM   924  C C   . GLU A 1 123 ? 3.848   10.962  -10.816 1.00 36.48  ? 385 GLU A C   1 
ATOM   925  O O   . GLU A 1 123 ? 4.337   11.697  -9.965  1.00 34.99  ? 385 GLU A O   1 
ATOM   926  C CB  . GLU A 1 123 ? 2.595   12.084  -12.677 1.00 37.02  ? 385 GLU A CB  1 
ATOM   927  C CG  . GLU A 1 123 ? 2.655   12.837  -13.997 1.00 50.33  ? 385 GLU A CG  1 
ATOM   928  C CD  . GLU A 1 123 ? 1.315   13.066  -14.677 1.00 70.01  ? 385 GLU A CD  1 
ATOM   929  O OE1 . GLU A 1 123 ? 1.294   13.786  -15.702 1.00 65.93  ? 385 GLU A OE1 1 
ATOM   930  O OE2 . GLU A 1 123 ? 0.291   12.524  -14.198 1.00 53.63  ? 385 GLU A OE2 1 
ATOM   931  N N   . ARG A 1 124 ? 3.237   9.793   -10.518 1.00 33.32  ? 386 ARG A N   1 
ATOM   932  C CA  . ARG A 1 124 ? 3.166   9.253   -9.151  1.00 32.69  ? 386 ARG A CA  1 
ATOM   933  C C   . ARG A 1 124 ? 4.577   9.055   -8.579  1.00 34.11  ? 386 ARG A C   1 
ATOM   934  O O   . ARG A 1 124 ? 4.827   9.412   -7.433  1.00 33.20  ? 386 ARG A O   1 
ATOM   935  C CB  . ARG A 1 124 ? 2.486   7.880   -9.165  1.00 34.04  ? 386 ARG A CB  1 
ATOM   936  C CG  . ARG A 1 124 ? 1.011   7.927   -9.001  1.00 39.12  ? 386 ARG A CG  1 
ATOM   937  C CD  . ARG A 1 124 ? 0.489   6.528   -9.142  1.00 36.23  ? 386 ARG A CD  1 
ATOM   938  N NE  . ARG A 1 124 ? -0.646  6.524   -10.042 1.00 45.43  ? 386 ARG A NE  1 
ATOM   939  C CZ  . ARG A 1 124 ? -0.890  5.593   -10.946 1.00 57.25  ? 386 ARG A CZ  1 
ATOM   940  N NH1 . ARG A 1 124 ? -0.065  4.561   -11.083 1.00 45.41  ? 386 ARG A NH1 1 
ATOM   941  N NH2 . ARG A 1 124 ? -1.965  5.676   -11.714 1.00 49.36  ? 386 ARG A NH2 1 
ATOM   942  N N   . ILE A 1 125 ? 5.474   8.434   -9.366  1.00 31.10  ? 387 ILE A N   1 
ATOM   943  C CA  . ILE A 1 125 ? 6.859   8.161   -8.941  1.00 30.95  ? 387 ILE A CA  1 
ATOM   944  C C   . ILE A 1 125 ? 7.559   9.485   -8.538  1.00 34.95  ? 387 ILE A C   1 
ATOM   945  O O   . ILE A 1 125 ? 8.085   9.585   -7.435  1.00 33.42  ? 387 ILE A O   1 
ATOM   946  C CB  . ILE A 1 125 ? 7.636   7.298   -9.987  1.00 33.83  ? 387 ILE A CB  1 
ATOM   947  C CG1 . ILE A 1 125 ? 7.010   5.880   -10.105 1.00 33.47  ? 387 ILE A CG1 1 
ATOM   948  C CG2 . ILE A 1 125 ? 9.107   7.162   -9.601  1.00 34.76  ? 387 ILE A CG2 1 
ATOM   949  C CD1 . ILE A 1 125 ? 7.308   5.093   -11.427 1.00 39.10  ? 387 ILE A CD1 1 
ATOM   950  N N   . GLU A 1 126 ? 7.467   10.519  -9.385  1.00 32.90  ? 388 GLU A N   1 
ATOM   951  C CA  . GLU A 1 126 ? 8.028   11.835  -9.090  1.00 33.32  ? 388 GLU A CA  1 
ATOM   952  C C   . GLU A 1 126 ? 7.406   12.460  -7.830  1.00 38.13  ? 388 GLU A C   1 
ATOM   953  O O   . GLU A 1 126 ? 8.136   12.955  -6.966  1.00 38.49  ? 388 GLU A O   1 
ATOM   954  C CB  . GLU A 1 126 ? 7.856   12.762  -10.323 1.00 35.25  ? 388 GLU A CB  1 
ATOM   955  C CG  . GLU A 1 126 ? 8.335   14.206  -10.148 1.00 48.51  ? 388 GLU A CG  1 
ATOM   956  C CD  . GLU A 1 126 ? 9.821   14.443  -9.920  1.00 72.37  ? 388 GLU A CD  1 
ATOM   957  O OE1 . GLU A 1 126 ? 10.160  15.511  -9.362  1.00 69.74  ? 388 GLU A OE1 1 
ATOM   958  O OE2 . GLU A 1 126 ? 10.646  13.580  -10.305 1.00 64.50  ? 388 GLU A OE2 1 
ATOM   959  N N   . GLN A 1 127 ? 6.064   12.434  -7.722  1.00 33.78  ? 389 GLN A N   1 
ATOM   960  C CA  . GLN A 1 127 ? 5.357   13.059  -6.611  1.00 33.57  ? 389 GLN A CA  1 
ATOM   961  C C   . GLN A 1 127 ? 5.523   12.392  -5.250  1.00 37.10  ? 389 GLN A C   1 
ATOM   962  O O   . GLN A 1 127 ? 5.621   13.100  -4.236  1.00 36.75  ? 389 GLN A O   1 
ATOM   963  C CB  . GLN A 1 127 ? 3.853   13.157  -6.928  1.00 35.24  ? 389 GLN A CB  1 
ATOM   964  C CG  . GLN A 1 127 ? 3.503   14.082  -8.085  1.00 61.05  ? 389 GLN A CG  1 
ATOM   965  C CD  . GLN A 1 127 ? 3.637   15.523  -7.703  1.00 74.55  ? 389 GLN A CD  1 
ATOM   966  O OE1 . GLN A 1 127 ? 2.796   16.068  -6.977  1.00 65.84  ? 389 GLN A OE1 1 
ATOM   967  N NE2 . GLN A 1 127 ? 4.718   16.150  -8.163  1.00 64.51  ? 389 GLN A NE2 1 
ATOM   968  N N   . TYR A 1 128 ? 5.522   11.041  -5.212  1.00 31.67  ? 390 TYR A N   1 
ATOM   969  C CA  . TYR A 1 128 ? 5.462   10.312  -3.950  1.00 31.05  ? 390 TYR A CA  1 
ATOM   970  C C   . TYR A 1 128 ? 6.676   9.490   -3.537  1.00 33.16  ? 390 TYR A C   1 
ATOM   971  O O   . TYR A 1 128 ? 6.746   9.149   -2.357  1.00 31.64  ? 390 TYR A O   1 
ATOM   972  C CB  . TYR A 1 128 ? 4.217   9.395   -3.942  1.00 31.97  ? 390 TYR A CB  1 
ATOM   973  C CG  . TYR A 1 128 ? 2.930   10.166  -4.135  1.00 32.76  ? 390 TYR A CG  1 
ATOM   974  C CD1 . TYR A 1 128 ? 2.396   10.944  -3.107  1.00 34.21  ? 390 TYR A CD1 1 
ATOM   975  C CD2 . TYR A 1 128 ? 2.282   10.176  -5.362  1.00 33.69  ? 390 TYR A CD2 1 
ATOM   976  C CE1 . TYR A 1 128 ? 1.244   11.705  -3.299  1.00 33.94  ? 390 TYR A CE1 1 
ATOM   977  C CE2 . TYR A 1 128 ? 1.138   10.942  -5.570  1.00 34.73  ? 390 TYR A CE2 1 
ATOM   978  C CZ  . TYR A 1 128 ? 0.611   11.687  -4.530  1.00 40.43  ? 390 TYR A CZ  1 
ATOM   979  O OH  . TYR A 1 128 ? -0.524  12.416  -4.753  1.00 46.01  ? 390 TYR A OH  1 
ATOM   980  N N   . THR A 1 129 ? 7.629   9.178   -4.434  1.00 29.88  ? 391 THR A N   1 
ATOM   981  C CA  . THR A 1 129 ? 8.773   8.371   -3.975  1.00 30.53  ? 391 THR A CA  1 
ATOM   982  C C   . THR A 1 129 ? 9.505   9.047   -2.815  1.00 33.65  ? 391 THR A C   1 
ATOM   983  O O   . THR A 1 129 ? 9.894   10.209  -2.924  1.00 33.82  ? 391 THR A O   1 
ATOM   984  C CB  . THR A 1 129 ? 9.719   7.969   -5.111  1.00 30.49  ? 391 THR A CB  1 
ATOM   985  O OG1 . THR A 1 129 ? 8.937   7.415   -6.167  1.00 31.25  ? 391 THR A OG1 1 
ATOM   986  C CG2 . THR A 1 129 ? 10.747  6.951   -4.658  1.00 24.84  ? 391 THR A CG2 1 
ATOM   987  N N   . PHE A 1 130 ? 9.635   8.329   -1.695  1.00 28.51  ? 392 PHE A N   1 
ATOM   988  C CA  . PHE A 1 130 ? 10.283  8.852   -0.502  1.00 28.81  ? 392 PHE A CA  1 
ATOM   989  C C   . PHE A 1 130 ? 11.762  9.140   -0.707  1.00 35.39  ? 392 PHE A C   1 
ATOM   990  O O   . PHE A 1 130 ? 12.415  8.492   -1.518  1.00 31.34  ? 392 PHE A O   1 
ATOM   991  C CB  . PHE A 1 130 ? 10.166  7.850   0.657   1.00 29.72  ? 392 PHE A CB  1 
ATOM   992  C CG  . PHE A 1 130 ? 8.789   7.488   1.157   1.00 28.96  ? 392 PHE A CG  1 
ATOM   993  C CD1 . PHE A 1 130 ? 7.755   8.423   1.142   1.00 31.36  ? 392 PHE A CD1 1 
ATOM   994  C CD2 . PHE A 1 130 ? 8.553   6.255   1.755   1.00 29.13  ? 392 PHE A CD2 1 
ATOM   995  C CE1 . PHE A 1 130 ? 6.485   8.096   1.644   1.00 31.14  ? 392 PHE A CE1 1 
ATOM   996  C CE2 . PHE A 1 130 ? 7.294   5.941   2.277   1.00 29.45  ? 392 PHE A CE2 1 
ATOM   997  C CZ  . PHE A 1 130 ? 6.265   6.858   2.199   1.00 28.24  ? 392 PHE A CZ  1 
ATOM   998  N N   . ILE A 1 131 ? 12.278  10.097  0.080   1.00 36.89  ? 393 ILE A N   1 
ATOM   999  C CA  . ILE A 1 131 ? 13.693  10.463  0.173   1.00 38.07  ? 393 ILE A CA  1 
ATOM   1000 C C   . ILE A 1 131 ? 14.174  9.760   1.445   1.00 42.19  ? 393 ILE A C   1 
ATOM   1001 O O   . ILE A 1 131 ? 13.568  9.925   2.507   1.00 43.68  ? 393 ILE A O   1 
ATOM   1002 C CB  . ILE A 1 131 ? 13.887  12.014  0.228   1.00 41.95  ? 393 ILE A CB  1 
ATOM   1003 C CG1 . ILE A 1 131 ? 13.349  12.691  -1.059  1.00 42.99  ? 393 ILE A CG1 1 
ATOM   1004 C CG2 . ILE A 1 131 ? 15.361  12.405  0.489   1.00 43.25  ? 393 ILE A CG2 1 
ATOM   1005 C CD1 . ILE A 1 131 ? 12.808  14.084  -0.849  1.00 54.01  ? 393 ILE A CD1 1 
ATOM   1006 N N   . TYR A 1 132 ? 15.209  8.935   1.323   1.00 39.08  ? 394 TYR A N   1 
ATOM   1007 C CA  . TYR A 1 132 ? 15.778  8.200   2.448   1.00 40.22  ? 394 TYR A CA  1 
ATOM   1008 C C   . TYR A 1 132 ? 17.053  8.908   2.935   1.00 48.40  ? 394 TYR A C   1 
ATOM   1009 O O   . TYR A 1 132 ? 17.872  9.326   2.111   1.00 48.28  ? 394 TYR A O   1 
ATOM   1010 C CB  . TYR A 1 132 ? 16.039  6.723   2.063   1.00 41.02  ? 394 TYR A CB  1 
ATOM   1011 C CG  . TYR A 1 132 ? 14.751  5.959   1.819   1.00 41.51  ? 394 TYR A CG  1 
ATOM   1012 C CD1 . TYR A 1 132 ? 14.077  5.341   2.868   1.00 43.92  ? 394 TYR A CD1 1 
ATOM   1013 C CD2 . TYR A 1 132 ? 14.173  5.913   0.552   1.00 41.17  ? 394 TYR A CD2 1 
ATOM   1014 C CE1 . TYR A 1 132 ? 12.861  4.686   2.662   1.00 44.57  ? 394 TYR A CE1 1 
ATOM   1015 C CE2 . TYR A 1 132 ? 12.965  5.246   0.330   1.00 40.91  ? 394 TYR A CE2 1 
ATOM   1016 C CZ  . TYR A 1 132 ? 12.314  4.633   1.390   1.00 45.62  ? 394 TYR A CZ  1 
ATOM   1017 O OH  . TYR A 1 132 ? 11.114  3.986   1.197   1.00 41.65  ? 394 TYR A OH  1 
ATOM   1018 N N   . ILE A 1 133 ? 17.188  9.073   4.268   1.00 47.27  ? 395 ILE A N   1 
ATOM   1019 C CA  . ILE A 1 133 ? 18.328  9.748   4.912   1.00 48.01  ? 395 ILE A CA  1 
ATOM   1020 C C   . ILE A 1 133 ? 19.048  8.802   5.872   1.00 54.43  ? 395 ILE A C   1 
ATOM   1021 O O   . ILE A 1 133 ? 18.423  8.245   6.779   1.00 55.24  ? 395 ILE A O   1 
ATOM   1022 C CB  . ILE A 1 133 ? 17.895  11.101  5.578   1.00 51.09  ? 395 ILE A CB  1 
ATOM   1023 C CG1 . ILE A 1 133 ? 17.503  12.155  4.521   1.00 51.27  ? 395 ILE A CG1 1 
ATOM   1024 C CG2 . ILE A 1 133 ? 18.970  11.676  6.519   1.00 51.97  ? 395 ILE A CG2 1 
ATOM   1025 C CD1 . ILE A 1 133 ? 16.018  12.403  4.415   1.00 61.57  ? 395 ILE A CD1 1 
ATOM   1026 N N   . ASP A 1 134 ? 20.365  8.627   5.669   1.00 52.31  ? 396 ASP A N   1 
ATOM   1027 C CA  . ASP A 1 134 ? 21.223  7.780   6.508   1.00 87.35  ? 396 ASP A CA  1 
ATOM   1028 C C   . ASP A 1 134 ? 21.621  8.525   7.790   1.00 111.22 ? 396 ASP A C   1 
ATOM   1029 O O   . ASP A 1 134 ? 21.111  8.234   8.873   1.00 70.85  ? 396 ASP A O   1 
ATOM   1030 C CB  . ASP A 1 134 ? 22.484  7.348   5.739   1.00 89.26  ? 396 ASP A CB  1 
ATOM   1031 C CG  . ASP A 1 134 ? 22.207  6.808   4.352   1.00 100.47 ? 396 ASP A CG  1 
ATOM   1032 O OD1 . ASP A 1 134 ? 22.079  5.573   4.213   1.00 101.27 ? 396 ASP A OD1 1 
ATOM   1033 O OD2 . ASP A 1 134 ? 22.097  7.622   3.408   1.00 106.53 ? 396 ASP A OD2 1 
HETATM 1034 N N1  . EHH B 2 .   ? 0.342   0.052   8.411   1.00 29.95  ? 401 EHH A N1  1 
HETATM 1035 C C5  . EHH B 2 .   ? 0.899   -1.147  8.696   1.00 31.18  ? 401 EHH A C5  1 
HETATM 1036 C C6  . EHH B 2 .   ? -0.932  0.263   7.726   1.00 28.84  ? 401 EHH A C6  1 
HETATM 1037 C C7  . EHH B 2 .   ? 1.062   2.484   8.701   1.00 32.77  ? 401 EHH A C7  1 
HETATM 1038 C C8  . EHH B 2 .   ? 3.595   0.764   10.003  1.00 35.04  ? 401 EHH A C8  1 
HETATM 1039 C C10 . EHH B 2 .   ? 1.821   4.664   8.090   1.00 34.91  ? 401 EHH A C10 1 
HETATM 1040 C C13 . EHH B 2 .   ? -0.088  3.087   9.204   1.00 32.88  ? 401 EHH A C13 1 
HETATM 1041 C C15 . EHH B 2 .   ? 4.797   1.908   11.753  1.00 38.07  ? 401 EHH A C15 1 
HETATM 1042 C C17 . EHH B 2 .   ? 6.005   0.779   10.038  1.00 38.45  ? 401 EHH A C17 1 
HETATM 1043 C C20 . EHH B 2 .   ? 4.912   -0.439  8.157   1.00 36.26  ? 401 EHH A C20 1 
HETATM 1044 C C21 . EHH B 2 .   ? 7.306   1.940   11.857  1.00 42.57  ? 401 EHH A C21 1 
HETATM 1045 C C12 . EHH B 2 .   ? -0.220  4.459   9.097   1.00 34.32  ? 401 EHH A C12 1 
HETATM 1046 C C14 . EHH B 2 .   ? 3.581   1.533   11.191  1.00 36.31  ? 401 EHH A C14 1 
HETATM 1047 C C16 . EHH B 2 .   ? 6.014   1.537   11.202  1.00 38.98  ? 401 EHH A C16 1 
HETATM 1048 C C18 . EHH B 2 .   ? 4.822   0.370   9.426   1.00 36.35  ? 401 EHH A C18 1 
HETATM 1049 C C19 . EHH B 2 .   ? 2.317   1.998   11.864  1.00 35.79  ? 401 EHH A C19 1 
HETATM 1050 C C2  . EHH B 2 .   ? 1.278   1.026   8.825   1.00 30.33  ? 401 EHH A C2  1 
HETATM 1051 C C3  . EHH B 2 .   ? 2.315   0.312   9.393   1.00 32.07  ? 401 EHH A C3  1 
HETATM 1052 C C9  . EHH B 2 .   ? 2.052   3.303   8.165   1.00 34.21  ? 401 EHH A C9  1 
HETATM 1053 N N11 . EHH B 2 .   ? 0.709   5.254   8.552   1.00 35.40  ? 401 EHH A N11 1 
HETATM 1054 N N22 . EHH B 2 .   ? 7.766   0.940   12.854  1.00 44.97  1 401 EHH A N22 1 
HETATM 1055 N N4  . EHH B 2 .   ? 2.051   -1.050  9.317   1.00 31.21  ? 401 EHH A N4  1 
HETATM 1056 O O   . HOH C 3 .   ? -7.719  13.607  -2.682  1.00 41.36  ? 501 HOH A O   1 
HETATM 1057 O O   . HOH C 3 .   ? 13.828  -9.363  -7.238  1.00 47.50  ? 502 HOH A O   1 
HETATM 1058 O O   . HOH C 3 .   ? 12.200  3.967   -3.330  1.00 31.15  ? 503 HOH A O   1 
HETATM 1059 O O   . HOH C 3 .   ? -1.163  13.922  -2.626  1.00 51.97  ? 504 HOH A O   1 
HETATM 1060 O O   . HOH C 3 .   ? 10.336  3.958   -1.372  1.00 27.00  ? 505 HOH A O   1 
HETATM 1061 O O   . HOH C 3 .   ? -9.333  9.350   -7.716  1.00 39.84  ? 506 HOH A O   1 
HETATM 1062 O O   . HOH C 3 .   ? -14.047 3.366   1.283   1.00 48.33  ? 507 HOH A O   1 
HETATM 1063 O O   . HOH C 3 .   ? 14.932  -12.601 -3.121  1.00 50.20  ? 508 HOH A O   1 
HETATM 1064 O O   . HOH C 3 .   ? 4.307   -16.525 -2.991  1.00 67.30  ? 509 HOH A O   1 
HETATM 1065 O O   . HOH C 3 .   ? -0.257  -2.412  15.876  1.00 60.39  ? 510 HOH A O   1 
HETATM 1066 O O   . HOH C 3 .   ? 9.181   2.177   7.551   1.00 33.59  ? 511 HOH A O   1 
HETATM 1067 O O   . HOH C 3 .   ? -21.316 1.467   0.310   1.00 61.01  ? 512 HOH A O   1 
HETATM 1068 O O   . HOH C 3 .   ? 8.416   8.546   9.011   1.00 61.81  ? 513 HOH A O   1 
HETATM 1069 O O   . HOH C 3 .   ? -12.730 -1.368  8.951   1.00 50.66  ? 514 HOH A O   1 
HETATM 1070 O O   . HOH C 3 .   ? 15.860  -1.018  3.055   1.00 45.43  ? 515 HOH A O   1 
HETATM 1071 O O   . HOH C 3 .   ? -11.688 8.310   3.475   1.00 49.99  ? 516 HOH A O   1 
HETATM 1072 O O   . HOH C 3 .   ? -18.400 -2.932  -4.934  1.00 52.19  ? 517 HOH A O   1 
HETATM 1073 O O   . HOH C 3 .   ? 0.701   4.988   13.290  1.00 65.50  ? 518 HOH A O   1 
HETATM 1074 O O   . HOH C 3 .   ? 4.781   -6.498  6.038   1.00 43.84  ? 519 HOH A O   1 
HETATM 1075 O O   . HOH C 3 .   ? 3.482   10.823  -17.647 1.00 53.08  ? 520 HOH A O   1 
HETATM 1076 O O   . HOH C 3 .   ? -5.160  1.329   -10.409 1.00 60.74  ? 521 HOH A O   1 
HETATM 1077 O O   . HOH C 3 .   ? 11.925  11.141  -4.499  1.00 46.14  ? 522 HOH A O   1 
HETATM 1078 O O   . HOH C 3 .   ? -14.791 -3.069  9.441   1.00 50.03  ? 523 HOH A O   1 
HETATM 1079 O O   . HOH C 3 .   ? -2.052  -1.158  -9.429  1.00 40.50  ? 524 HOH A O   1 
HETATM 1080 O O   . HOH C 3 .   ? 8.538   4.714   -6.410  1.00 39.35  ? 525 HOH A O   1 
HETATM 1081 O O   . HOH C 3 .   ? -10.111 -8.855  4.127   1.00 58.05  ? 526 HOH A O   1 
HETATM 1082 O O   . HOH C 3 .   ? -12.041 6.417   -6.905  1.00 41.34  ? 527 HOH A O   1 
HETATM 1083 O O   . HOH C 3 .   ? 3.189   8.628   3.295   1.00 28.36  ? 528 HOH A O   1 
HETATM 1084 O O   . HOH C 3 .   ? -2.424  -2.604  6.469   1.00 26.76  ? 529 HOH A O   1 
HETATM 1085 O O   . HOH C 3 .   ? 15.341  -13.815 0.382   1.00 45.47  ? 530 HOH A O   1 
HETATM 1086 O O   . HOH C 3 .   ? 23.187  8.112   10.702  1.00 67.41  ? 531 HOH A O   1 
HETATM 1087 O O   . HOH C 3 .   ? 8.243   -2.041  7.805   1.00 45.96  ? 532 HOH A O   1 
HETATM 1088 O O   . HOH C 3 .   ? -14.748 3.199   4.813   1.00 68.76  ? 533 HOH A O   1 
HETATM 1089 O O   . HOH C 3 .   ? 10.441  4.042   10.466  1.00 48.13  ? 534 HOH A O   1 
HETATM 1090 O O   . HOH C 3 .   ? 14.282  -3.979  4.883   1.00 61.39  ? 535 HOH A O   1 
HETATM 1091 O O   . HOH C 3 .   ? 9.124   -1.540  -11.772 1.00 38.85  ? 536 HOH A O   1 
HETATM 1092 O O   . HOH C 3 .   ? -11.853 10.425  -5.057  1.00 56.33  ? 537 HOH A O   1 
HETATM 1093 O O   . HOH C 3 .   ? 11.372  -9.228  4.018   1.00 57.35  ? 538 HOH A O   1 
HETATM 1094 O O   . HOH C 3 .   ? -15.071 -5.821  9.526   1.00 42.72  ? 539 HOH A O   1 
HETATM 1095 O O   . HOH C 3 .   ? 15.760  0.398   -8.434  1.00 48.88  ? 540 HOH A O   1 
HETATM 1096 O O   . HOH C 3 .   ? 3.583   -9.741  4.591   1.00 37.77  ? 541 HOH A O   1 
HETATM 1097 O O   . HOH C 3 .   ? -5.094  -7.391  -7.120  1.00 39.91  ? 542 HOH A O   1 
HETATM 1098 O O   . HOH C 3 .   ? 4.898   13.253  -1.480  1.00 43.54  ? 543 HOH A O   1 
HETATM 1099 O O   . HOH C 3 .   ? 12.690  -5.163  -8.715  1.00 53.29  ? 544 HOH A O   1 
HETATM 1100 O O   . HOH C 3 .   ? -1.585  1.406   -10.279 1.00 33.04  ? 545 HOH A O   1 
HETATM 1101 O O   . HOH C 3 .   ? -9.402  -3.963  6.455   1.00 35.84  ? 546 HOH A O   1 
HETATM 1102 O O   . HOH C 3 .   ? 3.907   -2.973  10.376  1.00 53.94  ? 547 HOH A O   1 
HETATM 1103 O O   . HOH C 3 .   ? 15.852  -9.644  1.644   1.00 69.33  ? 548 HOH A O   1 
HETATM 1104 O O   . HOH C 3 .   ? 13.872  8.986   -3.953  1.00 46.46  ? 549 HOH A O   1 
HETATM 1105 O O   . HOH C 3 .   ? 11.155  3.520   -6.128  1.00 31.89  ? 550 HOH A O   1 
HETATM 1106 O O   . HOH C 3 .   ? 9.792   -12.222 5.223   1.00 58.55  ? 551 HOH A O   1 
HETATM 1107 O O   . HOH C 3 .   ? 1.704   -8.713  8.536   1.00 48.33  ? 552 HOH A O   1 
HETATM 1108 O O   . HOH C 3 .   ? 5.325   10.786  -0.418  1.00 33.63  ? 553 HOH A O   1 
HETATM 1109 O O   . HOH C 3 .   ? 9.360   -4.762  5.962   1.00 41.15  ? 554 HOH A O   1 
HETATM 1110 O O   . HOH C 3 .   ? -3.578  14.373  -9.303  1.00 58.36  ? 555 HOH A O   1 
HETATM 1111 O O   . HOH C 3 .   ? 16.658  8.635   -1.210  1.00 58.73  ? 556 HOH A O   1 
HETATM 1112 O O   . HOH C 3 .   ? -13.549 4.425   -5.447  1.00 41.52  ? 557 HOH A O   1 
HETATM 1113 O O   . HOH C 3 .   ? 12.023  2.312   7.004   1.00 52.16  ? 558 HOH A O   1 
HETATM 1114 O O   . HOH C 3 .   ? 16.098  -4.333  2.867   1.00 66.11  ? 559 HOH A O   1 
HETATM 1115 O O   . HOH C 3 .   ? 3.385   6.921   -0.741  1.00 28.35  ? 560 HOH A O   1 
HETATM 1116 O O   . HOH C 3 .   ? 2.997   -18.462 0.907   1.00 51.03  ? 561 HOH A O   1 
HETATM 1117 O O   . HOH C 3 .   ? 0.835   -4.293  13.376  1.00 45.17  ? 562 HOH A O   1 
HETATM 1118 O O   . HOH C 3 .   ? -15.480 0.003   -6.250  1.00 55.10  ? 563 HOH A O   1 
HETATM 1119 O O   . HOH C 3 .   ? 22.716  -3.666  -2.742  1.00 64.97  ? 564 HOH A O   1 
HETATM 1120 O O   . HOH C 3 .   ? -3.100  -9.471  -6.145  1.00 60.29  ? 565 HOH A O   1 
HETATM 1121 O O   . HOH C 3 .   ? 1.827   11.700  0.462   1.00 43.93  ? 566 HOH A O   1 
HETATM 1122 O O   . HOH C 3 .   ? 12.627  -12.604 3.890   1.00 52.51  ? 567 HOH A O   1 
HETATM 1123 O O   . HOH C 3 .   ? 10.153  14.563  -13.390 1.00 57.18  ? 568 HOH A O   1 
HETATM 1124 O O   . HOH C 3 .   ? 5.935   -16.528 3.510   1.00 79.02  ? 569 HOH A O   1 
HETATM 1125 O O   . HOH C 3 .   ? 3.568   6.269   -17.032 1.00 45.33  ? 570 HOH A O   1 
HETATM 1126 O O   . HOH C 3 .   ? 1.231   10.132  13.449  1.00 61.50  ? 571 HOH A O   1 
HETATM 1127 O O   . HOH C 3 .   ? -20.496 8.243   -3.208  1.00 53.60  ? 572 HOH A O   1 
HETATM 1128 O O   . HOH C 3 .   ? 4.393   -1.194  -15.267 1.00 72.50  ? 573 HOH A O   1 
HETATM 1129 O O   . HOH C 3 .   ? 12.759  -12.046 -7.267  1.00 58.38  ? 574 HOH A O   1 
HETATM 1130 O O   . HOH C 3 .   ? 6.445   -16.206 -7.512  1.00 55.62  ? 575 HOH A O   1 
HETATM 1131 O O   . HOH C 3 .   ? 9.698   -0.079  8.979   1.00 64.63  ? 576 HOH A O   1 
HETATM 1132 O O   . HOH C 3 .   ? -19.091 1.931   -1.703  1.00 50.99  ? 577 HOH A O   1 
HETATM 1133 O O   . HOH C 3 .   ? 9.155   11.890  -14.181 1.00 57.67  ? 578 HOH A O   1 
HETATM 1134 O O   . HOH C 3 .   ? 3.595   8.355   -18.812 1.00 47.45  ? 579 HOH A O   1 
HETATM 1135 O O   . HOH C 3 .   ? -9.880  -6.402  7.753   1.00 55.02  ? 580 HOH A O   1 
HETATM 1136 O O   . HOH C 3 .   ? 24.035  10.908  7.507   1.00 53.64  ? 581 HOH A O   1 
HETATM 1137 O O   . HOH C 3 .   ? 3.335   9.291   0.652   1.00 33.75  ? 582 HOH A O   1 
HETATM 1138 O O   . HOH C 3 .   ? 21.489  -6.834  -2.934  1.00 57.70  ? 583 HOH A O   1 
HETATM 1139 O O   . HOH C 3 .   ? 16.649  6.124   -2.243  1.00 64.60  ? 584 HOH A O   1 
# 
